data_7SVE
#
_entry.id   7SVE
#
_cell.length_a   84.561
_cell.length_b   92.953
_cell.length_c   87.057
_cell.angle_alpha   90.000
_cell.angle_beta   107.220
_cell.angle_gamma   90.000
#
_symmetry.space_group_name_H-M   'P 1 21 1'
#
loop_
_entity.id
_entity.type
_entity.pdbx_description
1 polymer 'Choloylglycine hydrolase'
2 water water
#
_entity_poly.entity_id   1
_entity_poly.type   'polypeptide(L)'
_entity_poly.pdbx_seq_one_letter_code
;MCTSIIFSPKDHYFGRNLDLEITFGQQVVITPRNYTFKFRKMPSLKKHYAMIGISLDMDDYPLYFDATNEKGLGMAGLNY
PGNATYYEEKENKDNIASFEFIPWILGQCSTISEVKDLLSRINIADLNFSEKMQASSLHWLIADKTGTSLVVETDKDGMH
IYDNPVGCLTNNPQFPKQLFNLNNYADVSPKMPKNNFSDKVNMAGYSRGLGSHNLPGGMDSESRFVRVAFNKFNAPIAET
EEENIDTYFHILHSVEQQKGLDEVGPNSFEYTIYSDGTNLDKGIFYYTTYSNKQINVVDMNKEDLDSSNLITYDMLDKTK
FNHQNHHHHHH
;
_entity_poly.pdbx_strand_id   A,B,C,D
#
# COMPACT_ATOMS: atom_id res chain seq x y z
N CYS A 2 3.58 -11.76 -18.65
CA CYS A 2 2.91 -11.36 -19.90
C CYS A 2 1.72 -10.48 -19.60
N THR A 3 1.50 -9.49 -20.46
CA THR A 3 0.35 -8.60 -20.39
C THR A 3 -0.25 -8.49 -21.78
N SER A 4 -1.56 -8.66 -21.90
CA SER A 4 -2.20 -8.49 -23.19
C SER A 4 -3.41 -7.57 -23.04
N ILE A 5 -3.62 -6.71 -24.03
CA ILE A 5 -4.71 -5.74 -24.01
C ILE A 5 -5.35 -5.63 -25.39
N ILE A 6 -6.57 -5.09 -25.42
CA ILE A 6 -7.07 -4.40 -26.60
C ILE A 6 -7.29 -2.94 -26.23
N PHE A 7 -6.89 -2.05 -27.15
CA PHE A 7 -6.92 -0.61 -26.96
C PHE A 7 -7.67 -0.02 -28.14
N SER A 8 -8.73 0.74 -27.86
CA SER A 8 -9.73 1.10 -28.87
C SER A 8 -9.95 2.61 -28.96
N PRO A 9 -8.90 3.39 -29.28
CA PRO A 9 -9.12 4.84 -29.39
C PRO A 9 -9.97 5.25 -30.59
N LYS A 10 -9.72 4.66 -31.76
CA LYS A 10 -10.48 4.94 -32.97
C LYS A 10 -10.48 3.64 -33.77
N ASP A 11 -9.34 3.28 -34.34
CA ASP A 11 -9.10 1.89 -34.71
C ASP A 11 -8.85 1.07 -33.44
N HIS A 12 -8.68 -0.24 -33.63
CA HIS A 12 -8.59 -1.16 -32.51
C HIS A 12 -7.26 -1.90 -32.58
N TYR A 13 -6.53 -1.93 -31.47
CA TYR A 13 -5.17 -2.41 -31.43
C TYR A 13 -5.04 -3.53 -30.41
N PHE A 14 -4.54 -4.67 -30.85
CA PHE A 14 -4.46 -5.85 -29.99
C PHE A 14 -3.05 -6.41 -29.98
N GLY A 15 -2.57 -6.77 -28.79
CA GLY A 15 -1.26 -7.40 -28.68
C GLY A 15 -0.86 -7.62 -27.23
N ARG A 16 0.44 -7.79 -27.01
CA ARG A 16 0.87 -8.24 -25.71
C ARG A 16 2.36 -7.96 -25.52
N ASN A 17 2.75 -7.89 -24.25
CA ASN A 17 4.13 -8.09 -23.84
C ASN A 17 4.36 -9.58 -23.61
N LEU A 18 5.49 -10.08 -24.08
CA LEU A 18 5.93 -11.44 -23.78
C LEU A 18 7.03 -11.34 -22.72
N ASP A 19 6.76 -11.89 -21.54
CA ASP A 19 7.67 -11.84 -20.40
C ASP A 19 8.21 -13.25 -20.14
N LEU A 20 9.52 -13.43 -20.27
CA LEU A 20 10.14 -14.73 -20.06
C LEU A 20 11.53 -14.53 -19.48
N GLU A 21 12.06 -15.58 -18.83
CA GLU A 21 13.40 -15.49 -18.25
C GLU A 21 14.49 -15.90 -19.24
N ILE A 22 14.13 -16.59 -20.32
CA ILE A 22 15.10 -16.97 -21.34
C ILE A 22 14.38 -17.13 -22.68
N THR A 23 14.94 -16.53 -23.72
CA THR A 23 14.48 -16.68 -25.09
C THR A 23 15.18 -17.84 -25.78
N PHE A 24 14.51 -18.43 -26.77
CA PHE A 24 15.16 -19.33 -27.71
C PHE A 24 14.96 -18.86 -29.14
N GLY A 25 14.67 -17.57 -29.32
CA GLY A 25 14.41 -17.04 -30.64
C GLY A 25 12.93 -17.02 -30.95
N GLN A 26 12.50 -15.96 -31.62
CA GLN A 26 11.18 -15.90 -32.21
C GLN A 26 11.27 -15.05 -33.47
N GLN A 27 10.17 -15.00 -34.21
CA GLN A 27 10.15 -14.35 -35.52
C GLN A 27 8.73 -13.96 -35.86
N VAL A 28 8.59 -12.97 -36.74
CA VAL A 28 7.29 -12.59 -37.28
C VAL A 28 6.90 -13.59 -38.37
N VAL A 29 5.66 -14.08 -38.32
CA VAL A 29 5.20 -15.08 -39.27
C VAL A 29 3.81 -14.70 -39.80
N ILE A 30 3.72 -14.52 -41.10
CA ILE A 30 2.44 -14.47 -41.80
C ILE A 30 2.11 -15.89 -42.26
N THR A 31 0.97 -16.41 -41.84
CA THR A 31 0.47 -17.66 -42.41
C THR A 31 -0.55 -17.33 -43.49
N PRO A 32 -0.25 -17.59 -44.76
CA PRO A 32 -1.20 -17.24 -45.83
C PRO A 32 -2.41 -18.17 -45.82
N ARG A 33 -3.37 -17.83 -46.69
CA ARG A 33 -4.66 -18.52 -46.71
C ARG A 33 -4.54 -19.98 -47.08
N ASN A 34 -3.58 -20.35 -47.92
CA ASN A 34 -3.50 -21.70 -48.46
C ASN A 34 -2.42 -22.54 -47.80
N TYR A 35 -1.84 -22.07 -46.70
CA TYR A 35 -1.00 -22.93 -45.87
C TYR A 35 -1.89 -23.88 -45.11
N THR A 36 -1.79 -25.17 -45.40
CA THR A 36 -2.65 -26.17 -44.76
C THR A 36 -2.30 -26.28 -43.29
N PHE A 37 -3.29 -26.04 -42.43
CA PHE A 37 -3.19 -26.30 -41.00
C PHE A 37 -3.51 -27.78 -40.75
N LYS A 38 -2.51 -28.56 -40.32
CA LYS A 38 -2.75 -29.94 -39.91
C LYS A 38 -3.07 -29.99 -38.42
N PHE A 39 -3.89 -30.97 -38.02
CA PHE A 39 -4.32 -31.11 -36.63
C PHE A 39 -4.22 -32.57 -36.20
N ARG A 40 -3.76 -32.79 -34.96
CA ARG A 40 -3.54 -34.16 -34.50
C ARG A 40 -4.84 -34.97 -34.52
N LYS A 41 -5.96 -34.35 -34.14
CA LYS A 41 -7.20 -35.10 -33.94
C LYS A 41 -8.37 -34.53 -34.72
N MET A 42 -8.14 -33.65 -35.68
CA MET A 42 -9.20 -33.06 -36.48
C MET A 42 -8.74 -32.98 -37.93
N PRO A 43 -9.68 -32.99 -38.88
CA PRO A 43 -9.29 -32.82 -40.29
C PRO A 43 -8.59 -31.49 -40.51
N SER A 44 -7.74 -31.46 -41.54
CA SER A 44 -6.94 -30.29 -41.87
C SER A 44 -7.80 -29.15 -42.37
N LEU A 45 -7.35 -27.91 -42.13
CA LEU A 45 -7.91 -26.72 -42.76
C LEU A 45 -7.01 -26.42 -43.96
N LYS A 46 -7.50 -26.78 -45.15
CA LYS A 46 -6.73 -26.59 -46.38
C LYS A 46 -6.70 -25.12 -46.77
N LYS A 47 -7.80 -24.40 -46.51
CA LYS A 47 -7.90 -22.98 -46.73
C LYS A 47 -8.53 -22.35 -45.51
N HIS A 48 -8.10 -21.14 -45.15
CA HIS A 48 -8.51 -20.46 -43.93
C HIS A 48 -8.12 -18.98 -44.07
N TYR A 49 -8.49 -18.19 -43.07
CA TYR A 49 -8.05 -16.80 -43.01
C TYR A 49 -6.54 -16.71 -42.83
N ALA A 50 -5.94 -15.71 -43.46
CA ALA A 50 -4.54 -15.40 -43.21
C ALA A 50 -4.38 -14.74 -41.84
N MET A 51 -3.20 -14.89 -41.26
CA MET A 51 -2.96 -14.31 -39.94
C MET A 51 -1.49 -13.91 -39.82
N ILE A 52 -1.22 -13.02 -38.87
CA ILE A 52 0.12 -12.51 -38.63
C ILE A 52 0.34 -12.41 -37.13
N GLY A 53 1.53 -12.82 -36.70
CA GLY A 53 1.88 -12.72 -35.30
C GLY A 53 3.33 -13.10 -35.12
N ILE A 54 3.71 -13.32 -33.87
CA ILE A 54 5.05 -13.76 -33.52
C ILE A 54 4.95 -15.20 -33.05
N SER A 55 5.81 -16.05 -33.58
CA SER A 55 5.82 -17.46 -33.24
C SER A 55 7.25 -17.84 -32.84
N LEU A 56 7.41 -19.11 -32.45
CA LEU A 56 8.74 -19.65 -32.24
C LEU A 56 9.52 -19.65 -33.55
N ASP A 57 10.86 -19.62 -33.42
CA ASP A 57 11.76 -19.55 -34.56
C ASP A 57 11.90 -20.91 -35.27
N MET A 58 10.77 -21.50 -35.66
CA MET A 58 10.71 -22.71 -36.46
C MET A 58 9.82 -22.46 -37.66
N ASP A 59 10.12 -23.14 -38.76
CA ASP A 59 9.29 -23.05 -39.96
C ASP A 59 8.57 -24.36 -40.27
N ASP A 60 8.68 -25.36 -39.38
CA ASP A 60 7.84 -26.55 -39.45
C ASP A 60 6.36 -26.20 -39.43
N TYR A 61 6.00 -25.26 -38.58
CA TYR A 61 4.63 -25.02 -38.15
C TYR A 61 4.65 -23.68 -37.42
N PRO A 62 3.66 -22.83 -37.63
CA PRO A 62 3.66 -21.55 -36.90
C PRO A 62 3.14 -21.74 -35.49
N LEU A 63 4.06 -21.83 -34.53
CA LEU A 63 3.72 -21.94 -33.11
C LEU A 63 3.61 -20.54 -32.52
N TYR A 64 2.47 -19.91 -32.74
CA TYR A 64 2.25 -18.52 -32.35
C TYR A 64 2.22 -18.35 -30.83
N PHE A 65 2.92 -17.32 -30.36
CA PHE A 65 2.66 -16.77 -29.03
C PHE A 65 1.35 -15.96 -29.00
N ASP A 66 1.01 -15.35 -30.14
CA ASP A 66 -0.12 -14.44 -30.33
C ASP A 66 -0.20 -14.14 -31.82
N ALA A 67 -1.40 -13.80 -32.29
CA ALA A 67 -1.59 -13.53 -33.71
C ALA A 67 -2.94 -12.85 -33.90
N THR A 68 -3.13 -12.32 -35.12
CA THR A 68 -4.31 -11.58 -35.54
C THR A 68 -4.62 -11.95 -36.97
N ASN A 69 -5.87 -12.26 -37.29
CA ASN A 69 -6.16 -12.70 -38.64
C ASN A 69 -6.66 -11.52 -39.49
N GLU A 70 -6.85 -11.77 -40.77
CA GLU A 70 -7.20 -10.72 -41.72
C GLU A 70 -8.61 -10.16 -41.52
N LYS A 71 -9.42 -10.79 -40.66
CA LYS A 71 -10.75 -10.27 -40.35
C LYS A 71 -10.76 -9.39 -39.11
N GLY A 72 -9.61 -9.11 -38.50
CA GLY A 72 -9.62 -8.29 -37.30
C GLY A 72 -9.87 -9.03 -36.01
N LEU A 73 -9.64 -10.34 -35.97
CA LEU A 73 -9.75 -11.13 -34.74
C LEU A 73 -8.35 -11.43 -34.22
N GLY A 74 -8.12 -11.17 -32.93
CA GLY A 74 -6.81 -11.34 -32.33
C GLY A 74 -6.87 -12.28 -31.14
N MET A 75 -5.76 -13.00 -30.93
CA MET A 75 -5.70 -14.00 -29.88
C MET A 75 -4.27 -14.13 -29.35
N ALA A 76 -4.12 -14.22 -28.03
CA ALA A 76 -2.79 -14.36 -27.42
C ALA A 76 -2.85 -15.33 -26.25
N GLY A 77 -1.84 -16.20 -26.17
CA GLY A 77 -1.70 -17.11 -25.06
C GLY A 77 -0.66 -16.61 -24.09
N LEU A 78 -1.05 -16.54 -22.82
CA LEU A 78 -0.24 -15.93 -21.76
C LEU A 78 -0.03 -16.94 -20.64
N ASN A 79 1.16 -16.90 -20.02
CA ASN A 79 1.52 -17.88 -19.01
C ASN A 79 0.45 -17.95 -17.91
N TYR A 80 0.07 -19.18 -17.56
CA TYR A 80 -0.96 -19.47 -16.58
C TYR A 80 -0.43 -20.56 -15.65
N PRO A 81 0.69 -20.30 -14.96
CA PRO A 81 1.47 -21.41 -14.38
C PRO A 81 0.71 -22.11 -13.27
N GLY A 82 0.68 -23.45 -13.35
CA GLY A 82 0.03 -24.26 -12.35
C GLY A 82 -1.47 -24.34 -12.45
N ASN A 83 -2.12 -23.36 -13.10
CA ASN A 83 -3.57 -23.39 -13.24
C ASN A 83 -4.02 -24.09 -14.51
N ALA A 84 -3.25 -23.97 -15.59
CA ALA A 84 -3.69 -24.46 -16.88
C ALA A 84 -3.77 -25.98 -16.85
N THR A 85 -4.92 -26.51 -17.25
CA THR A 85 -5.19 -27.94 -17.29
C THR A 85 -5.68 -28.29 -18.69
N TYR A 86 -5.01 -29.24 -19.33
CA TYR A 86 -5.47 -29.73 -20.62
C TYR A 86 -6.01 -31.13 -20.42
N TYR A 87 -7.04 -31.47 -21.18
CA TYR A 87 -7.93 -32.57 -20.87
C TYR A 87 -7.67 -33.80 -21.74
N GLU A 88 -8.10 -34.94 -21.23
CA GLU A 88 -8.13 -36.17 -22.03
C GLU A 88 -9.03 -35.95 -23.25
N GLU A 89 -8.71 -36.67 -24.33
CA GLU A 89 -9.55 -36.61 -25.53
C GLU A 89 -11.01 -36.97 -25.21
N LYS A 90 -11.93 -36.19 -25.79
CA LYS A 90 -13.36 -36.37 -25.61
C LYS A 90 -13.99 -36.74 -26.94
N GLU A 91 -14.81 -37.79 -26.95
CA GLU A 91 -15.40 -38.25 -28.20
C GLU A 91 -16.33 -37.21 -28.81
N ASN A 92 -17.13 -36.54 -27.98
CA ASN A 92 -18.13 -35.61 -28.47
C ASN A 92 -17.66 -34.15 -28.45
N LYS A 93 -16.38 -33.92 -28.76
CA LYS A 93 -15.79 -32.59 -28.90
C LYS A 93 -14.77 -32.59 -30.03
N ASP A 94 -14.44 -31.39 -30.50
CA ASP A 94 -13.27 -31.19 -31.37
C ASP A 94 -12.04 -31.12 -30.47
N ASN A 95 -11.16 -32.11 -30.57
CA ASN A 95 -10.00 -32.16 -29.68
C ASN A 95 -8.86 -31.37 -30.31
N ILE A 96 -8.47 -30.30 -29.66
CA ILE A 96 -7.52 -29.33 -30.19
C ILE A 96 -6.42 -29.11 -29.16
N ALA A 97 -5.17 -29.25 -29.57
CA ALA A 97 -4.05 -29.03 -28.67
C ALA A 97 -3.91 -27.56 -28.33
N SER A 98 -3.28 -27.28 -27.18
CA SER A 98 -3.02 -25.91 -26.78
C SER A 98 -2.22 -25.16 -27.84
N PHE A 99 -1.30 -25.84 -28.51
CA PHE A 99 -0.47 -25.20 -29.54
C PHE A 99 -1.17 -25.13 -30.89
N GLU A 100 -2.31 -25.80 -31.04
CA GLU A 100 -3.17 -25.67 -32.22
C GLU A 100 -4.32 -24.70 -31.99
N PHE A 101 -4.50 -24.21 -30.77
CA PHE A 101 -5.64 -23.36 -30.44
C PHE A 101 -5.71 -22.11 -31.34
N ILE A 102 -4.61 -21.35 -31.43
CA ILE A 102 -4.65 -20.13 -32.24
C ILE A 102 -4.97 -20.41 -33.71
N PRO A 103 -4.30 -21.34 -34.40
CA PRO A 103 -4.71 -21.63 -35.79
C PRO A 103 -6.15 -22.08 -35.92
N TRP A 104 -6.62 -22.93 -34.99
CA TRP A 104 -7.98 -23.43 -35.04
C TRP A 104 -8.99 -22.30 -34.98
N ILE A 105 -8.80 -21.38 -34.02
CA ILE A 105 -9.74 -20.28 -33.82
C ILE A 105 -9.57 -19.23 -34.90
N LEU A 106 -8.36 -18.70 -35.04
CA LEU A 106 -8.12 -17.59 -35.94
C LEU A 106 -8.26 -18.01 -37.39
N GLY A 107 -8.10 -19.29 -37.69
CA GLY A 107 -8.26 -19.75 -39.06
C GLY A 107 -9.69 -19.75 -39.54
N GLN A 108 -10.66 -19.83 -38.63
CA GLN A 108 -12.05 -20.01 -39.01
C GLN A 108 -13.01 -18.93 -38.52
N CYS A 109 -12.60 -18.05 -37.61
CA CYS A 109 -13.52 -17.16 -36.91
C CYS A 109 -13.21 -15.71 -37.23
N SER A 110 -14.27 -14.90 -37.31
CA SER A 110 -14.14 -13.47 -37.59
C SER A 110 -14.62 -12.58 -36.46
N THR A 111 -15.48 -13.08 -35.59
CA THR A 111 -16.11 -12.30 -34.55
C THR A 111 -16.02 -13.07 -33.26
N ILE A 112 -16.28 -12.37 -32.15
CA ILE A 112 -16.35 -13.05 -30.86
C ILE A 112 -17.51 -14.04 -30.84
N SER A 113 -18.59 -13.74 -31.55
CA SER A 113 -19.75 -14.64 -31.54
C SER A 113 -19.41 -15.99 -32.18
N GLU A 114 -18.68 -15.96 -33.31
CA GLU A 114 -18.23 -17.21 -33.93
C GLU A 114 -17.23 -17.93 -33.05
N VAL A 115 -16.38 -17.19 -32.33
CA VAL A 115 -15.44 -17.84 -31.41
C VAL A 115 -16.21 -18.67 -30.37
N LYS A 116 -17.24 -18.06 -29.78
CA LYS A 116 -18.02 -18.76 -28.76
C LYS A 116 -18.70 -20.01 -29.32
N ASP A 117 -19.19 -19.94 -30.55
CA ASP A 117 -19.82 -21.13 -31.16
C ASP A 117 -18.82 -22.27 -31.30
N LEU A 118 -17.61 -21.95 -31.80
CA LEU A 118 -16.57 -22.96 -31.90
C LEU A 118 -16.11 -23.44 -30.52
N LEU A 119 -16.09 -22.54 -29.53
CA LEU A 119 -15.61 -22.94 -28.22
C LEU A 119 -16.58 -23.90 -27.53
N SER A 120 -17.87 -23.80 -27.85
CA SER A 120 -18.86 -24.68 -27.24
C SER A 120 -18.67 -26.14 -27.61
N ARG A 121 -17.97 -26.42 -28.71
CA ARG A 121 -17.72 -27.80 -29.11
C ARG A 121 -16.24 -28.17 -29.06
N ILE A 122 -15.40 -27.36 -28.42
CA ILE A 122 -13.97 -27.59 -28.40
C ILE A 122 -13.61 -28.34 -27.12
N ASN A 123 -12.50 -29.08 -27.18
CA ASN A 123 -11.85 -29.65 -26.01
C ASN A 123 -10.35 -29.42 -26.17
N ILE A 124 -9.76 -28.62 -25.27
CA ILE A 124 -8.32 -28.35 -25.31
C ILE A 124 -7.61 -29.59 -24.76
N ALA A 125 -7.10 -30.40 -25.66
CA ALA A 125 -6.60 -31.72 -25.30
C ALA A 125 -5.15 -31.65 -24.85
N ASP A 126 -4.77 -32.58 -23.97
CA ASP A 126 -3.41 -32.65 -23.43
C ASP A 126 -2.49 -33.36 -24.43
N LEU A 127 -2.27 -32.70 -25.57
CA LEU A 127 -1.36 -33.19 -26.58
C LEU A 127 -0.14 -32.28 -26.65
N ASN A 128 1.03 -32.87 -26.88
CA ASN A 128 2.30 -32.15 -26.93
C ASN A 128 2.79 -32.06 -28.35
N PHE A 129 3.40 -30.92 -28.71
CA PHE A 129 3.92 -30.74 -30.07
C PHE A 129 4.95 -31.82 -30.39
N SER A 130 5.77 -32.19 -29.42
CA SER A 130 6.71 -33.29 -29.54
C SER A 130 6.98 -33.79 -28.14
N GLU A 131 7.60 -34.97 -28.04
CA GLU A 131 7.94 -35.48 -26.71
C GLU A 131 8.90 -34.54 -25.98
N LYS A 132 9.73 -33.81 -26.72
CA LYS A 132 10.66 -32.87 -26.10
C LYS A 132 9.98 -31.54 -25.78
N MET A 133 9.10 -31.07 -26.66
CA MET A 133 8.45 -29.77 -26.50
C MET A 133 7.09 -29.97 -25.81
N GLN A 134 7.17 -30.10 -24.49
CA GLN A 134 5.98 -30.20 -23.65
C GLN A 134 5.17 -28.91 -23.72
N ALA A 135 3.85 -29.06 -23.76
CA ALA A 135 2.96 -27.90 -23.82
C ALA A 135 3.19 -26.97 -22.64
N SER A 136 3.22 -25.66 -22.93
CA SER A 136 3.28 -24.68 -21.85
C SER A 136 1.88 -24.42 -21.31
N SER A 137 1.85 -23.93 -20.06
CA SER A 137 0.59 -23.64 -19.38
C SER A 137 0.12 -22.25 -19.77
N LEU A 138 -1.05 -22.17 -20.40
CA LEU A 138 -1.53 -20.90 -20.93
C LEU A 138 -3.00 -20.68 -20.57
N HIS A 139 -3.38 -19.40 -20.57
CA HIS A 139 -4.75 -18.98 -20.79
C HIS A 139 -4.71 -17.92 -21.88
N TRP A 140 -5.87 -17.55 -22.40
CA TRP A 140 -5.92 -16.81 -23.65
C TRP A 140 -6.83 -15.60 -23.54
N LEU A 141 -6.40 -14.50 -24.17
CA LEU A 141 -7.24 -13.34 -24.45
C LEU A 141 -7.57 -13.33 -25.94
N ILE A 142 -8.86 -13.19 -26.26
CA ILE A 142 -9.35 -13.08 -27.63
C ILE A 142 -10.12 -11.77 -27.76
N ALA A 143 -9.92 -11.05 -28.87
CA ALA A 143 -10.57 -9.77 -29.11
C ALA A 143 -10.79 -9.60 -30.60
N ASP A 144 -11.87 -8.91 -30.95
CA ASP A 144 -12.12 -8.56 -32.36
C ASP A 144 -12.23 -7.04 -32.50
N LYS A 145 -12.46 -6.59 -33.72
CA LYS A 145 -12.36 -5.17 -34.00
C LYS A 145 -13.62 -4.40 -33.63
N THR A 146 -14.56 -4.99 -32.90
CA THR A 146 -15.57 -4.19 -32.23
C THR A 146 -15.07 -3.69 -30.89
N GLY A 147 -13.89 -4.12 -30.46
CA GLY A 147 -13.39 -3.83 -29.13
C GLY A 147 -13.82 -4.84 -28.08
N THR A 148 -14.70 -5.77 -28.42
CA THR A 148 -15.13 -6.79 -27.46
C THR A 148 -14.03 -7.83 -27.28
N SER A 149 -13.89 -8.35 -26.06
CA SER A 149 -12.87 -9.36 -25.80
C SER A 149 -13.42 -10.40 -24.83
N LEU A 150 -12.62 -11.45 -24.65
CA LEU A 150 -13.03 -12.71 -24.09
C LEU A 150 -11.80 -13.43 -23.53
N VAL A 151 -11.97 -14.11 -22.40
CA VAL A 151 -10.88 -14.83 -21.74
C VAL A 151 -11.22 -16.32 -21.71
N VAL A 152 -10.25 -17.17 -22.07
CA VAL A 152 -10.43 -18.62 -22.04
C VAL A 152 -9.44 -19.18 -21.02
N GLU A 153 -9.96 -19.92 -20.04
CA GLU A 153 -9.14 -20.56 -19.03
C GLU A 153 -9.59 -22.01 -18.88
N THR A 154 -8.65 -22.94 -19.04
CA THR A 154 -8.94 -24.36 -18.83
C THR A 154 -8.42 -24.72 -17.45
N ASP A 155 -9.33 -24.77 -16.48
CA ASP A 155 -8.97 -25.09 -15.11
C ASP A 155 -9.23 -26.57 -14.84
N LYS A 156 -8.90 -27.02 -13.62
CA LYS A 156 -9.01 -28.45 -13.30
C LYS A 156 -10.45 -28.91 -13.27
N ASP A 157 -11.39 -28.02 -13.00
CA ASP A 157 -12.80 -28.42 -13.01
C ASP A 157 -13.47 -28.17 -14.35
N GLY A 158 -12.75 -27.70 -15.37
CA GLY A 158 -13.32 -27.52 -16.68
C GLY A 158 -12.92 -26.20 -17.30
N MET A 159 -13.35 -26.02 -18.56
CA MET A 159 -13.03 -24.83 -19.31
C MET A 159 -14.05 -23.75 -18.97
N HIS A 160 -13.54 -22.56 -18.63
CA HIS A 160 -14.37 -21.39 -18.37
C HIS A 160 -14.06 -20.29 -19.37
N ILE A 161 -15.10 -19.64 -19.84
CA ILE A 161 -15.05 -18.60 -20.85
C ILE A 161 -15.72 -17.36 -20.25
N TYR A 162 -15.02 -16.23 -20.27
CA TYR A 162 -15.49 -15.01 -19.60
C TYR A 162 -15.51 -13.83 -20.56
N ASP A 163 -16.60 -13.07 -20.56
CA ASP A 163 -16.57 -11.75 -21.19
C ASP A 163 -15.61 -10.85 -20.42
N ASN A 164 -14.82 -10.06 -21.14
CA ASN A 164 -13.80 -9.24 -20.49
C ASN A 164 -14.17 -7.77 -20.59
N PRO A 165 -14.73 -7.16 -19.54
CA PRO A 165 -15.17 -5.76 -19.66
C PRO A 165 -14.03 -4.75 -19.66
N VAL A 166 -12.82 -5.12 -19.25
CA VAL A 166 -11.70 -4.20 -19.26
C VAL A 166 -10.71 -4.49 -20.37
N GLY A 167 -10.85 -5.57 -21.12
CA GLY A 167 -9.97 -5.84 -22.24
C GLY A 167 -8.49 -5.99 -21.88
N CYS A 168 -8.19 -6.53 -20.70
CA CYS A 168 -6.82 -6.75 -20.27
C CYS A 168 -6.69 -8.17 -19.71
N LEU A 169 -5.48 -8.72 -19.74
CA LEU A 169 -5.17 -10.00 -19.12
C LEU A 169 -3.70 -10.08 -18.79
N THR A 170 -3.38 -10.59 -17.60
CA THR A 170 -1.98 -10.95 -17.32
C THR A 170 -1.85 -12.46 -17.06
N ASN A 171 -1.32 -12.84 -15.91
CA ASN A 171 -1.03 -14.24 -15.60
C ASN A 171 -2.00 -14.72 -14.51
N ASN A 172 -1.54 -15.40 -13.45
CA ASN A 172 -2.45 -15.81 -12.38
C ASN A 172 -2.97 -14.60 -11.60
N PRO A 173 -4.08 -14.74 -10.86
CA PRO A 173 -4.93 -15.93 -10.70
C PRO A 173 -6.00 -16.05 -11.79
N GLN A 174 -6.95 -16.95 -11.53
CA GLN A 174 -8.11 -17.11 -12.40
CA GLN A 174 -8.12 -17.12 -12.38
C GLN A 174 -8.82 -15.78 -12.58
N PHE A 175 -9.44 -15.62 -13.76
CA PHE A 175 -9.96 -14.30 -14.15
C PHE A 175 -11.02 -13.70 -13.22
N PRO A 176 -11.95 -14.45 -12.62
CA PRO A 176 -12.89 -13.78 -11.69
C PRO A 176 -12.16 -13.12 -10.52
N LYS A 177 -11.08 -13.71 -10.04
CA LYS A 177 -10.34 -13.09 -8.93
C LYS A 177 -9.54 -11.87 -9.42
N GLN A 178 -8.93 -11.99 -10.59
CA GLN A 178 -8.11 -10.92 -11.16
C GLN A 178 -8.95 -9.70 -11.46
N LEU A 179 -10.11 -9.89 -12.07
CA LEU A 179 -11.01 -8.79 -12.38
C LEU A 179 -11.56 -8.16 -11.11
N PHE A 180 -12.04 -8.98 -10.18
CA PHE A 180 -12.61 -8.41 -8.95
C PHE A 180 -11.59 -7.59 -8.19
N ASN A 181 -10.32 -7.97 -8.22
CA ASN A 181 -9.30 -7.24 -7.47
C ASN A 181 -9.18 -5.79 -7.91
N LEU A 182 -9.59 -5.47 -9.15
CA LEU A 182 -9.58 -4.08 -9.61
C LEU A 182 -10.45 -3.16 -8.77
N ASN A 183 -11.52 -3.71 -8.16
CA ASN A 183 -12.42 -2.91 -7.34
C ASN A 183 -11.69 -2.23 -6.19
N ASN A 184 -10.51 -2.71 -5.83
CA ASN A 184 -9.77 -2.15 -4.70
C ASN A 184 -9.01 -0.87 -5.05
N TYR A 185 -9.02 -0.48 -6.32
CA TYR A 185 -8.25 0.66 -6.78
C TYR A 185 -9.14 1.77 -7.34
N ALA A 186 -10.42 1.80 -6.95
CA ALA A 186 -11.33 2.82 -7.45
C ALA A 186 -10.76 4.23 -7.29
N ASP A 187 -10.07 4.51 -6.18
CA ASP A 187 -9.72 5.90 -5.88
C ASP A 187 -8.38 6.33 -6.46
N VAL A 188 -7.59 5.40 -7.03
CA VAL A 188 -6.39 5.79 -7.75
C VAL A 188 -6.77 6.74 -8.88
N SER A 189 -6.07 7.87 -8.98
CA SER A 189 -6.56 9.00 -9.77
C SER A 189 -5.43 9.63 -10.58
N PRO A 190 -5.74 10.13 -11.78
CA PRO A 190 -4.80 11.02 -12.47
C PRO A 190 -4.74 12.43 -11.90
N LYS A 191 -5.75 12.88 -11.18
CA LYS A 191 -5.79 14.20 -10.56
C LYS A 191 -5.36 14.15 -9.10
N MET A 192 -5.02 15.32 -8.56
CA MET A 192 -4.60 15.42 -7.17
C MET A 192 -5.72 14.93 -6.24
N PRO A 193 -5.36 14.26 -5.15
CA PRO A 193 -6.39 13.72 -4.24
C PRO A 193 -7.11 14.82 -3.47
N LYS A 194 -8.36 14.54 -3.12
CA LYS A 194 -9.05 15.37 -2.15
C LYS A 194 -8.55 15.04 -0.76
N ASN A 195 -8.55 16.03 0.12
CA ASN A 195 -8.28 15.76 1.54
C ASN A 195 -9.56 15.18 2.12
N ASN A 196 -9.67 13.86 2.07
CA ASN A 196 -10.74 13.16 2.75
C ASN A 196 -10.39 12.81 4.19
N PHE A 197 -9.08 12.82 4.51
CA PHE A 197 -8.56 12.45 5.82
C PHE A 197 -9.24 13.22 6.93
N SER A 198 -9.17 14.56 6.86
CA SER A 198 -9.85 15.46 7.78
C SER A 198 -9.59 16.91 7.39
N ASP A 199 -10.65 17.71 7.35
CA ASP A 199 -10.48 19.13 7.08
C ASP A 199 -9.91 19.89 8.27
N LYS A 200 -9.61 19.22 9.37
CA LYS A 200 -8.83 19.81 10.45
C LYS A 200 -7.35 19.50 10.34
N VAL A 201 -6.93 18.75 9.31
CA VAL A 201 -5.53 18.43 9.07
C VAL A 201 -5.12 19.10 7.76
N ASN A 202 -4.03 19.86 7.80
CA ASN A 202 -3.58 20.53 6.59
C ASN A 202 -2.75 19.54 5.78
N MET A 203 -3.35 19.06 4.69
CA MET A 203 -2.68 18.15 3.77
C MET A 203 -2.10 18.99 2.64
N ALA A 204 -0.79 18.88 2.43
CA ALA A 204 -0.13 19.61 1.36
C ALA A 204 -0.09 18.76 0.10
N GLY A 205 -0.70 19.25 -0.98
CA GLY A 205 -0.51 18.63 -2.28
C GLY A 205 0.89 18.87 -2.82
N TYR A 206 1.90 18.23 -2.23
CA TYR A 206 3.29 18.62 -2.44
C TYR A 206 3.89 18.09 -3.74
N SER A 207 3.19 17.21 -4.46
CA SER A 207 3.74 16.75 -5.72
C SER A 207 2.62 16.47 -6.69
N ARG A 208 2.79 16.94 -7.93
CA ARG A 208 1.91 16.48 -9.01
C ARG A 208 1.96 14.96 -9.09
N GLY A 209 0.85 14.35 -9.49
CA GLY A 209 0.80 12.91 -9.60
C GLY A 209 0.45 12.17 -8.32
N LEU A 210 0.21 12.89 -7.22
CA LEU A 210 -0.14 12.25 -5.96
C LEU A 210 -1.45 11.47 -6.05
N GLY A 211 -2.29 11.75 -7.05
CA GLY A 211 -3.50 10.97 -7.23
C GLY A 211 -3.23 9.48 -7.43
N SER A 212 -2.06 9.14 -7.98
CA SER A 212 -1.69 7.76 -8.26
C SER A 212 -0.69 7.20 -7.25
N HIS A 213 -0.58 7.81 -6.07
CA HIS A 213 0.33 7.33 -5.03
C HIS A 213 0.15 5.84 -4.73
N ASN A 214 -1.05 5.29 -4.91
CA ASN A 214 -1.28 3.88 -4.60
C ASN A 214 -1.45 3.02 -5.86
N LEU A 215 -1.01 3.50 -7.00
CA LEU A 215 -0.96 2.65 -8.18
C LEU A 215 0.14 1.61 -8.01
N PRO A 216 -0.13 0.32 -8.21
CA PRO A 216 0.90 -0.72 -8.00
C PRO A 216 1.97 -0.67 -9.07
N GLY A 217 3.23 -0.76 -8.64
CA GLY A 217 4.35 -0.76 -9.56
C GLY A 217 5.09 -2.09 -9.68
N GLY A 218 4.59 -3.12 -8.99
CA GLY A 218 5.31 -4.37 -8.94
C GLY A 218 5.40 -5.07 -10.28
N MET A 219 6.31 -6.04 -10.34
CA MET A 219 6.47 -6.88 -11.52
C MET A 219 5.48 -8.02 -11.57
N ASP A 220 4.72 -8.24 -10.49
CA ASP A 220 3.88 -9.42 -10.38
C ASP A 220 2.59 -9.26 -11.21
N SER A 221 1.83 -10.35 -11.27
CA SER A 221 0.70 -10.47 -12.19
C SER A 221 -0.43 -9.49 -11.87
N GLU A 222 -0.86 -9.43 -10.60
CA GLU A 222 -1.95 -8.53 -10.25
C GLU A 222 -1.53 -7.06 -10.36
N SER A 223 -0.29 -6.75 -9.98
CA SER A 223 0.19 -5.37 -10.10
C SER A 223 0.13 -4.90 -11.56
N ARG A 224 0.59 -5.73 -12.50
CA ARG A 224 0.59 -5.35 -13.90
C ARG A 224 -0.81 -5.28 -14.47
N PHE A 225 -1.73 -6.09 -13.94
CA PHE A 225 -3.11 -6.06 -14.43
C PHE A 225 -3.77 -4.73 -14.07
N VAL A 226 -3.63 -4.32 -12.81
CA VAL A 226 -4.15 -3.04 -12.34
C VAL A 226 -3.44 -1.88 -13.04
N ARG A 227 -2.11 -1.95 -13.14
CA ARG A 227 -1.35 -0.86 -13.73
C ARG A 227 -1.64 -0.71 -15.23
N VAL A 228 -1.80 -1.81 -15.95
CA VAL A 228 -2.05 -1.65 -17.39
C VAL A 228 -3.49 -1.16 -17.62
N ALA A 229 -4.43 -1.54 -16.76
CA ALA A 229 -5.79 -1.03 -16.89
C ALA A 229 -5.85 0.47 -16.61
N PHE A 230 -5.15 0.93 -15.57
CA PHE A 230 -5.06 2.37 -15.33
C PHE A 230 -4.45 3.09 -16.53
N ASN A 231 -3.39 2.51 -17.10
CA ASN A 231 -2.73 3.14 -18.25
C ASN A 231 -3.62 3.13 -19.48
N LYS A 232 -4.35 2.04 -19.69
CA LYS A 232 -5.15 1.94 -20.90
C LYS A 232 -6.35 2.90 -20.86
N PHE A 233 -7.06 2.93 -19.74
CA PHE A 233 -8.29 3.71 -19.71
C PHE A 233 -8.05 5.20 -19.45
N ASN A 234 -6.81 5.61 -19.18
CA ASN A 234 -6.48 7.02 -19.05
C ASN A 234 -5.55 7.51 -20.15
N ALA A 235 -5.15 6.64 -21.07
CA ALA A 235 -4.32 7.04 -22.19
C ALA A 235 -5.09 7.98 -23.11
N PRO A 236 -4.45 9.00 -23.69
CA PRO A 236 -5.17 9.92 -24.57
C PRO A 236 -5.66 9.23 -25.83
N ILE A 237 -6.71 9.82 -26.41
CA ILE A 237 -7.32 9.37 -27.66
C ILE A 237 -6.94 10.36 -28.76
N ALA A 238 -6.41 9.86 -29.87
CA ALA A 238 -5.92 10.71 -30.95
C ALA A 238 -6.59 10.30 -32.26
N GLU A 239 -6.23 11.02 -33.33
CA GLU A 239 -6.86 10.81 -34.63
C GLU A 239 -5.99 10.11 -35.65
N THR A 240 -4.67 10.17 -35.50
CA THR A 240 -3.78 9.55 -36.47
C THR A 240 -3.35 8.15 -36.00
N GLU A 241 -2.99 7.32 -36.97
CA GLU A 241 -2.42 6.01 -36.67
C GLU A 241 -1.11 6.14 -35.90
N GLU A 242 -0.27 7.09 -36.31
CA GLU A 242 1.04 7.24 -35.68
C GLU A 242 0.90 7.62 -34.22
N GLU A 243 -0.08 8.46 -33.89
CA GLU A 243 -0.23 8.88 -32.51
C GLU A 243 -0.84 7.77 -31.65
N ASN A 244 -1.79 7.03 -32.22
CA ASN A 244 -2.44 6.01 -31.40
C ASN A 244 -1.56 4.79 -31.19
N ILE A 245 -0.71 4.47 -32.16
CA ILE A 245 0.19 3.34 -31.93
C ILE A 245 1.35 3.72 -31.02
N ASP A 246 1.80 4.99 -31.06
CA ASP A 246 2.73 5.48 -30.04
C ASP A 246 2.14 5.32 -28.64
N THR A 247 0.91 5.79 -28.45
CA THR A 247 0.21 5.64 -27.17
C THR A 247 0.10 4.18 -26.75
N TYR A 248 -0.25 3.32 -27.71
CA TYR A 248 -0.37 1.89 -27.44
C TYR A 248 0.92 1.29 -26.88
N PHE A 249 2.07 1.71 -27.40
CA PHE A 249 3.29 1.15 -26.85
C PHE A 249 3.67 1.78 -25.52
N HIS A 250 3.19 2.98 -25.23
CA HIS A 250 3.38 3.53 -23.89
C HIS A 250 2.56 2.76 -22.85
N ILE A 251 1.37 2.30 -23.23
CA ILE A 251 0.56 1.47 -22.34
C ILE A 251 1.28 0.15 -22.04
N LEU A 252 1.73 -0.54 -23.08
CA LEU A 252 2.42 -1.81 -22.86
C LEU A 252 3.75 -1.62 -22.15
N HIS A 253 4.52 -0.58 -22.49
CA HIS A 253 5.79 -0.35 -21.81
C HIS A 253 5.61 0.04 -20.35
N SER A 254 4.42 0.49 -19.96
CA SER A 254 4.18 0.89 -18.58
C SER A 254 4.17 -0.33 -17.64
N VAL A 255 4.01 -1.54 -18.18
CA VAL A 255 4.06 -2.77 -17.42
C VAL A 255 5.20 -3.69 -17.89
N GLU A 256 6.19 -3.11 -18.56
CA GLU A 256 7.41 -3.84 -18.89
C GLU A 256 8.08 -4.35 -17.61
N GLN A 257 8.65 -5.56 -17.69
CA GLN A 257 9.46 -6.09 -16.60
C GLN A 257 10.92 -5.85 -16.96
N GLN A 258 11.58 -4.99 -16.17
CA GLN A 258 12.97 -4.63 -16.39
C GLN A 258 13.87 -5.76 -15.91
N LYS A 259 14.94 -6.01 -16.65
CA LYS A 259 15.93 -6.99 -16.24
C LYS A 259 16.44 -6.69 -14.83
N GLY A 260 16.47 -7.73 -14.00
CA GLY A 260 16.96 -7.64 -12.66
C GLY A 260 15.88 -7.49 -11.60
N LEU A 261 14.66 -7.13 -12.00
CA LEU A 261 13.61 -6.79 -11.04
C LEU A 261 12.70 -7.98 -10.72
N ASP A 262 12.72 -9.04 -11.53
CA ASP A 262 11.89 -10.22 -11.29
C ASP A 262 12.81 -11.45 -11.39
N GLU A 263 13.38 -11.85 -10.24
CA GLU A 263 14.37 -12.91 -10.18
C GLU A 263 13.68 -14.27 -10.03
N VAL A 264 13.85 -15.13 -11.02
CA VAL A 264 13.29 -16.47 -10.95
C VAL A 264 14.32 -17.50 -10.51
N GLY A 265 15.61 -17.21 -10.70
CA GLY A 265 16.68 -18.05 -10.21
C GLY A 265 17.98 -17.29 -10.17
N PRO A 266 19.08 -17.98 -9.83
CA PRO A 266 20.39 -17.32 -9.77
C PRO A 266 20.78 -16.66 -11.08
N ASN A 267 20.86 -15.32 -11.07
CA ASN A 267 21.15 -14.52 -12.28
C ASN A 267 20.19 -14.85 -13.43
N SER A 268 18.95 -15.23 -13.12
CA SER A 268 17.92 -15.56 -14.10
C SER A 268 16.68 -14.71 -13.85
N PHE A 269 16.36 -13.83 -14.81
CA PHE A 269 15.34 -12.82 -14.60
C PHE A 269 14.30 -12.87 -15.72
N GLU A 270 13.03 -12.92 -15.34
CA GLU A 270 11.95 -12.73 -16.29
C GLU A 270 11.86 -11.25 -16.68
N TYR A 271 11.88 -10.98 -18.00
CA TYR A 271 11.84 -9.62 -18.52
C TYR A 271 10.98 -9.62 -19.79
N THR A 272 10.59 -8.42 -20.22
CA THR A 272 9.70 -8.28 -21.37
C THR A 272 10.51 -8.45 -22.64
N ILE A 273 10.40 -9.62 -23.27
CA ILE A 273 11.16 -9.90 -24.48
C ILE A 273 10.74 -8.95 -25.58
N TYR A 274 9.44 -8.81 -25.80
CA TYR A 274 8.96 -7.94 -26.86
C TYR A 274 7.58 -7.43 -26.49
N SER A 275 7.17 -6.34 -27.15
CA SER A 275 5.83 -5.80 -27.11
C SER A 275 5.33 -5.73 -28.54
N ASP A 276 4.11 -6.22 -28.79
CA ASP A 276 3.56 -6.10 -30.13
C ASP A 276 2.13 -5.62 -30.08
N GLY A 277 1.69 -5.06 -31.21
CA GLY A 277 0.35 -4.56 -31.37
C GLY A 277 -0.06 -4.63 -32.83
N THR A 278 -1.30 -5.05 -33.08
CA THR A 278 -1.86 -5.15 -34.42
C THR A 278 -3.04 -4.19 -34.55
N ASN A 279 -3.03 -3.39 -35.60
CA ASN A 279 -4.25 -2.66 -35.95
C ASN A 279 -5.22 -3.65 -36.57
N LEU A 280 -6.21 -4.09 -35.78
CA LEU A 280 -7.17 -5.09 -36.25
C LEU A 280 -7.92 -4.62 -37.49
N ASP A 281 -8.20 -3.31 -37.57
CA ASP A 281 -8.94 -2.76 -38.69
C ASP A 281 -8.14 -2.74 -39.99
N LYS A 282 -6.81 -2.64 -39.89
CA LYS A 282 -5.96 -2.46 -41.07
C LYS A 282 -5.01 -3.61 -41.35
N GLY A 283 -4.90 -4.60 -40.47
CA GLY A 283 -3.94 -5.68 -40.68
C GLY A 283 -2.48 -5.26 -40.64
N ILE A 284 -2.13 -4.25 -39.85
CA ILE A 284 -0.76 -3.76 -39.74
C ILE A 284 -0.19 -4.22 -38.40
N PHE A 285 0.93 -4.92 -38.44
CA PHE A 285 1.59 -5.48 -37.27
C PHE A 285 2.77 -4.61 -36.86
N TYR A 286 2.92 -4.38 -35.56
CA TYR A 286 3.92 -3.49 -34.98
C TYR A 286 4.61 -4.18 -33.81
N TYR A 287 5.90 -3.92 -33.63
CA TYR A 287 6.55 -4.45 -32.42
C TYR A 287 7.76 -3.60 -32.02
N THR A 288 8.06 -3.66 -30.73
CA THR A 288 9.36 -3.32 -30.16
C THR A 288 9.90 -4.56 -29.46
N THR A 289 11.20 -4.52 -29.14
CA THR A 289 11.81 -5.51 -28.28
C THR A 289 12.50 -4.78 -27.14
N TYR A 290 12.97 -5.56 -26.16
CA TYR A 290 13.54 -4.98 -24.95
C TYR A 290 14.63 -3.96 -25.28
N SER A 291 15.56 -4.31 -26.17
CA SER A 291 16.70 -3.45 -26.49
C SER A 291 16.51 -2.58 -27.71
N ASN A 292 15.40 -2.70 -28.44
CA ASN A 292 15.17 -1.87 -29.62
C ASN A 292 13.73 -1.37 -29.54
N LYS A 293 13.54 -0.14 -29.08
CA LYS A 293 12.21 0.42 -28.90
C LYS A 293 11.84 1.40 -30.01
N GLN A 294 12.62 1.44 -31.08
CA GLN A 294 12.07 1.91 -32.35
C GLN A 294 11.00 0.93 -32.79
N ILE A 295 9.87 1.44 -33.26
CA ILE A 295 8.76 0.57 -33.63
C ILE A 295 9.00 0.01 -35.03
N ASN A 296 8.88 -1.31 -35.15
CA ASN A 296 9.02 -2.01 -36.42
C ASN A 296 7.65 -2.40 -36.95
N VAL A 297 7.47 -2.25 -38.26
CA VAL A 297 6.17 -2.43 -38.91
C VAL A 297 6.26 -3.57 -39.93
N VAL A 298 5.24 -4.42 -39.92
CA VAL A 298 5.03 -5.41 -40.98
C VAL A 298 3.55 -5.33 -41.36
N ASP A 299 3.27 -4.89 -42.60
CA ASP A 299 1.91 -4.78 -43.12
C ASP A 299 1.54 -6.10 -43.79
N MET A 300 0.56 -6.80 -43.21
CA MET A 300 0.14 -8.11 -43.72
C MET A 300 -0.42 -8.00 -45.14
N ASN A 301 -1.09 -6.89 -45.45
CA ASN A 301 -1.70 -6.74 -46.76
C ASN A 301 -0.68 -6.48 -47.88
N LYS A 302 0.58 -6.23 -47.55
CA LYS A 302 1.61 -6.14 -48.57
C LYS A 302 2.17 -7.50 -48.99
N GLU A 303 1.62 -8.61 -48.49
CA GLU A 303 2.10 -9.94 -48.82
C GLU A 303 1.07 -10.67 -49.68
N ASP A 304 1.52 -11.76 -50.28
CA ASP A 304 0.64 -12.60 -51.11
C ASP A 304 -0.16 -13.52 -50.20
N LEU A 305 -1.33 -13.05 -49.78
CA LEU A 305 -2.14 -13.81 -48.84
C LEU A 305 -2.74 -15.09 -49.44
N ASP A 306 -2.63 -15.29 -50.76
CA ASP A 306 -3.08 -16.54 -51.35
C ASP A 306 -1.94 -17.55 -51.48
N SER A 307 -0.78 -17.24 -50.92
CA SER A 307 0.36 -18.14 -50.92
C SER A 307 0.03 -19.41 -50.11
N SER A 308 0.89 -20.42 -50.28
CA SER A 308 0.81 -21.67 -49.55
C SER A 308 1.92 -21.86 -48.53
N ASN A 309 2.84 -20.91 -48.43
CA ASN A 309 4.03 -21.08 -47.59
C ASN A 309 4.08 -19.98 -46.56
N LEU A 310 4.61 -20.31 -45.38
CA LEU A 310 4.81 -19.32 -44.35
C LEU A 310 5.69 -18.19 -44.87
N ILE A 311 5.33 -16.95 -44.53
CA ILE A 311 6.12 -15.77 -44.84
C ILE A 311 6.70 -15.24 -43.53
N THR A 312 8.04 -15.18 -43.43
CA THR A 312 8.70 -14.85 -42.17
C THR A 312 9.56 -13.58 -42.26
N TYR A 313 9.75 -12.94 -41.10
CA TYR A 313 10.56 -11.74 -40.97
C TYR A 313 11.30 -11.80 -39.65
N ASP A 314 12.57 -11.41 -39.66
CA ASP A 314 13.35 -11.39 -38.42
C ASP A 314 12.76 -10.38 -37.45
N MET A 315 12.79 -10.71 -36.16
CA MET A 315 12.55 -9.74 -35.11
C MET A 315 13.84 -8.96 -34.90
N LEU A 316 13.82 -7.67 -35.19
CA LEU A 316 15.01 -6.82 -35.06
C LEU A 316 15.12 -6.41 -33.61
N ASP A 317 16.00 -7.08 -32.85
CA ASP A 317 16.05 -6.91 -31.41
C ASP A 317 17.36 -6.29 -30.93
N LYS A 318 18.14 -5.68 -31.81
CA LYS A 318 19.38 -5.06 -31.40
C LYS A 318 19.22 -3.54 -31.40
N THR A 319 19.87 -2.89 -30.45
CA THR A 319 19.69 -1.46 -30.26
C THR A 319 20.19 -0.67 -31.48
N LYS A 320 19.31 0.16 -32.04
CA LYS A 320 19.60 0.97 -33.21
C LYS A 320 19.84 2.41 -32.77
N PHE A 321 21.04 2.92 -33.00
CA PHE A 321 21.41 4.27 -32.63
C PHE A 321 21.35 5.20 -33.84
N ASN A 322 20.94 6.44 -33.60
CA ASN A 322 20.91 7.45 -34.66
C ASN A 322 21.92 8.54 -34.32
N HIS A 323 23.03 8.57 -35.04
CA HIS A 323 24.08 9.55 -34.75
C HIS A 323 23.79 10.85 -35.47
N GLN A 324 23.79 11.94 -34.71
CA GLN A 324 23.35 13.23 -35.23
C GLN A 324 24.50 14.16 -35.61
N ASN A 325 25.75 13.81 -35.34
CA ASN A 325 26.88 14.67 -35.74
C ASN A 325 28.21 13.93 -35.95
N CYS B 2 -18.53 -7.05 9.91
CA CYS B 2 -18.54 -8.23 10.78
C CYS B 2 -17.27 -9.04 10.58
N THR B 3 -16.74 -9.59 11.68
CA THR B 3 -15.60 -10.50 11.63
C THR B 3 -15.90 -11.66 12.56
N SER B 4 -15.67 -12.88 12.09
CA SER B 4 -15.94 -14.07 12.89
C SER B 4 -14.74 -14.99 12.79
N ILE B 5 -14.35 -15.60 13.91
CA ILE B 5 -13.23 -16.53 13.94
C ILE B 5 -13.56 -17.71 14.84
N ILE B 6 -12.83 -18.80 14.64
CA ILE B 6 -12.58 -19.79 15.68
C ILE B 6 -11.10 -19.66 16.07
N PHE B 7 -10.84 -19.64 17.37
CA PHE B 7 -9.48 -19.49 17.90
C PHE B 7 -9.23 -20.70 18.79
N SER B 8 -8.17 -21.45 18.50
CA SER B 8 -7.98 -22.78 19.11
C SER B 8 -6.64 -22.92 19.84
N PRO B 9 -6.37 -22.08 20.84
CA PRO B 9 -5.10 -22.22 21.56
C PRO B 9 -5.00 -23.52 22.34
N LYS B 10 -6.09 -23.94 22.98
CA LYS B 10 -6.16 -25.15 23.79
C LYS B 10 -7.61 -25.62 23.79
N ASP B 11 -8.47 -24.92 24.52
CA ASP B 11 -9.88 -24.99 24.22
C ASP B 11 -10.14 -24.21 22.92
N HIS B 12 -11.40 -24.19 22.50
CA HIS B 12 -11.79 -23.62 21.22
C HIS B 12 -12.81 -22.53 21.45
N TYR B 13 -12.58 -21.36 20.86
CA TYR B 13 -13.39 -20.17 21.09
C TYR B 13 -13.95 -19.71 19.76
N PHE B 14 -15.28 -19.65 19.65
CA PHE B 14 -15.94 -19.20 18.43
C PHE B 14 -16.80 -17.98 18.74
N GLY B 15 -16.80 -17.02 17.82
CA GLY B 15 -17.60 -15.82 18.01
C GLY B 15 -17.36 -14.80 16.90
N ARG B 16 -17.77 -13.56 17.16
CA ARG B 16 -17.74 -12.55 16.11
C ARG B 16 -17.80 -11.14 16.69
N ASN B 17 -17.37 -10.18 15.86
CA ASN B 17 -17.77 -8.79 15.94
C ASN B 17 -19.03 -8.59 15.12
N LEU B 18 -19.99 -7.83 15.66
CA LEU B 18 -21.14 -7.39 14.90
C LEU B 18 -20.97 -5.92 14.58
N ASP B 19 -20.82 -5.60 13.28
CA ASP B 19 -20.55 -4.26 12.79
C ASP B 19 -21.79 -3.72 12.09
N LEU B 20 -22.51 -2.80 12.72
CA LEU B 20 -23.69 -2.18 12.13
C LEU B 20 -23.74 -0.71 12.52
N GLU B 21 -24.66 0.03 11.89
CA GLU B 21 -24.79 1.44 12.22
C GLU B 21 -25.86 1.74 13.27
N ILE B 22 -26.76 0.79 13.54
CA ILE B 22 -27.86 0.99 14.49
C ILE B 22 -27.93 -0.22 15.43
N THR B 23 -28.16 0.05 16.71
CA THR B 23 -27.99 -0.99 17.73
C THR B 23 -29.20 -1.89 17.90
N PHE B 24 -30.39 -1.45 17.50
CA PHE B 24 -31.62 -2.23 17.71
C PHE B 24 -31.79 -2.42 19.20
N GLY B 25 -31.82 -3.63 19.74
CA GLY B 25 -31.82 -3.81 21.18
C GLY B 25 -31.56 -5.25 21.60
N GLN B 26 -30.48 -5.83 21.08
CA GLN B 26 -30.26 -7.26 21.20
C GLN B 26 -29.97 -7.64 22.65
N GLN B 27 -30.07 -8.93 22.92
CA GLN B 27 -29.74 -9.42 24.25
C GLN B 27 -29.18 -10.84 24.14
N VAL B 28 -28.60 -11.29 25.26
CA VAL B 28 -28.12 -12.66 25.40
C VAL B 28 -29.32 -13.56 25.61
N VAL B 29 -29.43 -14.60 24.78
CA VAL B 29 -30.57 -15.50 24.85
C VAL B 29 -30.07 -16.93 24.91
N ILE B 30 -30.42 -17.64 25.98
CA ILE B 30 -30.29 -19.08 26.06
C ILE B 30 -31.62 -19.70 25.64
N THR B 31 -31.58 -20.52 24.59
CA THR B 31 -32.76 -21.28 24.18
C THR B 31 -32.63 -22.70 24.72
N PRO B 32 -33.45 -23.10 25.72
CA PRO B 32 -33.32 -24.46 26.29
C PRO B 32 -33.82 -25.54 25.36
N ARG B 33 -33.64 -26.80 25.75
CA ARG B 33 -33.88 -27.92 24.85
C ARG B 33 -35.34 -28.02 24.44
N ASN B 34 -36.27 -27.64 25.32
CA ASN B 34 -37.69 -27.85 25.07
C ASN B 34 -38.45 -26.56 24.79
N TYR B 35 -37.75 -25.54 24.31
CA TYR B 35 -38.41 -24.44 23.64
C TYR B 35 -38.63 -24.86 22.18
N THR B 36 -39.87 -24.74 21.70
CA THR B 36 -40.22 -25.24 20.37
C THR B 36 -39.80 -24.24 19.31
N PHE B 37 -38.96 -24.69 18.38
CA PHE B 37 -38.58 -23.90 17.20
C PHE B 37 -39.61 -24.14 16.10
N LYS B 38 -40.25 -23.08 15.64
CA LYS B 38 -41.21 -23.15 14.54
C LYS B 38 -40.53 -22.73 13.24
N PHE B 39 -40.91 -23.42 12.16
CA PHE B 39 -40.41 -23.12 10.83
C PHE B 39 -41.58 -22.89 9.89
N ARG B 40 -41.38 -22.03 8.90
CA ARG B 40 -42.46 -21.71 7.97
C ARG B 40 -42.82 -22.90 7.10
N LYS B 41 -41.84 -23.70 6.70
CA LYS B 41 -42.08 -24.77 5.73
C LYS B 41 -41.54 -26.13 6.19
N MET B 42 -41.32 -26.30 7.49
CA MET B 42 -40.91 -27.60 8.00
C MET B 42 -41.63 -27.87 9.32
N PRO B 43 -41.77 -29.15 9.69
CA PRO B 43 -42.33 -29.48 11.00
C PRO B 43 -41.51 -28.85 12.13
N SER B 44 -42.20 -28.50 13.21
CA SER B 44 -41.55 -27.88 14.35
C SER B 44 -40.48 -28.80 14.95
N LEU B 45 -39.49 -28.18 15.61
CA LEU B 45 -38.43 -28.88 16.34
C LEU B 45 -38.75 -28.76 17.81
N LYS B 46 -39.48 -29.74 18.35
CA LYS B 46 -39.99 -29.63 19.72
C LYS B 46 -38.94 -29.95 20.77
N LYS B 47 -37.95 -30.78 20.45
CA LYS B 47 -36.80 -30.99 21.30
C LYS B 47 -35.55 -30.85 20.46
N HIS B 48 -34.52 -30.22 21.02
CA HIS B 48 -33.34 -29.83 20.25
C HIS B 48 -32.23 -29.48 21.23
N TYR B 49 -31.01 -29.30 20.71
CA TYR B 49 -29.89 -28.92 21.56
C TYR B 49 -30.09 -27.51 22.10
N ALA B 50 -29.66 -27.30 23.34
CA ALA B 50 -29.65 -25.97 23.92
C ALA B 50 -28.58 -25.11 23.26
N MET B 51 -28.79 -23.80 23.24
CA MET B 51 -27.85 -22.89 22.59
C MET B 51 -27.87 -21.52 23.25
N ILE B 52 -26.77 -20.79 23.07
CA ILE B 52 -26.59 -19.46 23.64
C ILE B 52 -25.97 -18.54 22.59
N GLY B 53 -26.38 -17.27 22.60
CA GLY B 53 -25.89 -16.31 21.63
C GLY B 53 -26.64 -15.00 21.76
N ILE B 54 -26.32 -14.08 20.84
CA ILE B 54 -26.96 -12.78 20.80
C ILE B 54 -28.13 -12.81 19.83
N SER B 55 -29.26 -12.25 20.26
CA SER B 55 -30.48 -12.31 19.48
C SER B 55 -31.25 -11.01 19.62
N LEU B 56 -31.88 -10.57 18.53
CA LEU B 56 -33.06 -9.74 18.69
C LEU B 56 -34.16 -10.56 19.33
N ASP B 57 -35.15 -9.91 19.93
CA ASP B 57 -36.32 -10.66 20.35
C ASP B 57 -37.56 -10.05 19.72
N MET B 58 -38.33 -10.90 19.03
CA MET B 58 -39.46 -10.50 18.21
C MET B 58 -40.60 -11.43 18.62
N ASP B 59 -41.38 -10.97 19.61
CA ASP B 59 -42.38 -11.74 20.34
C ASP B 59 -42.02 -13.23 20.44
N ASP B 60 -41.20 -13.55 21.43
CA ASP B 60 -40.89 -14.90 21.89
C ASP B 60 -40.06 -15.72 20.89
N TYR B 61 -39.72 -15.17 19.69
CA TYR B 61 -38.89 -15.98 18.81
C TYR B 61 -37.45 -15.49 18.83
N PRO B 62 -36.47 -16.37 19.08
CA PRO B 62 -35.06 -15.94 19.09
C PRO B 62 -34.56 -15.77 17.66
N LEU B 63 -34.19 -14.54 17.31
CA LEU B 63 -33.56 -14.26 16.02
C LEU B 63 -32.06 -14.03 16.27
N TYR B 64 -31.30 -15.11 16.20
CA TYR B 64 -29.88 -15.05 16.55
C TYR B 64 -29.05 -14.37 15.46
N PHE B 65 -28.15 -13.51 15.90
CA PHE B 65 -27.06 -13.06 15.03
C PHE B 65 -25.99 -14.15 14.91
N ASP B 66 -25.76 -14.87 16.00
CA ASP B 66 -24.76 -15.93 16.12
C ASP B 66 -25.14 -16.73 17.36
N ALA B 67 -24.75 -18.00 17.38
CA ALA B 67 -25.00 -18.79 18.59
C ALA B 67 -24.08 -20.01 18.59
N THR B 68 -24.10 -20.72 19.73
CA THR B 68 -23.32 -21.93 19.93
C THR B 68 -24.16 -22.89 20.75
N ASN B 69 -24.19 -24.17 20.36
CA ASN B 69 -25.05 -25.10 21.09
C ASN B 69 -24.25 -25.86 22.14
N GLU B 70 -24.96 -26.68 22.91
CA GLU B 70 -24.35 -27.36 24.05
C GLU B 70 -23.39 -28.46 23.63
N LYS B 71 -23.35 -28.80 22.34
CA LYS B 71 -22.43 -29.82 21.85
C LYS B 71 -21.14 -29.23 21.30
N GLY B 72 -20.96 -27.91 21.40
CA GLY B 72 -19.76 -27.26 20.90
C GLY B 72 -19.77 -26.91 19.43
N LEU B 73 -20.94 -26.77 18.82
CA LEU B 73 -21.07 -26.31 17.44
C LEU B 73 -21.52 -24.86 17.46
N GLY B 74 -20.82 -24.02 16.70
CA GLY B 74 -21.10 -22.59 16.68
C GLY B 74 -21.38 -22.11 15.27
N MET B 75 -22.15 -21.03 15.17
CA MET B 75 -22.63 -20.54 13.89
C MET B 75 -22.87 -19.03 13.98
N ALA B 76 -22.53 -18.30 12.92
CA ALA B 76 -22.66 -16.84 12.92
C ALA B 76 -23.09 -16.34 11.54
N GLY B 77 -24.10 -15.48 11.52
CA GLY B 77 -24.52 -14.82 10.30
C GLY B 77 -23.86 -13.45 10.15
N LEU B 78 -23.19 -13.23 9.03
CA LEU B 78 -22.36 -12.06 8.77
C LEU B 78 -22.86 -11.39 7.50
N ASN B 79 -22.87 -10.06 7.48
CA ASN B 79 -23.46 -9.36 6.35
C ASN B 79 -22.74 -9.70 5.05
N TYR B 80 -23.52 -9.86 3.99
CA TYR B 80 -23.06 -10.36 2.69
C TYR B 80 -23.79 -9.52 1.63
N PRO B 81 -23.59 -8.19 1.65
CA PRO B 81 -24.55 -7.29 1.00
C PRO B 81 -24.47 -7.36 -0.52
N GLY B 82 -25.64 -7.45 -1.16
CA GLY B 82 -25.77 -7.56 -2.59
C GLY B 82 -25.43 -8.93 -3.14
N ASN B 83 -24.82 -9.80 -2.34
CA ASN B 83 -24.30 -11.08 -2.78
C ASN B 83 -25.23 -12.23 -2.46
N ALA B 84 -25.97 -12.12 -1.36
CA ALA B 84 -26.79 -13.23 -0.89
C ALA B 84 -28.04 -13.40 -1.75
N THR B 85 -28.25 -14.63 -2.20
CA THR B 85 -29.45 -15.02 -2.93
C THR B 85 -30.15 -16.12 -2.14
N TYR B 86 -31.43 -15.91 -1.84
CA TYR B 86 -32.27 -16.96 -1.28
C TYR B 86 -33.23 -17.43 -2.36
N TYR B 87 -33.60 -18.71 -2.29
CA TYR B 87 -34.12 -19.42 -3.45
C TYR B 87 -35.62 -19.69 -3.34
N GLU B 88 -36.23 -19.94 -4.50
CA GLU B 88 -37.59 -20.47 -4.53
C GLU B 88 -37.64 -21.80 -3.80
N GLU B 89 -38.82 -22.12 -3.26
CA GLU B 89 -38.99 -23.39 -2.57
C GLU B 89 -38.77 -24.55 -3.53
N LYS B 90 -38.18 -25.63 -3.00
CA LYS B 90 -37.91 -26.83 -3.78
C LYS B 90 -38.67 -28.00 -3.18
N GLU B 91 -39.28 -28.80 -4.06
CA GLU B 91 -40.14 -29.89 -3.64
C GLU B 91 -39.37 -31.03 -3.00
N ASN B 92 -38.06 -31.07 -3.17
CA ASN B 92 -37.25 -32.19 -2.70
C ASN B 92 -36.28 -31.81 -1.59
N LYS B 93 -36.49 -30.66 -0.93
CA LYS B 93 -35.53 -30.13 0.03
C LYS B 93 -36.26 -29.64 1.28
N ASP B 94 -35.53 -29.58 2.39
CA ASP B 94 -35.96 -28.84 3.56
C ASP B 94 -35.85 -27.35 3.25
N ASN B 95 -36.97 -26.67 3.08
CA ASN B 95 -36.98 -25.25 2.76
C ASN B 95 -36.95 -24.46 4.06
N ILE B 96 -35.82 -23.79 4.32
CA ILE B 96 -35.52 -23.13 5.59
C ILE B 96 -35.21 -21.67 5.32
N ALA B 97 -35.82 -20.78 6.08
CA ALA B 97 -35.56 -19.36 5.88
C ALA B 97 -34.16 -18.98 6.39
N SER B 98 -33.60 -17.91 5.82
CA SER B 98 -32.29 -17.45 6.25
C SER B 98 -32.26 -17.08 7.73
N PHE B 99 -33.38 -16.60 8.28
CA PHE B 99 -33.48 -16.31 9.70
C PHE B 99 -33.82 -17.55 10.53
N GLU B 100 -34.23 -18.66 9.89
CA GLU B 100 -34.39 -19.93 10.58
C GLU B 100 -33.13 -20.78 10.56
N PHE B 101 -32.08 -20.32 9.86
CA PHE B 101 -30.92 -21.17 9.54
C PHE B 101 -30.15 -21.58 10.80
N ILE B 102 -29.87 -20.64 11.70
CA ILE B 102 -29.12 -20.98 12.90
C ILE B 102 -29.87 -21.98 13.80
N PRO B 103 -31.14 -21.75 14.15
CA PRO B 103 -31.86 -22.80 14.92
C PRO B 103 -31.91 -24.15 14.21
N TRP B 104 -32.09 -24.15 12.89
CA TRP B 104 -32.20 -25.39 12.15
C TRP B 104 -30.93 -26.21 12.28
N ILE B 105 -29.77 -25.57 12.12
CA ILE B 105 -28.49 -26.28 12.18
C ILE B 105 -28.12 -26.59 13.63
N LEU B 106 -28.06 -25.57 14.47
CA LEU B 106 -27.57 -25.79 15.83
C LEU B 106 -28.56 -26.59 16.67
N GLY B 107 -29.85 -26.58 16.31
CA GLY B 107 -30.81 -27.42 16.99
C GLY B 107 -30.58 -28.91 16.82
N GLN B 108 -30.05 -29.33 15.65
CA GLN B 108 -30.00 -30.76 15.30
C GLN B 108 -28.61 -31.34 15.08
N CYS B 109 -27.55 -30.54 14.93
CA CYS B 109 -26.22 -31.06 14.63
C CYS B 109 -25.25 -30.79 15.78
N SER B 110 -24.28 -31.70 15.94
CA SER B 110 -23.27 -31.56 16.96
C SER B 110 -21.86 -31.43 16.40
N THR B 111 -21.65 -31.71 15.12
CA THR B 111 -20.33 -31.71 14.51
C THR B 111 -20.44 -31.15 13.09
N ILE B 112 -19.28 -30.80 12.53
CA ILE B 112 -19.26 -30.29 11.16
C ILE B 112 -19.75 -31.35 10.19
N SER B 113 -19.40 -32.61 10.43
CA SER B 113 -19.85 -33.68 9.54
C SER B 113 -21.38 -33.82 9.57
N GLU B 114 -21.97 -33.75 10.76
CA GLU B 114 -23.43 -33.72 10.82
C GLU B 114 -24.00 -32.50 10.10
N VAL B 115 -23.33 -31.33 10.24
CA VAL B 115 -23.78 -30.13 9.51
C VAL B 115 -23.79 -30.39 8.02
N LYS B 116 -22.70 -30.98 7.51
CA LYS B 116 -22.59 -31.25 6.08
C LYS B 116 -23.65 -32.23 5.59
N ASP B 117 -24.06 -33.18 6.44
CA ASP B 117 -25.14 -34.09 6.04
C ASP B 117 -26.48 -33.36 5.96
N LEU B 118 -26.77 -32.50 6.92
CA LEU B 118 -28.03 -31.76 6.90
C LEU B 118 -28.10 -30.78 5.73
N LEU B 119 -27.00 -30.05 5.49
CA LEU B 119 -26.96 -29.10 4.37
C LEU B 119 -27.21 -29.78 3.04
N SER B 120 -26.94 -31.09 2.92
CA SER B 120 -27.20 -31.80 1.66
C SER B 120 -28.69 -31.89 1.36
N ARG B 121 -29.56 -31.69 2.36
CA ARG B 121 -31.00 -31.72 2.14
CA ARG B 121 -31.01 -31.73 2.27
C ARG B 121 -31.64 -30.34 2.26
N ILE B 122 -30.86 -29.27 2.39
CA ILE B 122 -31.42 -27.95 2.68
C ILE B 122 -31.62 -27.11 1.42
N ASN B 123 -32.58 -26.19 1.51
CA ASN B 123 -32.78 -25.12 0.53
C ASN B 123 -33.07 -23.85 1.33
N ILE B 124 -32.13 -22.91 1.34
CA ILE B 124 -32.31 -21.60 1.97
C ILE B 124 -33.28 -20.78 1.13
N ALA B 125 -34.53 -20.67 1.56
CA ALA B 125 -35.59 -20.13 0.73
C ALA B 125 -35.86 -18.66 1.01
N ASP B 126 -36.42 -17.99 -0.01
CA ASP B 126 -36.67 -16.54 0.03
C ASP B 126 -37.96 -16.24 0.79
N LEU B 127 -37.88 -16.42 2.11
CA LEU B 127 -38.99 -16.13 3.02
C LEU B 127 -38.61 -14.98 3.95
N ASN B 128 -39.43 -13.94 3.98
CA ASN B 128 -39.19 -12.83 4.89
C ASN B 128 -39.93 -13.04 6.21
N PHE B 129 -39.34 -12.51 7.28
CA PHE B 129 -39.91 -12.72 8.61
C PHE B 129 -41.26 -12.04 8.74
N SER B 130 -41.45 -10.88 8.09
CA SER B 130 -42.72 -10.17 8.17
C SER B 130 -42.81 -9.22 7.00
N GLU B 131 -44.03 -8.75 6.72
CA GLU B 131 -44.30 -8.00 5.49
C GLU B 131 -43.35 -6.80 5.35
N LYS B 132 -43.14 -6.05 6.43
CA LYS B 132 -42.31 -4.86 6.38
C LYS B 132 -40.95 -5.09 7.03
N MET B 133 -40.44 -6.32 6.99
CA MET B 133 -39.09 -6.61 7.45
C MET B 133 -38.49 -7.66 6.50
N GLN B 134 -37.82 -7.17 5.46
CA GLN B 134 -37.14 -8.05 4.54
C GLN B 134 -36.01 -8.78 5.24
N ALA B 135 -35.72 -9.99 4.77
CA ALA B 135 -34.59 -10.76 5.27
C ALA B 135 -33.28 -10.04 4.98
N SER B 136 -32.35 -10.10 5.93
CA SER B 136 -31.02 -9.53 5.73
C SER B 136 -30.18 -10.47 4.86
N SER B 137 -29.21 -9.88 4.16
CA SER B 137 -28.34 -10.59 3.25
C SER B 137 -27.13 -11.09 4.03
N LEU B 138 -26.98 -12.42 4.15
CA LEU B 138 -25.99 -13.02 5.03
C LEU B 138 -25.26 -14.16 4.34
N HIS B 139 -24.05 -14.43 4.84
CA HIS B 139 -23.36 -15.71 4.69
C HIS B 139 -22.88 -16.12 6.08
N TRP B 140 -22.52 -17.41 6.23
CA TRP B 140 -22.35 -17.98 7.57
C TRP B 140 -20.98 -18.64 7.72
N LEU B 141 -20.42 -18.48 8.91
CA LEU B 141 -19.28 -19.26 9.37
C LEU B 141 -19.77 -20.26 10.42
N ILE B 142 -19.36 -21.53 10.29
CA ILE B 142 -19.76 -22.59 11.20
C ILE B 142 -18.48 -23.30 11.64
N ALA B 143 -18.40 -23.62 12.94
CA ALA B 143 -17.21 -24.27 13.49
C ALA B 143 -17.63 -25.16 14.66
N ASP B 144 -16.83 -26.21 14.92
CA ASP B 144 -17.05 -27.05 16.09
C ASP B 144 -15.77 -27.16 16.90
N LYS B 145 -15.85 -27.90 18.02
CA LYS B 145 -14.74 -28.04 18.98
C LYS B 145 -13.55 -28.83 18.44
N THR B 146 -13.60 -29.39 17.23
CA THR B 146 -12.38 -29.96 16.69
C THR B 146 -11.45 -28.88 16.13
N GLY B 147 -11.91 -27.62 16.08
CA GLY B 147 -11.19 -26.55 15.43
C GLY B 147 -11.60 -26.33 13.98
N THR B 148 -12.37 -27.24 13.40
CA THR B 148 -12.73 -27.21 11.99
C THR B 148 -13.87 -26.22 11.74
N SER B 149 -13.82 -25.53 10.59
CA SER B 149 -14.84 -24.55 10.24
C SER B 149 -15.19 -24.67 8.76
N LEU B 150 -16.35 -24.15 8.40
CA LEU B 150 -16.76 -24.09 7.00
C LEU B 150 -17.60 -22.85 6.75
N VAL B 151 -17.67 -22.46 5.48
CA VAL B 151 -18.39 -21.26 5.05
C VAL B 151 -19.59 -21.69 4.21
N VAL B 152 -20.74 -21.08 4.47
CA VAL B 152 -21.93 -21.29 3.65
C VAL B 152 -22.24 -19.97 2.96
N GLU B 153 -22.27 -20.01 1.63
CA GLU B 153 -22.63 -18.84 0.84
C GLU B 153 -23.69 -19.27 -0.16
N THR B 154 -24.80 -18.52 -0.20
CA THR B 154 -25.88 -18.80 -1.15
C THR B 154 -25.81 -17.73 -2.25
N ASP B 155 -25.24 -18.09 -3.38
CA ASP B 155 -25.02 -17.18 -4.49
C ASP B 155 -26.09 -17.41 -5.57
N LYS B 156 -26.04 -16.57 -6.62
CA LYS B 156 -27.08 -16.63 -7.65
C LYS B 156 -27.16 -18.00 -8.29
N ASP B 157 -26.03 -18.67 -8.44
CA ASP B 157 -26.00 -19.98 -9.08
C ASP B 157 -26.03 -21.14 -8.08
N GLY B 158 -26.36 -20.90 -6.82
CA GLY B 158 -26.58 -21.97 -5.87
C GLY B 158 -25.83 -21.77 -4.56
N MET B 159 -26.14 -22.65 -3.61
CA MET B 159 -25.43 -22.67 -2.34
C MET B 159 -24.04 -23.27 -2.54
N HIS B 160 -23.02 -22.63 -1.96
CA HIS B 160 -21.67 -23.18 -2.01
C HIS B 160 -21.13 -23.31 -0.61
N ILE B 161 -20.55 -24.47 -0.34
CA ILE B 161 -20.02 -24.83 0.97
C ILE B 161 -18.51 -25.00 0.84
N TYR B 162 -17.74 -24.36 1.70
CA TYR B 162 -16.28 -24.41 1.62
C TYR B 162 -15.68 -24.77 2.96
N ASP B 163 -14.71 -25.68 2.96
CA ASP B 163 -13.85 -25.84 4.13
C ASP B 163 -13.04 -24.57 4.31
N ASN B 164 -12.86 -24.15 5.56
CA ASN B 164 -12.24 -22.87 5.84
C ASN B 164 -10.90 -23.11 6.51
N PRO B 165 -9.79 -23.05 5.77
CA PRO B 165 -8.49 -23.42 6.35
C PRO B 165 -7.92 -22.37 7.28
N VAL B 166 -8.51 -21.17 7.34
CA VAL B 166 -7.99 -20.13 8.21
C VAL B 166 -8.94 -19.79 9.34
N GLY B 167 -10.14 -20.35 9.34
CA GLY B 167 -11.07 -20.14 10.44
C GLY B 167 -11.47 -18.69 10.64
N CYS B 168 -11.59 -17.93 9.54
CA CYS B 168 -11.91 -16.50 9.57
C CYS B 168 -12.96 -16.19 8.53
N LEU B 169 -13.85 -15.24 8.84
CA LEU B 169 -14.78 -14.75 7.83
C LEU B 169 -15.08 -13.28 8.10
N THR B 170 -15.29 -12.53 7.03
CA THR B 170 -15.81 -11.17 7.15
C THR B 170 -17.04 -11.00 6.26
N ASN B 171 -17.00 -10.07 5.31
CA ASN B 171 -18.17 -9.81 4.48
C ASN B 171 -17.88 -10.15 3.02
N ASN B 172 -18.13 -9.23 2.07
CA ASN B 172 -17.83 -9.50 0.66
C ASN B 172 -16.31 -9.48 0.43
N PRO B 173 -15.83 -10.14 -0.64
CA PRO B 173 -16.55 -10.88 -1.68
C PRO B 173 -16.77 -12.35 -1.32
N GLN B 174 -17.16 -13.17 -2.30
CA GLN B 174 -17.29 -14.61 -2.10
C GLN B 174 -16.00 -15.18 -1.52
N PHE B 175 -16.15 -16.26 -0.74
CA PHE B 175 -15.01 -16.80 0.00
C PHE B 175 -13.81 -17.17 -0.85
N PRO B 176 -13.94 -17.82 -2.03
CA PRO B 176 -12.74 -18.10 -2.83
C PRO B 176 -11.87 -16.88 -3.10
N LYS B 177 -12.47 -15.71 -3.38
CA LYS B 177 -11.67 -14.52 -3.65
C LYS B 177 -11.12 -13.92 -2.36
N GLN B 178 -11.92 -13.94 -1.29
CA GLN B 178 -11.45 -13.46 0.01
C GLN B 178 -10.23 -14.25 0.47
N LEU B 179 -10.34 -15.58 0.45
CA LEU B 179 -9.23 -16.44 0.88
C LEU B 179 -7.99 -16.23 0.02
N PHE B 180 -8.15 -16.23 -1.30
CA PHE B 180 -6.98 -16.15 -2.17
C PHE B 180 -6.23 -14.83 -1.99
N ASN B 181 -6.95 -13.77 -1.67
CA ASN B 181 -6.32 -12.47 -1.46
C ASN B 181 -5.28 -12.51 -0.33
N LEU B 182 -5.42 -13.44 0.62
CA LEU B 182 -4.42 -13.62 1.67
C LEU B 182 -3.03 -13.82 1.09
N ASN B 183 -2.93 -14.41 -0.10
CA ASN B 183 -1.62 -14.71 -0.69
C ASN B 183 -0.81 -13.45 -0.98
N ASN B 184 -1.45 -12.30 -1.07
CA ASN B 184 -0.73 -11.07 -1.36
C ASN B 184 0.01 -10.53 -0.14
N TYR B 185 -0.06 -11.19 1.01
CA TYR B 185 0.50 -10.66 2.24
C TYR B 185 1.50 -11.62 2.90
N ALA B 186 2.10 -12.54 2.12
CA ALA B 186 3.03 -13.50 2.69
C ALA B 186 4.16 -12.81 3.45
N ASP B 187 4.64 -11.68 2.94
CA ASP B 187 5.79 -11.03 3.56
C ASP B 187 5.46 -10.20 4.79
N VAL B 188 4.17 -9.93 5.07
CA VAL B 188 3.83 -9.22 6.31
C VAL B 188 4.30 -10.04 7.49
N SER B 189 5.07 -9.42 8.39
CA SER B 189 5.87 -10.16 9.34
C SER B 189 5.87 -9.51 10.72
N PRO B 190 5.91 -10.33 11.77
CA PRO B 190 6.18 -9.77 13.11
C PRO B 190 7.63 -9.32 13.30
N LYS B 191 8.55 -9.80 12.47
CA LYS B 191 9.98 -9.55 12.60
C LYS B 191 10.40 -8.44 11.64
N MET B 192 11.49 -7.76 12.01
CA MET B 192 12.05 -6.72 11.15
C MET B 192 12.43 -7.29 9.78
N PRO B 193 12.25 -6.53 8.71
CA PRO B 193 12.55 -7.07 7.37
C PRO B 193 14.04 -7.17 7.10
N LYS B 194 14.40 -8.09 6.21
CA LYS B 194 15.74 -8.03 5.65
C LYS B 194 15.77 -6.98 4.55
N ASN B 195 16.95 -6.42 4.29
CA ASN B 195 17.14 -5.48 3.20
C ASN B 195 17.27 -6.29 1.92
N ASN B 196 16.15 -6.49 1.23
CA ASN B 196 16.13 -7.12 -0.08
C ASN B 196 16.13 -6.12 -1.23
N PHE B 197 15.93 -4.84 -0.91
CA PHE B 197 15.88 -3.79 -1.92
C PHE B 197 17.20 -3.72 -2.67
N SER B 198 18.31 -3.58 -1.93
CA SER B 198 19.67 -3.69 -2.45
C SER B 198 20.66 -3.47 -1.33
N ASP B 199 21.73 -4.28 -1.28
CA ASP B 199 22.74 -4.06 -0.23
C ASP B 199 23.72 -2.95 -0.57
N LYS B 200 23.60 -2.33 -1.74
CA LYS B 200 24.32 -1.08 -1.99
C LYS B 200 23.61 0.12 -1.40
N VAL B 201 22.41 -0.08 -0.85
CA VAL B 201 21.59 0.97 -0.26
C VAL B 201 21.48 0.68 1.23
N ASN B 202 21.79 1.68 2.05
CA ASN B 202 21.74 1.46 3.49
C ASN B 202 20.31 1.68 4.00
N MET B 203 19.64 0.60 4.42
CA MET B 203 18.27 0.65 4.92
C MET B 203 18.29 0.63 6.44
N ALA B 204 17.85 1.72 7.07
CA ALA B 204 17.88 1.84 8.52
C ALA B 204 16.62 1.21 9.12
N GLY B 205 16.80 0.26 10.03
CA GLY B 205 15.67 -0.36 10.69
C GLY B 205 15.16 0.55 11.80
N TYR B 206 14.61 1.69 11.41
CA TYR B 206 14.40 2.81 12.33
C TYR B 206 13.24 2.60 13.29
N SER B 207 12.37 1.61 13.05
CA SER B 207 11.28 1.39 13.97
C SER B 207 11.05 -0.10 14.16
N ARG B 208 10.87 -0.50 15.41
CA ARG B 208 10.32 -1.82 15.68
C ARG B 208 8.94 -1.95 15.03
N GLY B 209 8.62 -3.14 14.57
CA GLY B 209 7.34 -3.37 13.92
C GLY B 209 7.33 -3.09 12.42
N LEU B 210 8.45 -2.64 11.83
CA LEU B 210 8.46 -2.39 10.39
C LEU B 210 8.12 -3.64 9.57
N GLY B 211 8.23 -4.83 10.17
CA GLY B 211 7.80 -6.04 9.50
C GLY B 211 6.31 -6.05 9.12
N SER B 212 5.47 -5.37 9.88
CA SER B 212 4.04 -5.31 9.59
C SER B 212 3.62 -4.01 8.88
N HIS B 213 4.58 -3.24 8.36
CA HIS B 213 4.29 -1.97 7.68
C HIS B 213 3.16 -2.07 6.66
N ASN B 214 2.95 -3.23 6.05
CA ASN B 214 1.93 -3.39 5.01
C ASN B 214 0.72 -4.21 5.48
N LEU B 215 0.61 -4.45 6.78
CA LEU B 215 -0.62 -4.97 7.32
C LEU B 215 -1.75 -3.98 7.02
N PRO B 216 -2.83 -4.40 6.37
CA PRO B 216 -3.96 -3.48 6.13
C PRO B 216 -4.60 -3.01 7.43
N GLY B 217 -4.83 -1.70 7.52
CA GLY B 217 -5.51 -1.12 8.65
C GLY B 217 -6.94 -0.64 8.42
N GLY B 218 -7.49 -0.84 7.24
CA GLY B 218 -8.78 -0.28 6.90
C GLY B 218 -9.98 -0.93 7.60
N MET B 219 -11.10 -0.23 7.51
CA MET B 219 -12.36 -0.70 8.05
C MET B 219 -13.07 -1.68 7.15
N ASP B 220 -12.62 -1.84 5.90
CA ASP B 220 -13.34 -2.60 4.90
C ASP B 220 -13.17 -4.10 5.10
N SER B 221 -13.97 -4.85 4.33
CA SER B 221 -14.11 -6.29 4.53
C SER B 221 -12.81 -7.03 4.26
N GLU B 222 -12.11 -6.69 3.18
CA GLU B 222 -10.89 -7.44 2.86
C GLU B 222 -9.76 -7.09 3.84
N SER B 223 -9.68 -5.81 4.24
CA SER B 223 -8.65 -5.39 5.19
C SER B 223 -8.83 -6.11 6.52
N ARG B 224 -10.07 -6.19 7.01
CA ARG B 224 -10.29 -6.87 8.29
C ARG B 224 -10.05 -8.37 8.18
N PHE B 225 -10.36 -8.99 7.03
CA PHE B 225 -10.06 -10.41 6.86
C PHE B 225 -8.57 -10.67 7.01
N VAL B 226 -7.75 -9.87 6.33
CA VAL B 226 -6.30 -10.05 6.39
C VAL B 226 -5.80 -9.74 7.79
N ARG B 227 -6.30 -8.65 8.38
CA ARG B 227 -5.80 -8.22 9.68
C ARG B 227 -6.19 -9.21 10.79
N VAL B 228 -7.44 -9.69 10.79
CA VAL B 228 -7.81 -10.66 11.84
C VAL B 228 -7.04 -11.96 11.67
N ALA B 229 -6.67 -12.33 10.44
CA ALA B 229 -5.91 -13.56 10.24
C ALA B 229 -4.49 -13.40 10.75
N PHE B 230 -3.85 -12.27 10.45
CA PHE B 230 -2.51 -12.00 10.98
C PHE B 230 -2.52 -11.99 12.50
N ASN B 231 -3.54 -11.36 13.10
CA ASN B 231 -3.65 -11.33 14.56
C ASN B 231 -3.91 -12.71 15.15
N LYS B 232 -4.71 -13.52 14.46
CA LYS B 232 -5.14 -14.81 15.00
C LYS B 232 -3.98 -15.82 15.00
N PHE B 233 -3.22 -15.88 13.93
CA PHE B 233 -2.17 -16.86 13.79
C PHE B 233 -0.84 -16.42 14.41
N ASN B 234 -0.71 -15.16 14.83
CA ASN B 234 0.47 -14.75 15.57
C ASN B 234 0.18 -14.48 17.04
N ALA B 235 -1.05 -14.68 17.49
CA ALA B 235 -1.42 -14.51 18.87
C ALA B 235 -0.76 -15.58 19.75
N PRO B 236 -0.39 -15.23 20.98
CA PRO B 236 0.24 -16.22 21.86
C PRO B 236 -0.76 -17.27 22.28
N ILE B 237 -0.22 -18.44 22.64
CA ILE B 237 -1.02 -19.57 23.10
C ILE B 237 -0.66 -19.84 24.55
N ALA B 238 -1.67 -20.01 25.39
CA ALA B 238 -1.48 -20.13 26.83
C ALA B 238 -2.23 -21.36 27.35
N GLU B 239 -2.09 -21.62 28.66
CA GLU B 239 -2.63 -22.83 29.26
C GLU B 239 -3.97 -22.62 29.94
N THR B 240 -4.29 -21.42 30.35
CA THR B 240 -5.46 -21.16 31.18
C THR B 240 -6.55 -20.44 30.38
N GLU B 241 -7.76 -20.48 30.95
CA GLU B 241 -8.93 -19.87 30.31
C GLU B 241 -8.82 -18.35 30.31
N GLU B 242 -8.48 -17.75 31.47
CA GLU B 242 -8.36 -16.30 31.57
C GLU B 242 -7.41 -15.75 30.51
N GLU B 243 -6.25 -16.41 30.32
CA GLU B 243 -5.24 -15.93 29.38
C GLU B 243 -5.70 -16.07 27.93
N ASN B 244 -6.33 -17.20 27.61
CA ASN B 244 -6.71 -17.45 26.22
C ASN B 244 -7.92 -16.62 25.81
N ILE B 245 -8.87 -16.39 26.72
CA ILE B 245 -9.99 -15.51 26.38
C ILE B 245 -9.55 -14.05 26.31
N ASP B 246 -8.54 -13.65 27.09
CA ASP B 246 -7.92 -12.32 26.94
C ASP B 246 -7.31 -12.17 25.55
N THR B 247 -6.51 -13.15 25.13
CA THR B 247 -5.97 -13.13 23.78
C THR B 247 -7.09 -13.08 22.74
N TYR B 248 -8.17 -13.83 22.96
CA TYR B 248 -9.25 -13.92 21.98
C TYR B 248 -9.87 -12.56 21.69
N PHE B 249 -10.08 -11.74 22.72
CA PHE B 249 -10.69 -10.45 22.49
C PHE B 249 -9.71 -9.43 21.91
N HIS B 250 -8.41 -9.58 22.18
CA HIS B 250 -7.42 -8.78 21.47
C HIS B 250 -7.45 -9.04 19.97
N ILE B 251 -7.68 -10.30 19.57
CA ILE B 251 -7.83 -10.62 18.15
C ILE B 251 -9.03 -9.91 17.55
N LEU B 252 -10.21 -10.04 18.19
CA LEU B 252 -11.39 -9.39 17.65
C LEU B 252 -11.29 -7.87 17.72
N HIS B 253 -10.72 -7.33 18.79
CA HIS B 253 -10.63 -5.88 18.90
C HIS B 253 -9.63 -5.29 17.91
N SER B 254 -8.68 -6.08 17.43
CA SER B 254 -7.74 -5.59 16.44
C SER B 254 -8.41 -5.24 15.11
N VAL B 255 -9.64 -5.72 14.87
CA VAL B 255 -10.43 -5.41 13.69
C VAL B 255 -11.73 -4.68 14.05
N GLU B 256 -11.78 -4.10 15.24
CA GLU B 256 -12.93 -3.27 15.60
C GLU B 256 -13.03 -2.08 14.64
N GLN B 257 -14.26 -1.74 14.25
CA GLN B 257 -14.52 -0.54 13.47
C GLN B 257 -14.84 0.60 14.44
N GLN B 258 -13.98 1.60 14.49
CA GLN B 258 -14.18 2.72 15.40
C GLN B 258 -15.26 3.64 14.84
N LYS B 259 -16.08 4.18 15.73
CA LYS B 259 -17.09 5.15 15.32
C LYS B 259 -16.47 6.35 14.59
N GLY B 260 -17.06 6.70 13.44
CA GLY B 260 -16.58 7.81 12.64
C GLY B 260 -15.66 7.43 11.51
N LEU B 261 -15.22 6.17 11.45
CA LEU B 261 -14.26 5.75 10.45
C LEU B 261 -14.87 5.06 9.26
N ASP B 262 -16.11 4.57 9.38
CA ASP B 262 -16.84 3.89 8.31
C ASP B 262 -18.20 4.59 8.21
N GLU B 263 -18.26 5.61 7.37
CA GLU B 263 -19.48 6.39 7.17
C GLU B 263 -20.34 5.73 6.10
N VAL B 264 -21.56 5.38 6.49
CA VAL B 264 -22.50 4.78 5.56
C VAL B 264 -23.60 5.74 5.16
N GLY B 265 -23.67 6.90 5.80
CA GLY B 265 -24.64 7.91 5.49
C GLY B 265 -24.36 9.14 6.32
N PRO B 266 -25.11 10.22 6.06
CA PRO B 266 -24.89 11.46 6.83
C PRO B 266 -25.04 11.22 8.33
N ASN B 267 -23.96 11.51 9.07
CA ASN B 267 -23.92 11.35 10.53
C ASN B 267 -24.32 9.94 10.97
N SER B 268 -24.04 8.93 10.13
CA SER B 268 -24.40 7.55 10.42
C SER B 268 -23.20 6.68 10.10
N PHE B 269 -22.69 5.97 11.11
CA PHE B 269 -21.45 5.22 10.96
C PHE B 269 -21.67 3.77 11.37
N GLU B 270 -21.05 2.86 10.62
CA GLU B 270 -20.99 1.46 11.00
C GLU B 270 -19.84 1.25 11.98
N TYR B 271 -20.12 0.58 13.10
CA TYR B 271 -19.12 0.36 14.14
C TYR B 271 -19.36 -0.99 14.80
N THR B 272 -18.41 -1.44 15.63
CA THR B 272 -18.49 -2.75 16.27
C THR B 272 -19.36 -2.65 17.51
N ILE B 273 -20.63 -3.05 17.35
CA ILE B 273 -21.58 -2.98 18.46
C ILE B 273 -21.14 -3.91 19.59
N TYR B 274 -20.72 -5.12 19.25
CA TYR B 274 -20.23 -6.01 20.29
C TYR B 274 -19.24 -6.97 19.68
N SER B 275 -18.46 -7.59 20.56
CA SER B 275 -17.63 -8.73 20.26
C SER B 275 -18.04 -9.86 21.20
N ASP B 276 -18.20 -11.06 20.67
CA ASP B 276 -18.46 -12.19 21.56
C ASP B 276 -17.59 -13.36 21.18
N GLY B 277 -17.45 -14.26 22.14
CA GLY B 277 -16.82 -15.55 21.91
C GLY B 277 -17.38 -16.54 22.90
N THR B 278 -17.47 -17.79 22.46
CA THR B 278 -17.94 -18.89 23.29
C THR B 278 -16.84 -19.95 23.37
N ASN B 279 -16.57 -20.44 24.57
CA ASN B 279 -15.71 -21.61 24.74
C ASN B 279 -16.50 -22.82 24.27
N LEU B 280 -16.15 -23.37 23.11
CA LEU B 280 -16.95 -24.46 22.55
C LEU B 280 -16.90 -25.71 23.43
N ASP B 281 -15.76 -25.97 24.06
CA ASP B 281 -15.62 -27.17 24.87
C ASP B 281 -16.39 -27.08 26.17
N LYS B 282 -16.71 -25.86 26.63
CA LYS B 282 -17.26 -25.68 27.97
C LYS B 282 -18.60 -24.95 28.00
N GLY B 283 -19.06 -24.38 26.90
CA GLY B 283 -20.35 -23.71 26.89
C GLY B 283 -20.41 -22.41 27.65
N ILE B 284 -19.27 -21.72 27.77
CA ILE B 284 -19.21 -20.43 28.46
C ILE B 284 -19.21 -19.31 27.43
N PHE B 285 -20.15 -18.36 27.58
CA PHE B 285 -20.34 -17.28 26.63
C PHE B 285 -19.70 -16.01 27.19
N TYR B 286 -18.92 -15.33 26.35
CA TYR B 286 -18.19 -14.11 26.72
C TYR B 286 -18.55 -13.00 25.75
N TYR B 287 -18.59 -11.76 26.23
CA TYR B 287 -18.78 -10.65 25.29
C TYR B 287 -18.27 -9.34 25.87
N THR B 288 -17.84 -8.45 24.97
CA THR B 288 -17.67 -7.02 25.22
C THR B 288 -18.64 -6.25 24.33
N THR B 289 -18.82 -4.96 24.62
CA THR B 289 -19.54 -4.05 23.74
C THR B 289 -18.67 -2.83 23.48
N TYR B 290 -19.06 -2.04 22.47
CA TYR B 290 -18.24 -0.88 22.07
C TYR B 290 -17.84 -0.04 23.27
N SER B 291 -18.79 0.28 24.15
CA SER B 291 -18.52 1.24 25.23
C SER B 291 -18.16 0.56 26.55
N ASN B 292 -18.15 -0.77 26.62
CA ASN B 292 -17.84 -1.48 27.86
C ASN B 292 -16.96 -2.68 27.51
N LYS B 293 -15.67 -2.55 27.78
CA LYS B 293 -14.69 -3.54 27.38
C LYS B 293 -14.32 -4.49 28.53
N GLN B 294 -14.98 -4.41 29.68
CA GLN B 294 -14.91 -5.50 30.64
C GLN B 294 -15.61 -6.72 30.04
N ILE B 295 -14.97 -7.89 30.14
CA ILE B 295 -15.53 -9.11 29.58
C ILE B 295 -16.67 -9.59 30.46
N ASN B 296 -17.85 -9.72 29.87
CA ASN B 296 -19.01 -10.24 30.57
C ASN B 296 -19.16 -11.73 30.27
N VAL B 297 -19.54 -12.49 31.29
CA VAL B 297 -19.52 -13.95 31.21
C VAL B 297 -20.91 -14.46 31.54
N VAL B 298 -21.44 -15.35 30.69
CA VAL B 298 -22.69 -16.07 30.95
C VAL B 298 -22.41 -17.55 30.74
N ASP B 299 -22.64 -18.34 31.79
CA ASP B 299 -22.43 -19.79 31.73
C ASP B 299 -23.75 -20.43 31.33
N MET B 300 -23.83 -20.91 30.08
CA MET B 300 -25.05 -21.57 29.62
C MET B 300 -25.39 -22.77 30.50
N ASN B 301 -24.38 -23.51 30.97
CA ASN B 301 -24.58 -24.76 31.69
C ASN B 301 -25.04 -24.56 33.13
N LYS B 302 -24.98 -23.34 33.65
CA LYS B 302 -25.54 -23.04 34.95
C LYS B 302 -27.05 -22.78 34.86
N GLU B 303 -27.62 -22.75 33.66
CA GLU B 303 -29.05 -22.62 33.50
C GLU B 303 -29.71 -23.98 33.39
N ASP B 304 -31.04 -23.98 33.46
CA ASP B 304 -31.80 -25.23 33.37
C ASP B 304 -32.05 -25.54 31.90
N LEU B 305 -31.19 -26.37 31.31
CA LEU B 305 -31.25 -26.60 29.88
C LEU B 305 -32.42 -27.49 29.45
N ASP B 306 -33.20 -28.03 30.38
CA ASP B 306 -34.39 -28.81 30.03
C ASP B 306 -35.67 -27.97 30.07
N SER B 307 -35.57 -26.70 30.46
CA SER B 307 -36.68 -25.76 30.53
C SER B 307 -37.33 -25.56 29.17
N SER B 308 -38.38 -24.74 29.13
CA SER B 308 -39.12 -24.48 27.90
C SER B 308 -39.20 -23.02 27.50
N ASN B 309 -38.73 -22.09 28.34
CA ASN B 309 -38.78 -20.68 28.01
C ASN B 309 -37.39 -20.12 27.75
N LEU B 310 -37.33 -19.14 26.85
CA LEU B 310 -36.11 -18.38 26.65
C LEU B 310 -35.62 -17.78 27.96
N ILE B 311 -34.32 -17.79 28.16
CA ILE B 311 -33.65 -17.16 29.29
C ILE B 311 -32.84 -16.01 28.74
N THR B 312 -33.18 -14.78 29.15
CA THR B 312 -32.65 -13.59 28.54
C THR B 312 -31.90 -12.73 29.56
N TYR B 313 -30.71 -12.25 29.16
CA TYR B 313 -29.91 -11.31 29.92
C TYR B 313 -29.64 -10.09 29.07
N ASP B 314 -29.69 -8.92 29.69
CA ASP B 314 -29.41 -7.70 28.95
C ASP B 314 -27.93 -7.58 28.65
N MET B 315 -27.59 -7.09 27.47
CA MET B 315 -26.21 -6.78 27.16
C MET B 315 -25.78 -5.54 27.94
N LEU B 316 -24.73 -5.69 28.73
CA LEU B 316 -24.18 -4.58 29.52
C LEU B 316 -23.34 -3.71 28.59
N ASP B 317 -23.97 -2.72 27.98
CA ASP B 317 -23.36 -1.95 26.90
C ASP B 317 -23.04 -0.52 27.29
N LYS B 318 -23.11 -0.17 28.57
CA LYS B 318 -22.75 1.18 29.00
C LYS B 318 -21.41 1.14 29.73
N THR B 319 -20.66 2.24 29.66
CA THR B 319 -19.34 2.23 30.27
C THR B 319 -19.47 2.12 31.78
N LYS B 320 -18.73 1.20 32.39
CA LYS B 320 -18.68 1.08 33.84
C LYS B 320 -17.22 1.26 34.26
N PHE B 321 -16.96 2.29 35.06
CA PHE B 321 -15.64 2.69 35.51
C PHE B 321 -15.30 2.03 36.83
N ASN B 322 -14.01 1.90 37.10
CA ASN B 322 -13.52 1.44 38.39
C ASN B 322 -12.77 2.59 39.05
N HIS B 323 -13.34 3.16 40.12
CA HIS B 323 -12.73 4.25 40.86
C HIS B 323 -11.82 3.68 41.94
N GLN B 324 -10.51 3.91 41.81
CA GLN B 324 -9.53 3.37 42.76
C GLN B 324 -9.33 4.22 44.01
N ASN B 325 -9.66 5.51 43.97
CA ASN B 325 -9.61 6.31 45.18
C ASN B 325 -10.90 7.11 45.34
N CYS C 2 5.18 3.36 21.25
CA CYS C 2 4.48 4.41 22.02
C CYS C 2 3.69 5.37 21.12
N THR C 3 2.54 5.79 21.63
CA THR C 3 1.66 6.72 20.94
C THR C 3 1.07 7.66 21.97
N SER C 4 1.22 8.96 21.76
CA SER C 4 0.68 9.93 22.70
C SER C 4 -0.15 10.94 21.93
N ILE C 5 -1.29 11.35 22.50
CA ILE C 5 -2.17 12.34 21.87
C ILE C 5 -2.66 13.34 22.90
N ILE C 6 -3.11 14.51 22.41
CA ILE C 6 -4.10 15.32 23.10
C ILE C 6 -5.37 15.28 22.27
N PHE C 7 -6.49 15.02 22.93
CA PHE C 7 -7.80 14.90 22.29
C PHE C 7 -8.70 15.92 22.96
N SER C 8 -9.34 16.77 22.16
CA SER C 8 -9.94 18.00 22.68
C SER C 8 -11.42 18.16 22.30
N PRO C 9 -12.27 17.17 22.62
CA PRO C 9 -13.67 17.26 22.16
C PRO C 9 -14.46 18.34 22.88
N LYS C 10 -14.20 18.55 24.17
CA LYS C 10 -14.81 19.61 24.95
C LYS C 10 -13.84 19.93 26.10
N ASP C 11 -13.79 19.05 27.10
CA ASP C 11 -12.60 19.02 27.93
C ASP C 11 -11.45 18.48 27.10
N HIS C 12 -10.26 18.45 27.70
CA HIS C 12 -9.03 18.10 27.00
C HIS C 12 -8.40 16.90 27.69
N TYR C 13 -8.05 15.88 26.90
CA TYR C 13 -7.57 14.60 27.42
C TYR C 13 -6.17 14.32 26.86
N PHE C 14 -5.22 14.02 27.75
CA PHE C 14 -3.84 13.81 27.34
C PHE C 14 -3.29 12.52 27.92
N GLY C 15 -2.51 11.80 27.11
CA GLY C 15 -1.93 10.55 27.57
C GLY C 15 -1.35 9.75 26.43
N ARG C 16 -1.14 8.45 26.69
CA ARG C 16 -0.32 7.66 25.79
C ARG C 16 -0.54 6.17 26.01
N ASN C 17 -0.23 5.41 24.95
CA ASN C 17 0.12 3.99 25.06
C ASN C 17 1.60 3.88 25.33
N LEU C 18 1.95 3.00 26.26
CA LEU C 18 3.33 2.59 26.49
C LEU C 18 3.54 1.26 25.80
N ASP C 19 4.45 1.22 24.85
CA ASP C 19 4.75 0.03 24.06
C ASP C 19 6.16 -0.40 24.45
N LEU C 20 6.27 -1.52 25.15
CA LEU C 20 7.54 -2.10 25.54
C LEU C 20 7.37 -3.60 25.58
N GLU C 21 8.46 -4.32 25.86
CA GLU C 21 8.39 -5.76 25.94
C GLU C 21 8.34 -6.32 27.36
N ILE C 22 8.47 -5.48 28.38
CA ILE C 22 8.59 -5.95 29.77
C ILE C 22 8.06 -4.86 30.69
N THR C 23 7.32 -5.27 31.71
CA THR C 23 6.64 -4.35 32.63
C THR C 23 7.29 -4.46 34.00
N PHE C 24 6.54 -4.70 35.07
CA PHE C 24 7.00 -4.81 36.46
C PHE C 24 7.48 -3.46 36.98
N GLY C 25 6.90 -3.03 38.10
CA GLY C 25 7.38 -1.88 38.84
C GLY C 25 6.45 -0.70 38.79
N GLN C 26 5.75 -0.49 37.67
CA GLN C 26 5.11 0.80 37.49
C GLN C 26 3.80 0.87 38.26
N GLN C 27 3.50 2.07 38.75
CA GLN C 27 2.33 2.34 39.57
C GLN C 27 1.73 3.67 39.13
N VAL C 28 0.46 3.89 39.48
CA VAL C 28 -0.08 5.25 39.42
C VAL C 28 0.53 6.01 40.61
N VAL C 29 1.19 7.13 40.33
CA VAL C 29 1.97 7.82 41.36
C VAL C 29 1.58 9.28 41.36
N ILE C 30 1.10 9.76 42.50
CA ILE C 30 0.86 11.18 42.70
C ILE C 30 2.04 11.73 43.49
N THR C 31 2.69 12.75 42.92
CA THR C 31 3.70 13.46 43.65
C THR C 31 3.09 14.74 44.20
N PRO C 32 3.01 14.90 45.51
CA PRO C 32 2.37 16.08 46.09
C PRO C 32 3.28 17.30 46.03
N ARG C 33 2.66 18.45 46.33
CA ARG C 33 3.32 19.76 46.20
C ARG C 33 4.62 19.86 46.97
N ASN C 34 4.71 19.19 48.12
CA ASN C 34 5.85 19.40 49.01
C ASN C 34 6.80 18.22 49.03
N TYR C 35 6.63 17.27 48.11
CA TYR C 35 7.72 16.32 47.87
C TYR C 35 8.86 17.07 47.20
N THR C 36 10.06 16.95 47.76
CA THR C 36 11.20 17.70 47.28
C THR C 36 11.82 17.01 46.07
N PHE C 37 11.72 17.64 44.91
CA PHE C 37 12.39 17.16 43.71
C PHE C 37 13.87 17.53 43.78
N LYS C 38 14.75 16.52 43.75
CA LYS C 38 16.19 16.73 43.79
C LYS C 38 16.78 16.61 42.40
N PHE C 39 17.74 17.48 42.09
CA PHE C 39 18.31 17.55 40.74
C PHE C 39 19.83 17.43 40.82
N ARG C 40 20.41 16.67 39.88
CA ARG C 40 21.85 16.45 39.90
C ARG C 40 22.64 17.74 39.76
N LYS C 41 22.12 18.72 39.01
CA LYS C 41 22.88 19.90 38.63
C LYS C 41 22.10 21.20 38.81
N MET C 42 20.98 21.16 39.53
CA MET C 42 20.20 22.35 39.80
C MET C 42 19.76 22.30 41.26
N PRO C 43 19.36 23.44 41.83
CA PRO C 43 18.83 23.43 43.19
C PRO C 43 17.47 22.73 43.26
N SER C 44 17.21 22.11 44.41
CA SER C 44 16.00 21.31 44.59
C SER C 44 14.74 22.17 44.50
N LEU C 45 13.66 21.58 43.98
CA LEU C 45 12.34 22.20 44.01
C LEU C 45 11.62 21.68 45.25
N LYS C 46 11.67 22.47 46.33
CA LYS C 46 11.11 22.01 47.60
C LYS C 46 9.59 22.07 47.61
N LYS C 47 9.01 23.00 46.84
CA LYS C 47 7.57 23.01 46.62
C LYS C 47 7.31 23.37 45.15
N HIS C 48 6.25 22.80 44.60
CA HIS C 48 6.02 22.75 43.16
C HIS C 48 4.62 22.23 42.91
N TYR C 49 4.20 22.28 41.65
CA TYR C 49 2.89 21.73 41.29
C TYR C 49 2.83 20.24 41.56
N ALA C 50 1.70 19.80 42.12
CA ALA C 50 1.42 18.37 42.24
C ALA C 50 1.19 17.78 40.85
N MET C 51 1.43 16.48 40.72
CA MET C 51 1.23 15.81 39.44
C MET C 51 0.85 14.37 39.68
N ILE C 52 0.34 13.72 38.62
CA ILE C 52 -0.12 12.34 38.64
C ILE C 52 0.27 11.69 37.31
N GLY C 53 0.72 10.45 37.38
CA GLY C 53 1.10 9.73 36.18
C GLY C 53 1.47 8.31 36.52
N ILE C 54 2.04 7.61 35.54
CA ILE C 54 2.55 6.27 35.77
C ILE C 54 4.07 6.33 35.87
N SER C 55 4.61 5.73 36.94
CA SER C 55 6.00 5.92 37.27
C SER C 55 6.60 4.63 37.79
N LEU C 56 7.89 4.49 37.58
CA LEU C 56 8.69 3.50 38.28
C LEU C 56 9.33 4.22 39.46
N ASP C 57 8.87 3.92 40.67
CA ASP C 57 9.46 4.50 41.87
C ASP C 57 10.73 3.74 42.21
N MET C 58 11.86 4.46 42.24
CA MET C 58 13.14 3.87 42.60
C MET C 58 13.87 4.78 43.57
N ASP C 59 14.26 4.23 44.72
CA ASP C 59 14.94 5.00 45.75
C ASP C 59 14.16 6.25 46.10
N ASP C 60 12.85 6.07 46.27
CA ASP C 60 11.93 7.13 46.64
C ASP C 60 11.88 8.28 45.62
N TYR C 61 12.17 8.00 44.35
CA TYR C 61 12.11 9.00 43.28
C TYR C 61 11.15 8.54 42.19
N PRO C 62 10.20 9.40 41.74
CA PRO C 62 9.24 8.95 40.72
C PRO C 62 9.79 9.06 39.31
N LEU C 63 10.21 7.94 38.73
CA LEU C 63 10.65 7.91 37.33
C LEU C 63 9.41 7.84 36.46
N TYR C 64 8.84 9.01 36.17
CA TYR C 64 7.59 9.08 35.41
C TYR C 64 7.81 8.69 33.95
N PHE C 65 6.93 7.81 33.45
CA PHE C 65 6.82 7.61 32.00
C PHE C 65 6.06 8.76 31.36
N ASP C 66 5.13 9.35 32.09
CA ASP C 66 4.26 10.42 31.64
C ASP C 66 3.49 10.91 32.85
N ALA C 67 3.10 12.17 32.82
CA ALA C 67 2.37 12.72 33.96
C ALA C 67 1.64 13.98 33.52
N THR C 68 0.73 14.43 34.37
CA THR C 68 -0.01 15.67 34.21
C THR C 68 -0.03 16.39 35.55
N ASN C 69 0.13 17.72 35.53
CA ASN C 69 0.15 18.45 36.78
C ASN C 69 -1.22 19.06 37.07
N GLU C 70 -1.32 19.66 38.26
CA GLU C 70 -2.58 20.19 38.76
C GLU C 70 -3.06 21.43 38.01
N LYS C 71 -2.25 21.99 37.10
CA LYS C 71 -2.65 23.11 36.27
C LYS C 71 -3.04 22.67 34.86
N GLY C 72 -3.16 21.37 34.60
CA GLY C 72 -3.57 20.91 33.29
C GLY C 72 -2.49 20.90 32.22
N LEU C 73 -1.22 20.87 32.62
CA LEU C 73 -0.12 20.67 31.70
C LEU C 73 0.29 19.20 31.75
N GLY C 74 0.35 18.57 30.57
CA GLY C 74 0.77 17.18 30.49
C GLY C 74 2.05 16.96 29.72
N MET C 75 2.70 15.82 29.94
CA MET C 75 3.99 15.57 29.30
C MET C 75 4.29 14.08 29.32
N ALA C 76 4.77 13.56 28.18
CA ALA C 76 5.02 12.13 28.03
C ALA C 76 6.35 11.92 27.32
N GLY C 77 7.09 10.93 27.79
CA GLY C 77 8.33 10.52 27.17
C GLY C 77 8.14 9.24 26.39
N LEU C 78 8.37 9.31 25.08
CA LEU C 78 8.15 8.19 24.18
C LEU C 78 9.50 7.75 23.62
N ASN C 79 9.64 6.45 23.35
CA ASN C 79 10.92 5.93 22.90
CA ASN C 79 10.91 5.92 22.89
C ASN C 79 11.34 6.58 21.58
N TYR C 80 12.63 6.85 21.47
CA TYR C 80 13.24 7.56 20.34
C TYR C 80 14.54 6.83 20.01
N PRO C 81 14.46 5.54 19.70
CA PRO C 81 15.65 4.69 19.78
C PRO C 81 16.71 5.10 18.77
N GLY C 82 17.96 5.22 19.25
CA GLY C 82 19.08 5.65 18.42
C GLY C 82 19.08 7.11 18.06
N ASN C 83 17.95 7.80 18.18
CA ASN C 83 17.85 9.20 17.80
C ASN C 83 18.19 10.15 18.93
N ALA C 84 17.84 9.79 20.17
CA ALA C 84 18.02 10.70 21.30
C ALA C 84 19.49 10.92 21.60
N THR C 85 19.87 12.19 21.73
CA THR C 85 21.21 12.58 22.14
C THR C 85 21.07 13.51 23.34
N TYR C 86 21.79 13.20 24.41
CA TYR C 86 21.85 14.03 25.60
C TYR C 86 23.27 14.59 25.69
N TYR C 87 23.38 15.81 26.18
CA TYR C 87 24.55 16.63 25.88
C TYR C 87 25.46 16.77 27.07
N GLU C 88 26.70 17.19 26.81
CA GLU C 88 27.57 17.60 27.90
C GLU C 88 26.98 18.82 28.60
N GLU C 89 27.32 18.94 29.89
CA GLU C 89 26.84 20.09 30.65
C GLU C 89 27.29 21.37 29.98
N LYS C 90 26.42 22.38 30.03
CA LYS C 90 26.68 23.67 29.41
C LYS C 90 26.59 24.73 30.49
N GLU C 91 27.58 25.62 30.53
CA GLU C 91 27.40 26.84 31.28
C GLU C 91 26.31 27.68 30.60
N ASN C 92 25.69 28.56 31.38
CA ASN C 92 24.62 29.43 30.92
C ASN C 92 23.36 28.65 30.54
N LYS C 93 23.25 27.39 30.96
CA LYS C 93 22.04 26.61 30.80
C LYS C 93 21.69 25.93 32.12
N ASP C 94 20.42 25.56 32.26
CA ASP C 94 19.97 24.70 33.35
C ASP C 94 20.17 23.26 32.89
N ASN C 95 21.13 22.57 33.49
CA ASN C 95 21.46 21.21 33.06
C ASN C 95 20.54 20.22 33.76
N ILE C 96 19.73 19.52 32.98
CA ILE C 96 18.63 18.70 33.47
C ILE C 96 18.76 17.32 32.84
N ALA C 97 18.76 16.28 33.66
CA ALA C 97 18.87 14.93 33.14
C ALA C 97 17.55 14.50 32.47
N SER C 98 17.65 13.55 31.54
CA SER C 98 16.46 13.06 30.85
C SER C 98 15.41 12.54 31.84
N PHE C 99 15.84 11.86 32.90
CA PHE C 99 14.89 11.33 33.87
C PHE C 99 14.35 12.40 34.83
N GLU C 100 14.91 13.61 34.84
CA GLU C 100 14.39 14.72 35.63
C GLU C 100 13.56 15.69 34.80
N PHE C 101 13.44 15.43 33.49
CA PHE C 101 12.80 16.38 32.59
C PHE C 101 11.34 16.58 32.96
N ILE C 102 10.59 15.49 33.19
CA ILE C 102 9.17 15.63 33.54
C ILE C 102 9.00 16.40 34.84
N PRO C 103 9.69 16.07 35.94
CA PRO C 103 9.56 16.91 37.14
C PRO C 103 9.97 18.37 36.92
N TRP C 104 11.07 18.61 36.21
CA TRP C 104 11.53 19.98 35.95
C TRP C 104 10.43 20.81 35.27
N ILE C 105 9.82 20.26 34.23
CA ILE C 105 8.79 21.00 33.50
C ILE C 105 7.50 21.05 34.30
N LEU C 106 6.91 19.89 34.62
CA LEU C 106 5.57 19.87 35.19
C LEU C 106 5.54 20.51 36.58
N GLY C 107 6.66 20.48 37.30
CA GLY C 107 6.69 21.10 38.61
C GLY C 107 6.59 22.62 38.58
N GLN C 108 6.96 23.24 37.44
CA GLN C 108 7.16 24.69 37.37
C GLN C 108 6.28 25.41 36.37
N CYS C 109 5.71 24.72 35.38
CA CYS C 109 4.98 25.39 34.29
C CYS C 109 3.51 25.02 34.30
N SER C 110 2.67 26.00 33.98
CA SER C 110 1.24 25.77 33.80
C SER C 110 0.79 25.86 32.34
N THR C 111 1.59 26.45 31.46
CA THR C 111 1.16 26.68 30.08
C THR C 111 2.30 26.39 29.12
N ILE C 112 1.92 26.16 27.85
CA ILE C 112 2.89 26.01 26.77
C ILE C 112 3.84 27.20 26.71
N SER C 113 3.30 28.41 26.89
CA SER C 113 4.14 29.61 26.85
C SER C 113 5.24 29.56 27.90
N GLU C 114 4.88 29.15 29.13
CA GLU C 114 5.87 28.98 30.18
C GLU C 114 6.81 27.81 29.89
N VAL C 115 6.30 26.74 29.26
CA VAL C 115 7.20 25.65 28.87
C VAL C 115 8.26 26.17 27.92
N LYS C 116 7.84 26.96 26.93
CA LYS C 116 8.79 27.48 25.96
C LYS C 116 9.84 28.37 26.62
N ASP C 117 9.46 29.13 27.65
CA ASP C 117 10.45 29.93 28.37
C ASP C 117 11.49 29.05 29.05
N LEU C 118 11.06 28.00 29.74
CA LEU C 118 12.01 27.12 30.42
C LEU C 118 12.91 26.39 29.43
N LEU C 119 12.37 26.01 28.26
CA LEU C 119 13.15 25.25 27.30
C LEU C 119 14.25 26.10 26.68
N SER C 120 14.02 27.42 26.55
CA SER C 120 15.04 28.31 25.99
C SER C 120 16.30 28.38 26.87
N ARG C 121 16.23 27.94 28.12
N ARG C 121 16.22 27.94 28.12
CA ARG C 121 17.41 27.96 28.98
CA ARG C 121 17.35 27.97 29.04
C ARG C 121 17.74 26.59 29.54
C ARG C 121 17.77 26.58 29.50
N ILE C 122 17.17 25.53 28.97
CA ILE C 122 17.45 24.18 29.44
C ILE C 122 18.55 23.57 28.58
N ASN C 123 19.21 22.56 29.14
CA ASN C 123 20.11 21.66 28.43
C ASN C 123 19.86 20.27 28.99
N ILE C 124 19.43 19.34 28.12
CA ILE C 124 19.19 17.97 28.55
C ILE C 124 20.53 17.25 28.55
N ALA C 125 21.07 17.00 29.75
CA ALA C 125 22.43 16.52 29.95
C ALA C 125 22.50 15.00 30.00
N ASP C 126 23.65 14.46 29.57
CA ASP C 126 23.92 13.02 29.56
C ASP C 126 24.21 12.56 30.98
N LEU C 127 23.15 12.46 31.79
CA LEU C 127 23.25 12.01 33.18
C LEU C 127 22.36 10.78 33.37
N ASN C 128 22.87 9.80 34.12
CA ASN C 128 22.17 8.54 34.32
C ASN C 128 21.63 8.45 35.75
N PHE C 129 20.46 7.81 35.89
CA PHE C 129 19.86 7.63 37.22
C PHE C 129 20.84 6.90 38.13
N SER C 130 21.49 5.87 37.61
CA SER C 130 22.44 5.07 38.36
C SER C 130 23.24 4.24 37.36
N GLU C 131 24.23 3.50 37.86
CA GLU C 131 25.00 2.61 37.00
C GLU C 131 24.12 1.50 36.41
N LYS C 132 23.11 1.06 37.15
CA LYS C 132 22.22 0.02 36.65
C LYS C 132 21.12 0.56 35.75
N MET C 133 20.77 1.85 35.88
CA MET C 133 19.69 2.47 35.13
C MET C 133 20.29 3.53 34.21
N GLN C 134 20.78 3.10 33.05
CA GLN C 134 21.25 4.03 32.03
C GLN C 134 20.07 4.72 31.37
N ALA C 135 20.24 5.99 31.04
CA ALA C 135 19.13 6.78 30.53
C ALA C 135 18.59 6.18 29.23
N SER C 136 17.26 6.13 29.13
CA SER C 136 16.48 5.77 27.97
C SER C 136 16.65 6.81 26.86
N SER C 137 16.50 6.35 25.61
CA SER C 137 16.37 7.27 24.47
C SER C 137 14.90 7.66 24.28
N LEU C 138 14.58 8.92 24.57
CA LEU C 138 13.20 9.41 24.51
C LEU C 138 13.12 10.70 23.68
N HIS C 139 11.93 10.97 23.18
CA HIS C 139 11.50 12.34 22.84
C HIS C 139 10.16 12.58 23.51
N TRP C 140 9.73 13.85 23.55
CA TRP C 140 8.64 14.23 24.45
C TRP C 140 7.52 14.97 23.72
N LEU C 141 6.29 14.60 24.06
CA LEU C 141 5.09 15.37 23.74
C LEU C 141 4.63 16.12 24.98
N ILE C 142 4.41 17.43 24.84
CA ILE C 142 3.90 18.28 25.92
C ILE C 142 2.63 18.98 25.43
N ALA C 143 1.60 18.99 26.26
CA ALA C 143 0.31 19.57 25.91
C ALA C 143 -0.32 20.23 27.13
N ASP C 144 -1.03 21.33 26.92
CA ASP C 144 -1.77 21.97 28.02
C ASP C 144 -3.27 21.99 27.72
N LYS C 145 -4.05 22.54 28.65
CA LYS C 145 -5.50 22.40 28.53
C LYS C 145 -6.14 23.37 27.54
N THR C 146 -5.37 24.22 26.87
CA THR C 146 -5.97 24.89 25.72
C THR C 146 -6.04 23.98 24.48
N GLY C 147 -5.34 22.83 24.50
CA GLY C 147 -5.28 21.93 23.36
C GLY C 147 -4.02 22.08 22.53
N THR C 148 -3.18 23.06 22.84
CA THR C 148 -1.90 23.25 22.17
C THR C 148 -0.90 22.20 22.63
N SER C 149 -0.01 21.79 21.71
CA SER C 149 1.03 20.83 22.05
C SER C 149 2.30 21.14 21.29
N LEU C 150 3.43 20.72 21.85
CA LEU C 150 4.72 20.84 21.17
C LEU C 150 5.51 19.55 21.37
N VAL C 151 6.55 19.40 20.54
CA VAL C 151 7.44 18.25 20.58
C VAL C 151 8.84 18.73 20.91
N VAL C 152 9.54 17.98 21.78
CA VAL C 152 10.93 18.24 22.10
C VAL C 152 11.74 17.03 21.65
N GLU C 153 12.72 17.27 20.80
CA GLU C 153 13.61 16.22 20.34
C GLU C 153 15.04 16.71 20.51
N THR C 154 15.87 15.89 21.14
CA THR C 154 17.27 16.23 21.36
C THR C 154 18.10 15.37 20.41
N ASP C 155 18.44 15.93 19.25
CA ASP C 155 19.15 15.26 18.16
C ASP C 155 20.66 15.46 18.25
N LYS C 156 21.38 14.77 17.37
CA LYS C 156 22.85 14.81 17.39
C LYS C 156 23.37 16.24 17.22
N ASP C 157 22.62 17.10 16.52
CA ASP C 157 23.03 18.47 16.28
C ASP C 157 22.29 19.48 17.15
N GLY C 158 21.72 19.04 18.27
CA GLY C 158 21.10 19.94 19.21
C GLY C 158 19.61 19.71 19.37
N MET C 159 19.05 20.47 20.31
CA MET C 159 17.65 20.33 20.69
C MET C 159 16.75 21.12 19.75
N HIS C 160 15.68 20.46 19.30
CA HIS C 160 14.68 21.09 18.45
C HIS C 160 13.31 21.03 19.13
N ILE C 161 12.58 22.13 19.03
CA ILE C 161 11.24 22.28 19.60
C ILE C 161 10.28 22.60 18.46
N TYR C 162 9.23 21.80 18.30
CA TYR C 162 8.28 21.98 17.21
C TYR C 162 6.88 22.22 17.76
N ASP C 163 6.19 23.23 17.24
CA ASP C 163 4.74 23.28 17.40
C ASP C 163 4.13 22.02 16.78
N ASN C 164 3.10 21.48 17.43
CA ASN C 164 2.51 20.23 16.94
C ASN C 164 1.09 20.48 16.46
N PRO C 165 0.88 20.63 15.15
CA PRO C 165 -0.47 20.94 14.65
C PRO C 165 -1.44 19.78 14.73
N VAL C 166 -0.97 18.53 14.87
CA VAL C 166 -1.86 17.38 14.94
C VAL C 166 -1.96 16.77 16.33
N GLY C 167 -1.14 17.21 17.29
CA GLY C 167 -1.30 16.74 18.66
C GLY C 167 -1.16 15.24 18.83
N CYS C 168 -0.24 14.63 18.09
CA CYS C 168 0.03 13.20 18.10
C CYS C 168 1.54 13.05 18.05
N LEU C 169 2.06 11.99 18.65
CA LEU C 169 3.48 11.62 18.50
C LEU C 169 3.63 10.10 18.64
N THR C 170 4.59 9.52 17.92
CA THR C 170 4.95 8.13 18.16
C THR C 170 6.45 8.08 18.42
N ASN C 171 7.21 7.33 17.62
CA ASN C 171 8.62 7.08 17.86
C ASN C 171 9.43 7.72 16.71
N ASN C 172 10.40 7.03 16.13
CA ASN C 172 11.15 7.58 15.02
C ASN C 172 10.26 7.70 13.78
N PRO C 173 10.62 8.56 12.83
CA PRO C 173 11.79 9.46 12.77
C PRO C 173 11.57 10.82 13.43
N GLN C 174 12.50 11.74 13.17
CA GLN C 174 12.38 13.10 13.67
C GLN C 174 11.03 13.69 13.25
N PHE C 175 10.51 14.60 14.08
CA PHE C 175 9.14 15.08 13.88
C PHE C 175 8.88 15.69 12.49
N PRO C 176 9.75 16.54 11.91
CA PRO C 176 9.43 17.06 10.57
C PRO C 176 9.20 15.97 9.53
N LYS C 177 9.98 14.89 9.53
CA LYS C 177 9.71 13.80 8.59
C LYS C 177 8.42 13.07 8.94
N GLN C 178 8.19 12.82 10.23
CA GLN C 178 6.98 12.14 10.67
C GLN C 178 5.73 12.96 10.31
N LEU C 179 5.77 14.26 10.60
CA LEU C 179 4.63 15.10 10.27
C LEU C 179 4.40 15.17 8.77
N PHE C 180 5.47 15.29 7.99
CA PHE C 180 5.30 15.42 6.54
C PHE C 180 4.78 14.13 5.92
N ASN C 181 5.06 12.97 6.51
CA ASN C 181 4.58 11.71 5.92
C ASN C 181 3.06 11.66 5.87
N LEU C 182 2.37 12.39 6.76
CA LEU C 182 0.91 12.43 6.77
C LEU C 182 0.35 12.89 5.44
N ASN C 183 1.07 13.77 4.74
CA ASN C 183 0.61 14.27 3.45
C ASN C 183 0.33 13.15 2.46
N ASN C 184 0.95 11.98 2.64
CA ASN C 184 0.72 10.90 1.70
C ASN C 184 -0.64 10.22 1.86
N TYR C 185 -1.46 10.61 2.85
CA TYR C 185 -2.70 9.91 3.15
C TYR C 185 -3.92 10.82 3.07
N ALA C 186 -3.83 11.91 2.31
CA ALA C 186 -4.97 12.82 2.17
C ALA C 186 -6.22 12.11 1.66
N ASP C 187 -6.07 11.10 0.80
CA ASP C 187 -7.25 10.46 0.23
C ASP C 187 -7.85 9.37 1.11
N VAL C 188 -7.23 9.03 2.24
CA VAL C 188 -7.85 8.05 3.14
C VAL C 188 -9.12 8.66 3.73
N SER C 189 -10.23 7.92 3.66
CA SER C 189 -11.52 8.53 3.90
C SER C 189 -12.47 7.66 4.71
N PRO C 190 -13.28 8.25 5.59
CA PRO C 190 -14.38 7.50 6.18
C PRO C 190 -15.51 7.20 5.20
N LYS C 191 -15.53 7.85 4.04
CA LYS C 191 -16.59 7.69 3.05
C LYS C 191 -16.16 6.78 1.91
N MET C 192 -17.13 6.11 1.29
CA MET C 192 -16.87 5.27 0.13
C MET C 192 -16.11 6.07 -0.94
N PRO C 193 -15.15 5.47 -1.64
CA PRO C 193 -14.35 6.26 -2.58
C PRO C 193 -15.11 6.53 -3.87
N LYS C 194 -14.91 7.72 -4.41
CA LYS C 194 -15.28 8.01 -5.78
C LYS C 194 -14.45 7.13 -6.72
N ASN C 195 -15.04 6.77 -7.86
CA ASN C 195 -14.29 6.09 -8.92
C ASN C 195 -13.52 7.16 -9.68
N ASN C 196 -12.27 7.42 -9.25
CA ASN C 196 -11.34 8.24 -10.00
C ASN C 196 -10.55 7.45 -11.03
N PHE C 197 -10.62 6.11 -10.98
CA PHE C 197 -9.79 5.27 -11.83
C PHE C 197 -10.13 5.47 -13.29
N SER C 198 -11.42 5.37 -13.61
CA SER C 198 -11.94 5.71 -14.93
C SER C 198 -13.44 5.45 -14.92
N ASP C 199 -14.22 6.39 -15.43
CA ASP C 199 -15.65 6.10 -15.53
C ASP C 199 -15.96 5.05 -16.62
N LYS C 200 -14.94 4.55 -17.33
CA LYS C 200 -15.16 3.45 -18.26
C LYS C 200 -15.05 2.10 -17.57
N VAL C 201 -14.64 2.07 -16.31
CA VAL C 201 -14.50 0.82 -15.55
C VAL C 201 -15.55 0.82 -14.46
N ASN C 202 -16.28 -0.27 -14.35
CA ASN C 202 -17.31 -0.40 -13.33
C ASN C 202 -16.65 -0.81 -12.02
N MET C 203 -16.41 0.14 -11.13
CA MET C 203 -15.83 -0.12 -9.81
C MET C 203 -16.97 -0.44 -8.86
N ALA C 204 -17.03 -1.67 -8.38
CA ALA C 204 -18.10 -2.06 -7.46
C ALA C 204 -17.74 -1.64 -6.04
N GLY C 205 -18.65 -0.93 -5.38
CA GLY C 205 -18.46 -0.58 -3.98
C GLY C 205 -18.86 -1.71 -3.06
N TYR C 206 -18.08 -2.80 -3.05
CA TYR C 206 -18.51 -4.09 -2.52
C TYR C 206 -18.44 -4.21 -1.01
N SER C 207 -17.82 -3.27 -0.31
CA SER C 207 -17.75 -3.33 1.14
C SER C 207 -17.84 -1.92 1.70
N ARG C 208 -18.64 -1.74 2.75
CA ARG C 208 -18.54 -0.51 3.52
C ARG C 208 -17.13 -0.37 4.07
N GLY C 209 -16.68 0.87 4.24
CA GLY C 209 -15.35 1.10 4.75
C GLY C 209 -14.23 1.11 3.72
N LEU C 210 -14.55 0.94 2.43
CA LEU C 210 -13.51 0.94 1.40
C LEU C 210 -12.76 2.26 1.32
N GLY C 211 -13.36 3.35 1.81
CA GLY C 211 -12.65 4.61 1.85
C GLY C 211 -11.35 4.55 2.62
N SER C 212 -11.28 3.69 3.66
CA SER C 212 -10.08 3.59 4.49
C SER C 212 -9.18 2.41 4.08
N HIS C 213 -9.35 1.89 2.86
CA HIS C 213 -8.65 0.71 2.40
C HIS C 213 -7.12 0.85 2.43
N ASN C 214 -6.60 2.07 2.34
CA ASN C 214 -5.15 2.27 2.42
C ASN C 214 -4.70 2.85 3.77
N LEU C 215 -5.55 2.82 4.79
CA LEU C 215 -5.12 3.22 6.13
C LEU C 215 -4.07 2.23 6.63
N PRO C 216 -2.92 2.68 7.12
CA PRO C 216 -1.87 1.73 7.56
C PRO C 216 -2.28 1.02 8.85
N GLY C 217 -2.12 -0.31 8.86
CA GLY C 217 -2.43 -1.12 10.01
C GLY C 217 -1.22 -1.65 10.76
N GLY C 218 -0.02 -1.24 10.42
CA GLY C 218 1.15 -1.86 10.99
C GLY C 218 1.45 -1.45 12.43
N MET C 219 2.34 -2.22 13.04
CA MET C 219 2.79 -1.98 14.41
C MET C 219 3.86 -0.90 14.50
N ASP C 220 4.36 -0.41 13.36
CA ASP C 220 5.52 0.44 13.32
C ASP C 220 5.13 1.90 13.59
N SER C 221 6.16 2.73 13.77
CA SER C 221 5.98 4.07 14.28
C SER C 221 5.25 4.98 13.29
N GLU C 222 5.60 4.90 12.01
CA GLU C 222 4.91 5.75 11.05
C GLU C 222 3.47 5.29 10.84
N SER C 223 3.26 3.97 10.73
CA SER C 223 1.91 3.42 10.60
C SER C 223 1.01 3.91 11.71
N ARG C 224 1.50 3.82 12.95
CA ARG C 224 0.67 4.19 14.09
C ARG C 224 0.42 5.70 14.13
N PHE C 225 1.41 6.50 13.73
CA PHE C 225 1.21 7.94 13.66
C PHE C 225 0.04 8.29 12.74
N VAL C 226 0.02 7.71 11.54
CA VAL C 226 -1.06 7.99 10.60
C VAL C 226 -2.38 7.46 11.13
N ARG C 227 -2.37 6.23 11.65
CA ARG C 227 -3.62 5.62 12.10
C ARG C 227 -4.17 6.35 13.31
N VAL C 228 -3.30 6.78 14.25
CA VAL C 228 -3.84 7.49 15.42
C VAL C 228 -4.38 8.87 15.01
N ALA C 229 -3.76 9.51 14.02
CA ALA C 229 -4.25 10.81 13.56
C ALA C 229 -5.62 10.67 12.90
N PHE C 230 -5.76 9.67 12.02
CA PHE C 230 -7.06 9.39 11.38
C PHE C 230 -8.12 9.08 12.41
N ASN C 231 -7.79 8.26 13.42
CA ASN C 231 -8.78 7.94 14.43
C ASN C 231 -9.18 9.17 15.22
N LYS C 232 -8.21 10.00 15.58
CA LYS C 232 -8.48 11.13 16.45
C LYS C 232 -9.31 12.20 15.75
N PHE C 233 -8.97 12.51 14.51
CA PHE C 233 -9.65 13.60 13.84
C PHE C 233 -11.01 13.22 13.27
N ASN C 234 -11.32 11.92 13.17
CA ASN C 234 -12.67 11.51 12.76
C ASN C 234 -13.49 10.95 13.92
N ALA C 235 -12.92 10.90 15.11
CA ALA C 235 -13.67 10.45 16.29
C ALA C 235 -14.82 11.40 16.59
N PRO C 236 -15.95 10.90 17.04
CA PRO C 236 -17.07 11.79 17.37
C PRO C 236 -16.78 12.59 18.62
N ILE C 237 -17.41 13.76 18.71
CA ILE C 237 -17.27 14.62 19.87
C ILE C 237 -18.61 14.65 20.58
N ALA C 238 -18.55 14.58 21.90
CA ALA C 238 -19.75 14.54 22.72
C ALA C 238 -19.64 15.62 23.78
N GLU C 239 -20.72 15.78 24.56
CA GLU C 239 -20.74 16.79 25.59
C GLU C 239 -20.65 16.20 26.99
N THR C 240 -20.33 14.93 27.10
CA THR C 240 -20.30 14.20 28.37
C THR C 240 -18.91 13.64 28.65
N GLU C 241 -18.53 13.63 29.93
CA GLU C 241 -17.24 13.05 30.33
C GLU C 241 -17.19 11.56 30.01
N GLU C 242 -18.25 10.83 30.34
CA GLU C 242 -18.27 9.39 30.13
C GLU C 242 -18.08 9.06 28.66
N GLU C 243 -18.79 9.78 27.78
CA GLU C 243 -18.70 9.49 26.35
C GLU C 243 -17.35 9.90 25.78
N ASN C 244 -16.83 11.05 26.20
CA ASN C 244 -15.60 11.55 25.59
C ASN C 244 -14.38 10.74 26.02
N ILE C 245 -14.36 10.24 27.27
CA ILE C 245 -13.27 9.35 27.68
C ILE C 245 -13.43 7.98 27.03
N ASP C 246 -14.66 7.51 26.86
CA ASP C 246 -14.92 6.30 26.08
C ASP C 246 -14.30 6.43 24.69
N THR C 247 -14.63 7.51 23.99
CA THR C 247 -14.04 7.77 22.67
C THR C 247 -12.52 7.82 22.76
N TYR C 248 -11.99 8.49 23.79
CA TYR C 248 -10.55 8.63 23.96
C TYR C 248 -9.86 7.28 23.92
N PHE C 249 -10.39 6.30 24.64
CA PHE C 249 -9.71 5.01 24.67
C PHE C 249 -9.88 4.21 23.40
N HIS C 250 -10.94 4.45 22.61
CA HIS C 250 -11.00 3.84 21.29
C HIS C 250 -9.87 4.38 20.40
N ILE C 251 -9.57 5.68 20.49
CA ILE C 251 -8.47 6.25 19.71
C ILE C 251 -7.15 5.56 20.06
N LEU C 252 -6.84 5.48 21.35
CA LEU C 252 -5.57 4.87 21.75
C LEU C 252 -5.56 3.38 21.41
N HIS C 253 -6.67 2.68 21.62
CA HIS C 253 -6.69 1.25 21.37
C HIS C 253 -6.64 0.93 19.87
N SER C 254 -6.99 1.89 19.01
CA SER C 254 -6.86 1.64 17.58
C SER C 254 -5.41 1.42 17.16
N VAL C 255 -4.45 1.92 17.93
CA VAL C 255 -3.03 1.77 17.61
C VAL C 255 -2.32 0.90 18.64
N GLU C 256 -3.07 0.09 19.38
CA GLU C 256 -2.49 -0.87 20.32
C GLU C 256 -1.59 -1.84 19.58
N GLN C 257 -0.43 -2.16 20.17
CA GLN C 257 0.38 -3.25 19.67
C GLN C 257 -0.03 -4.56 20.33
N GLN C 258 -0.57 -5.49 19.55
CA GLN C 258 -1.00 -6.79 20.05
C GLN C 258 0.21 -7.71 20.24
N LYS C 259 0.20 -8.48 21.34
CA LYS C 259 1.26 -9.47 21.60
C LYS C 259 1.38 -10.44 20.44
N GLY C 260 2.62 -10.68 20.01
CA GLY C 260 2.88 -11.56 18.89
C GLY C 260 3.11 -10.85 17.57
N LEU C 261 2.70 -9.58 17.45
CA LEU C 261 2.76 -8.88 16.17
C LEU C 261 4.00 -8.02 15.99
N ASP C 262 4.72 -7.70 17.06
CA ASP C 262 5.96 -6.93 16.98
C ASP C 262 7.02 -7.64 17.82
N GLU C 263 7.86 -8.44 17.16
CA GLU C 263 8.92 -9.20 17.81
C GLU C 263 10.23 -8.41 17.78
N VAL C 264 10.80 -8.15 18.96
CA VAL C 264 12.04 -7.39 19.03
C VAL C 264 13.24 -8.27 19.32
N GLY C 265 13.02 -9.51 19.73
CA GLY C 265 14.07 -10.49 19.88
C GLY C 265 13.40 -11.83 19.99
N PRO C 266 14.18 -12.92 20.03
CA PRO C 266 13.59 -14.27 20.14
C PRO C 266 12.68 -14.39 21.37
N ASN C 267 11.43 -14.79 21.11
CA ASN C 267 10.36 -14.93 22.12
C ASN C 267 10.09 -13.64 22.89
N SER C 268 10.39 -12.48 22.33
CA SER C 268 10.24 -11.22 23.05
C SER C 268 9.50 -10.24 22.17
N PHE C 269 8.34 -9.77 22.63
CA PHE C 269 7.44 -8.96 21.83
C PHE C 269 7.15 -7.64 22.52
N GLU C 270 7.17 -6.56 21.72
CA GLU C 270 6.72 -5.25 22.17
C GLU C 270 5.20 -5.19 22.07
N TYR C 271 4.54 -4.75 23.14
CA TYR C 271 3.09 -4.64 23.14
C TYR C 271 2.69 -3.47 24.02
N THR C 272 1.43 -3.08 23.94
CA THR C 272 0.92 -1.92 24.66
C THR C 272 0.64 -2.34 26.11
N ILE C 273 1.58 -2.05 27.01
CA ILE C 273 1.43 -2.34 28.44
C ILE C 273 0.17 -1.67 28.98
N TYR C 274 0.00 -0.39 28.65
CA TYR C 274 -1.14 0.34 29.18
C TYR C 274 -1.46 1.51 28.27
N SER C 275 -2.68 2.01 28.42
CA SER C 275 -3.12 3.27 27.84
C SER C 275 -3.60 4.16 28.99
N ASP C 276 -3.17 5.41 29.00
CA ASP C 276 -3.73 6.33 29.98
C ASP C 276 -4.19 7.62 29.31
N GLY C 277 -5.03 8.34 30.04
CA GLY C 277 -5.55 9.62 29.61
C GLY C 277 -5.92 10.43 30.83
N THR C 278 -5.52 11.69 30.86
CA THR C 278 -5.86 12.61 31.93
C THR C 278 -6.77 13.69 31.39
N ASN C 279 -7.85 13.98 32.11
CA ASN C 279 -8.65 15.18 31.84
C ASN C 279 -7.88 16.35 32.42
N LEU C 280 -7.24 17.14 31.53
CA LEU C 280 -6.43 18.27 31.96
C LEU C 280 -7.25 19.32 32.70
N ASP C 281 -8.53 19.47 32.34
CA ASP C 281 -9.37 20.49 32.96
C ASP C 281 -9.86 20.10 34.34
N LYS C 282 -9.75 18.82 34.72
CA LYS C 282 -10.36 18.32 35.93
C LYS C 282 -9.42 17.57 36.85
N GLY C 283 -8.23 17.18 36.38
CA GLY C 283 -7.30 16.44 37.20
C GLY C 283 -7.66 14.98 37.42
N ILE C 284 -8.35 14.35 36.48
CA ILE C 284 -8.82 12.98 36.62
C ILE C 284 -8.00 12.09 35.70
N PHE C 285 -7.36 11.08 36.28
CA PHE C 285 -6.50 10.16 35.55
C PHE C 285 -7.27 8.89 35.23
N TYR C 286 -7.22 8.44 33.98
CA TYR C 286 -7.88 7.21 33.55
C TYR C 286 -6.85 6.27 32.94
N TYR C 287 -7.04 4.95 33.14
CA TYR C 287 -6.15 4.06 32.42
C TYR C 287 -6.79 2.69 32.22
N THR C 288 -6.32 2.02 31.17
CA THR C 288 -6.51 0.60 30.96
C THR C 288 -5.14 -0.03 30.80
N THR C 289 -5.10 -1.35 30.96
CA THR C 289 -3.91 -2.12 30.71
C THR C 289 -4.22 -3.17 29.65
N TYR C 290 -3.19 -3.85 29.18
CA TYR C 290 -3.37 -4.83 28.10
C TYR C 290 -4.44 -5.85 28.46
N SER C 291 -4.35 -6.46 29.64
CA SER C 291 -5.28 -7.53 30.01
C SER C 291 -6.52 -7.03 30.75
N ASN C 292 -6.69 -5.72 30.92
CA ASN C 292 -7.85 -5.21 31.66
C ASN C 292 -8.25 -3.86 31.05
N LYS C 293 -9.25 -3.90 30.17
CA LYS C 293 -9.72 -2.70 29.49
C LYS C 293 -10.96 -2.10 30.12
N GLN C 294 -11.31 -2.51 31.33
CA GLN C 294 -12.16 -1.66 32.17
C GLN C 294 -11.37 -0.40 32.51
N ILE C 295 -12.01 0.75 32.39
CA ILE C 295 -11.35 2.03 32.66
C ILE C 295 -11.24 2.23 34.16
N ASN C 296 -10.02 2.40 34.65
CA ASN C 296 -9.76 2.69 36.04
C ASN C 296 -9.53 4.18 36.23
N VAL C 297 -9.99 4.70 37.37
CA VAL C 297 -10.09 6.13 37.62
C VAL C 297 -9.31 6.44 38.90
N VAL C 298 -8.41 7.41 38.82
CA VAL C 298 -7.74 7.96 39.99
C VAL C 298 -7.90 9.48 39.92
N ASP C 299 -8.60 10.04 40.89
CA ASP C 299 -8.80 11.49 40.98
C ASP C 299 -7.69 12.06 41.87
N MET C 300 -6.81 12.86 41.26
CA MET C 300 -5.71 13.48 42.00
C MET C 300 -6.23 14.42 43.09
N ASN C 301 -7.42 14.99 42.91
CA ASN C 301 -7.95 15.97 43.86
C ASN C 301 -8.54 15.34 45.13
N LYS C 302 -8.69 14.02 45.20
CA LYS C 302 -9.07 13.34 46.44
C LYS C 302 -7.87 12.98 47.31
N GLU C 303 -6.67 13.39 46.93
CA GLU C 303 -5.49 13.14 47.75
C GLU C 303 -5.01 14.44 48.38
N ASP C 304 -4.15 14.29 49.39
CA ASP C 304 -3.58 15.43 50.10
C ASP C 304 -2.43 15.98 49.27
N LEU C 305 -2.71 17.01 48.50
CA LEU C 305 -1.70 17.57 47.60
C LEU C 305 -0.67 18.41 48.35
N ASP C 306 -0.85 18.62 49.66
CA ASP C 306 0.12 19.33 50.46
C ASP C 306 1.05 18.39 51.23
N SER C 307 0.86 17.07 51.14
CA SER C 307 1.79 16.13 51.76
C SER C 307 3.14 16.20 51.04
N SER C 308 4.09 15.39 51.52
CA SER C 308 5.45 15.39 51.00
C SER C 308 5.92 14.03 50.53
N ASN C 309 5.10 12.99 50.68
CA ASN C 309 5.49 11.65 50.27
C ASN C 309 4.75 11.24 49.00
N LEU C 310 5.42 10.41 48.20
CA LEU C 310 4.77 9.81 47.03
C LEU C 310 3.57 8.98 47.47
N ILE C 311 2.48 9.14 46.74
CA ILE C 311 1.22 8.42 46.94
C ILE C 311 1.03 7.49 45.75
N THR C 312 0.89 6.19 46.02
CA THR C 312 0.89 5.19 44.96
C THR C 312 -0.40 4.38 44.96
N TYR C 313 -0.75 3.90 43.76
CA TYR C 313 -1.86 2.98 43.55
C TYR C 313 -1.39 1.92 42.57
N ASP C 314 -1.90 0.71 42.76
CA ASP C 314 -1.59 -0.38 41.84
C ASP C 314 -2.18 -0.10 40.47
N MET C 315 -1.46 -0.54 39.44
CA MET C 315 -2.02 -0.68 38.11
C MET C 315 -2.80 -1.98 38.08
N LEU C 316 -4.12 -1.90 37.96
CA LEU C 316 -4.96 -3.09 37.95
C LEU C 316 -4.86 -3.74 36.57
N ASP C 317 -3.88 -4.63 36.43
CA ASP C 317 -3.45 -5.13 35.13
C ASP C 317 -3.80 -6.60 34.92
N LYS C 318 -4.71 -7.15 35.72
CA LYS C 318 -5.18 -8.52 35.48
C LYS C 318 -6.65 -8.47 35.10
N THR C 319 -7.08 -9.46 34.31
CA THR C 319 -8.43 -9.41 33.76
C THR C 319 -9.44 -9.59 34.89
N LYS C 320 -10.42 -8.69 34.91
CA LYS C 320 -11.47 -8.69 35.91
C LYS C 320 -12.77 -9.01 35.15
N PHE C 321 -13.18 -10.27 35.18
CA PHE C 321 -14.40 -10.68 34.51
C PHE C 321 -15.63 -10.33 35.32
N ASN C 322 -16.72 -10.02 34.63
CA ASN C 322 -18.01 -9.78 35.27
C ASN C 322 -18.94 -10.94 34.93
N HIS C 323 -19.25 -11.75 35.94
CA HIS C 323 -20.13 -12.90 35.74
C HIS C 323 -21.57 -12.42 35.85
N GLN C 324 -22.19 -12.22 34.69
CA GLN C 324 -23.58 -11.81 34.63
C GLN C 324 -24.52 -12.90 35.09
N ASN C 325 -24.05 -14.15 35.09
CA ASN C 325 -24.85 -15.32 35.34
C ASN C 325 -24.84 -15.74 36.82
N HIS C 326 -24.32 -14.90 37.71
CA HIS C 326 -24.20 -15.25 39.13
C HIS C 326 -25.19 -14.47 39.99
N CYS D 2 10.10 15.20 -12.70
CA CYS D 2 11.45 14.98 -13.17
C CYS D 2 12.16 13.93 -12.33
N THR D 3 13.07 13.17 -12.95
CA THR D 3 13.90 12.19 -12.27
C THR D 3 15.31 12.31 -12.83
N SER D 4 16.32 12.34 -11.97
CA SER D 4 17.70 12.44 -12.46
C SER D 4 18.54 11.41 -11.72
N ILE D 5 19.48 10.78 -12.42
CA ILE D 5 20.32 9.74 -11.84
C ILE D 5 21.75 9.90 -12.34
N ILE D 6 22.68 9.34 -11.57
CA ILE D 6 23.97 8.90 -12.07
C ILE D 6 23.98 7.39 -11.96
N PHE D 7 24.40 6.73 -13.04
CA PHE D 7 24.40 5.27 -13.13
C PHE D 7 25.80 4.85 -13.54
N SER D 8 26.47 4.06 -12.69
CA SER D 8 27.91 3.81 -12.82
C SER D 8 28.23 2.32 -12.94
N PRO D 9 27.76 1.67 -14.01
CA PRO D 9 28.09 0.23 -14.16
C PRO D 9 29.55 -0.02 -14.48
N LYS D 10 30.18 0.88 -15.25
CA LYS D 10 31.57 0.77 -15.66
C LYS D 10 32.04 2.17 -16.02
N ASP D 11 31.62 2.69 -17.17
CA ASP D 11 31.60 4.12 -17.34
C ASP D 11 30.46 4.70 -16.51
N HIS D 12 30.36 6.04 -16.49
CA HIS D 12 29.40 6.72 -15.64
C HIS D 12 28.45 7.53 -16.51
N TYR D 13 27.15 7.38 -16.27
CA TYR D 13 26.12 8.01 -17.09
C TYR D 13 25.22 8.87 -16.22
N PHE D 14 25.04 10.13 -16.61
CA PHE D 14 24.26 11.10 -15.86
C PHE D 14 23.21 11.72 -16.77
N GLY D 15 22.03 11.96 -16.22
CA GLY D 15 20.98 12.62 -16.98
C GLY D 15 19.68 12.54 -16.22
N ARG D 16 18.58 12.84 -16.94
CA ARG D 16 17.30 13.06 -16.30
C ARG D 16 16.15 12.78 -17.27
N ASN D 17 14.96 12.55 -16.69
CA ASN D 17 13.70 12.78 -17.39
C ASN D 17 13.26 14.21 -17.12
N LEU D 18 12.79 14.88 -18.15
CA LEU D 18 12.12 16.16 -17.97
C LEU D 18 10.62 15.93 -18.05
N ASP D 19 9.93 16.21 -16.92
CA ASP D 19 8.50 15.97 -16.76
C ASP D 19 7.78 17.33 -16.77
N LEU D 20 7.13 17.65 -17.88
CA LEU D 20 6.34 18.87 -18.01
C LEU D 20 5.10 18.57 -18.85
N GLU D 21 4.18 19.53 -18.89
CA GLU D 21 2.94 19.32 -19.64
C GLU D 21 3.00 19.89 -21.05
N ILE D 22 4.07 20.58 -21.42
CA ILE D 22 4.11 21.16 -22.76
C ILE D 22 5.56 21.38 -23.17
N THR D 23 5.82 21.12 -24.44
CA THR D 23 7.12 21.24 -25.11
C THR D 23 7.18 22.57 -25.84
N PHE D 24 8.28 23.32 -25.67
CA PHE D 24 8.38 24.59 -26.42
C PHE D 24 9.85 24.95 -26.70
N GLY D 25 10.40 24.33 -27.74
CA GLY D 25 11.63 24.84 -28.32
C GLY D 25 12.93 24.37 -27.72
N GLN D 26 12.95 23.21 -27.07
CA GLN D 26 14.22 22.65 -26.60
C GLN D 26 15.02 22.10 -27.77
N GLN D 27 16.35 22.22 -27.65
CA GLN D 27 17.28 21.68 -28.61
C GLN D 27 18.46 21.11 -27.86
N VAL D 28 19.21 20.24 -28.53
CA VAL D 28 20.53 19.86 -28.04
C VAL D 28 21.46 21.03 -28.31
N VAL D 29 22.06 21.59 -27.26
CA VAL D 29 22.93 22.75 -27.39
C VAL D 29 24.29 22.41 -26.83
N ILE D 30 25.32 22.64 -27.65
CA ILE D 30 26.71 22.56 -27.21
C ILE D 30 27.21 23.99 -27.06
N THR D 31 27.65 24.36 -25.85
CA THR D 31 28.28 25.66 -25.65
C THR D 31 29.79 25.46 -25.65
N PRO D 32 30.51 25.96 -26.66
CA PRO D 32 31.97 25.81 -26.70
C PRO D 32 32.68 26.74 -25.71
N ARG D 33 33.99 26.54 -25.59
CA ARG D 33 34.75 27.16 -24.50
C ARG D 33 34.72 28.69 -24.57
N ASN D 34 34.71 29.26 -25.77
CA ASN D 34 34.86 30.71 -25.90
C ASN D 34 33.56 31.43 -26.21
N TYR D 35 32.41 30.78 -26.06
CA TYR D 35 31.16 31.52 -26.00
C TYR D 35 31.11 32.26 -24.66
N THR D 36 30.92 33.57 -24.71
CA THR D 36 30.91 34.39 -23.50
C THR D 36 29.58 34.22 -22.77
N PHE D 37 29.67 33.75 -21.52
CA PHE D 37 28.53 33.64 -20.63
C PHE D 37 28.34 34.97 -19.91
N LYS D 38 27.23 35.63 -20.15
CA LYS D 38 26.94 36.90 -19.45
C LYS D 38 26.15 36.63 -18.18
N PHE D 39 26.51 37.34 -17.10
CA PHE D 39 25.84 37.19 -15.82
C PHE D 39 25.30 38.53 -15.37
N ARG D 40 24.12 38.52 -14.73
CA ARG D 40 23.47 39.76 -14.33
C ARG D 40 24.28 40.53 -13.28
N LYS D 41 24.93 39.83 -12.36
CA LYS D 41 25.55 40.48 -11.21
C LYS D 41 26.99 39.99 -10.98
N MET D 42 27.58 39.33 -11.96
CA MET D 42 28.98 38.92 -11.94
C MET D 42 29.61 39.30 -13.26
N PRO D 43 30.94 39.45 -13.29
CA PRO D 43 31.61 39.63 -14.58
C PRO D 43 31.43 38.40 -15.45
N SER D 44 31.43 38.62 -16.77
CA SER D 44 31.22 37.52 -17.71
C SER D 44 32.33 36.46 -17.65
N LEU D 45 31.97 35.23 -17.96
CA LEU D 45 32.93 34.15 -18.20
C LEU D 45 33.23 34.12 -19.69
N LYS D 46 34.36 34.71 -20.09
CA LYS D 46 34.62 34.79 -21.53
C LYS D 46 35.21 33.50 -22.08
N LYS D 47 35.81 32.69 -21.22
CA LYS D 47 36.27 31.35 -21.56
C LYS D 47 35.88 30.45 -20.39
N HIS D 48 35.56 29.20 -20.71
CA HIS D 48 35.01 28.27 -19.71
C HIS D 48 35.05 26.87 -20.32
N TYR D 49 34.80 25.87 -19.48
CA TYR D 49 34.68 24.51 -20.00
C TYR D 49 33.52 24.41 -21.00
N ALA D 50 33.71 23.60 -22.03
CA ALA D 50 32.61 23.34 -22.97
C ALA D 50 31.61 22.37 -22.36
N MET D 51 30.36 22.46 -22.80
CA MET D 51 29.30 21.65 -22.21
C MET D 51 28.22 21.36 -23.24
N ILE D 52 27.40 20.35 -22.94
CA ILE D 52 26.36 19.84 -23.84
C ILE D 52 25.14 19.44 -23.02
N GLY D 53 23.97 19.71 -23.56
CA GLY D 53 22.74 19.38 -22.86
C GLY D 53 21.55 19.85 -23.64
N ILE D 54 20.38 19.78 -23.01
CA ILE D 54 19.13 20.24 -23.61
C ILE D 54 18.81 21.62 -23.07
N SER D 55 18.48 22.54 -23.96
CA SER D 55 18.41 23.92 -23.55
C SER D 55 17.40 24.64 -24.43
N LEU D 56 16.85 25.72 -23.89
CA LEU D 56 16.20 26.73 -24.71
C LEU D 56 17.26 27.72 -25.18
N ASP D 57 17.08 28.23 -26.38
CA ASP D 57 17.94 29.27 -26.94
C ASP D 57 17.09 30.54 -27.01
N MET D 58 17.31 31.47 -26.08
CA MET D 58 16.54 32.70 -26.00
C MET D 58 17.48 33.89 -26.21
N ASP D 59 17.28 34.64 -27.29
CA ASP D 59 18.14 35.77 -27.61
C ASP D 59 19.61 35.38 -27.50
N ASP D 60 19.96 34.25 -28.14
CA ASP D 60 21.33 33.75 -28.25
C ASP D 60 21.93 33.35 -26.90
N TYR D 61 21.11 32.94 -25.93
CA TYR D 61 21.62 32.51 -24.62
C TYR D 61 21.08 31.11 -24.30
N PRO D 62 21.92 30.18 -23.84
CA PRO D 62 21.43 28.81 -23.61
C PRO D 62 20.86 28.60 -22.22
N LEU D 63 19.53 28.56 -22.12
CA LEU D 63 18.87 28.26 -20.85
C LEU D 63 18.80 26.75 -20.67
N TYR D 64 19.83 26.18 -20.03
CA TYR D 64 19.94 24.74 -19.92
C TYR D 64 18.92 24.17 -18.92
N PHE D 65 18.28 23.06 -19.30
CA PHE D 65 17.54 22.25 -18.31
C PHE D 65 18.49 21.35 -17.53
N ASP D 66 19.56 20.88 -18.18
CA ASP D 66 20.55 19.97 -17.63
C ASP D 66 21.71 19.96 -18.63
N ALA D 67 22.91 19.73 -18.13
CA ALA D 67 24.07 19.69 -19.02
C ALA D 67 25.21 18.94 -18.36
N THR D 68 26.20 18.58 -19.19
CA THR D 68 27.44 17.94 -18.81
C THR D 68 28.61 18.65 -19.48
N ASN D 69 29.70 18.90 -18.75
CA ASN D 69 30.84 19.57 -19.36
C ASN D 69 31.93 18.58 -19.74
N GLU D 70 32.96 19.11 -20.42
CA GLU D 70 34.03 18.31 -21.01
C GLU D 70 34.93 17.64 -19.99
N LYS D 71 34.79 17.98 -18.70
CA LYS D 71 35.56 17.33 -17.64
C LYS D 71 34.80 16.17 -16.99
N GLY D 72 33.60 15.85 -17.47
CA GLY D 72 32.81 14.79 -16.88
C GLY D 72 32.00 15.21 -15.66
N LEU D 73 31.67 16.48 -15.56
CA LEU D 73 30.81 16.98 -14.48
C LEU D 73 29.43 17.28 -15.07
N GLY D 74 28.40 16.79 -14.40
CA GLY D 74 27.04 16.94 -14.88
C GLY D 74 26.16 17.57 -13.83
N MET D 75 25.07 18.18 -14.30
CA MET D 75 24.20 18.97 -13.44
C MET D 75 22.81 19.08 -14.08
N ALA D 76 21.78 18.93 -13.27
CA ALA D 76 20.41 18.97 -13.78
C ALA D 76 19.52 19.73 -12.81
N GLY D 77 18.65 20.57 -13.38
CA GLY D 77 17.69 21.33 -12.60
C GLY D 77 16.30 20.73 -12.70
N LEU D 78 15.74 20.34 -11.55
CA LEU D 78 14.49 19.61 -11.49
C LEU D 78 13.48 20.41 -10.70
N ASN D 79 12.20 20.25 -11.05
CA ASN D 79 11.20 21.12 -10.45
C ASN D 79 11.11 20.85 -8.95
N TYR D 80 10.91 21.93 -8.20
CA TYR D 80 10.95 21.91 -6.74
C TYR D 80 9.84 22.85 -6.26
N PRO D 81 8.59 22.55 -6.63
CA PRO D 81 7.53 23.57 -6.59
C PRO D 81 7.18 23.97 -5.16
N GLY D 82 7.11 25.27 -4.93
CA GLY D 82 6.76 25.82 -3.64
C GLY D 82 7.89 25.84 -2.64
N ASN D 83 8.91 25.00 -2.84
CA ASN D 83 10.03 24.90 -1.92
C ASN D 83 11.17 25.84 -2.27
N ALA D 84 11.40 26.08 -3.57
CA ALA D 84 12.56 26.86 -3.98
C ALA D 84 12.44 28.29 -3.50
N THR D 85 13.49 28.79 -2.88
CA THR D 85 13.62 30.19 -2.52
C THR D 85 14.90 30.71 -3.15
N TYR D 86 14.79 31.84 -3.87
CA TYR D 86 15.94 32.57 -4.37
C TYR D 86 16.06 33.88 -3.59
N TYR D 87 17.27 34.26 -3.22
CA TYR D 87 17.48 35.20 -2.13
C TYR D 87 17.76 36.60 -2.64
N GLU D 88 17.74 37.56 -1.71
CA GLU D 88 18.25 38.89 -2.01
C GLU D 88 19.74 38.83 -2.30
N GLU D 89 20.22 39.83 -3.05
CA GLU D 89 21.66 39.96 -3.25
C GLU D 89 22.39 40.09 -1.92
N LYS D 90 23.51 39.39 -1.79
CA LYS D 90 24.37 39.49 -0.62
C LYS D 90 25.68 40.18 -1.01
N GLU D 91 26.08 41.17 -0.20
CA GLU D 91 27.27 41.97 -0.52
C GLU D 91 28.54 41.15 -0.55
N ASN D 92 28.56 39.96 0.08
CA ASN D 92 29.79 39.20 0.23
C ASN D 92 29.78 37.89 -0.56
N LYS D 93 28.95 37.78 -1.61
CA LYS D 93 28.79 36.52 -2.32
C LYS D 93 28.70 36.77 -3.82
N ASP D 94 29.02 35.73 -4.59
CA ASP D 94 28.70 35.72 -6.02
C ASP D 94 27.20 35.55 -6.17
N ASN D 95 26.50 36.61 -6.55
CA ASN D 95 25.05 36.54 -6.73
C ASN D 95 24.76 35.99 -8.11
N ILE D 96 24.18 34.79 -8.16
CA ILE D 96 23.98 34.02 -9.39
C ILE D 96 22.50 33.68 -9.50
N ALA D 97 21.91 33.95 -10.66
CA ALA D 97 20.49 33.65 -10.81
C ALA D 97 20.30 32.15 -11.02
N SER D 98 19.09 31.67 -10.72
CA SER D 98 18.81 30.25 -10.89
C SER D 98 19.07 29.81 -12.33
N PHE D 99 18.70 30.64 -13.30
CA PHE D 99 18.89 30.24 -14.69
C PHE D 99 20.36 30.37 -15.14
N GLU D 100 21.22 30.99 -14.33
CA GLU D 100 22.64 31.08 -14.60
C GLU D 100 23.45 30.02 -13.87
N PHE D 101 22.77 29.21 -13.02
CA PHE D 101 23.46 28.32 -12.09
C PHE D 101 24.26 27.26 -12.83
N ILE D 102 23.67 26.64 -13.85
CA ILE D 102 24.37 25.59 -14.60
C ILE D 102 25.59 26.16 -15.32
N PRO D 103 25.52 27.30 -16.02
CA PRO D 103 26.75 27.84 -16.62
C PRO D 103 27.80 28.24 -15.59
N TRP D 104 27.39 28.88 -14.48
CA TRP D 104 28.33 29.22 -13.42
C TRP D 104 29.13 28.01 -12.97
N ILE D 105 28.45 26.89 -12.70
CA ILE D 105 29.10 25.72 -12.11
C ILE D 105 29.85 24.91 -13.18
N LEU D 106 29.14 24.49 -14.23
CA LEU D 106 29.78 23.63 -15.23
C LEU D 106 30.89 24.35 -15.98
N GLY D 107 30.82 25.68 -16.07
CA GLY D 107 31.88 26.40 -16.77
C GLY D 107 33.19 26.49 -15.99
N GLN D 108 33.14 26.34 -14.67
CA GLN D 108 34.29 26.60 -13.81
C GLN D 108 34.78 25.39 -13.04
N CYS D 109 34.01 24.31 -12.95
CA CYS D 109 34.33 23.21 -12.05
C CYS D 109 34.48 21.91 -12.82
N SER D 110 35.41 21.07 -12.37
CA SER D 110 35.61 19.76 -12.96
C SER D 110 35.32 18.61 -12.01
N THR D 111 35.21 18.86 -10.71
CA THR D 111 34.97 17.79 -9.73
C THR D 111 33.94 18.26 -8.71
N ILE D 112 33.41 17.30 -7.95
CA ILE D 112 32.49 17.62 -6.86
C ILE D 112 33.18 18.51 -5.83
N SER D 113 34.45 18.24 -5.55
CA SER D 113 35.18 19.04 -4.57
C SER D 113 35.30 20.49 -5.02
N GLU D 114 35.50 20.72 -6.32
CA GLU D 114 35.51 22.09 -6.81
C GLU D 114 34.13 22.72 -6.74
N VAL D 115 33.08 21.93 -7.04
CA VAL D 115 31.71 22.43 -6.88
C VAL D 115 31.48 22.94 -5.47
N LYS D 116 31.84 22.11 -4.47
CA LYS D 116 31.64 22.51 -3.08
C LYS D 116 32.38 23.81 -2.76
N ASP D 117 33.63 23.92 -3.21
CA ASP D 117 34.37 25.17 -3.00
C ASP D 117 33.66 26.37 -3.62
N LEU D 118 33.22 26.24 -4.88
CA LEU D 118 32.53 27.36 -5.51
C LEU D 118 31.22 27.68 -4.81
N LEU D 119 30.48 26.65 -4.36
CA LEU D 119 29.21 26.91 -3.68
C LEU D 119 29.42 27.62 -2.35
N SER D 120 30.58 27.47 -1.72
CA SER D 120 30.85 28.18 -0.48
C SER D 120 30.90 29.70 -0.67
N ARG D 121 30.91 30.18 -1.91
CA ARG D 121 30.91 31.61 -2.19
C ARG D 121 29.67 32.11 -2.92
N ILE D 122 28.68 31.26 -3.17
CA ILE D 122 27.58 31.60 -4.06
C ILE D 122 26.38 32.10 -3.29
N ASN D 123 25.55 32.89 -3.96
CA ASN D 123 24.23 33.24 -3.47
C ASN D 123 23.27 33.11 -4.64
N ILE D 124 22.39 32.11 -4.60
CA ILE D 124 21.40 31.96 -5.67
C ILE D 124 20.34 33.04 -5.49
N ALA D 125 20.37 34.03 -6.39
CA ALA D 125 19.64 35.27 -6.20
C ALA D 125 18.35 35.30 -7.01
N ASP D 126 17.37 36.03 -6.49
CA ASP D 126 16.08 36.17 -7.14
C ASP D 126 16.18 37.08 -8.36
N LEU D 127 16.56 36.52 -9.51
CA LEU D 127 16.71 37.27 -10.75
C LEU D 127 16.03 36.50 -11.87
N ASN D 128 15.19 37.18 -12.64
CA ASN D 128 14.45 36.53 -13.72
C ASN D 128 15.09 36.84 -15.07
N PHE D 129 15.04 35.85 -15.96
CA PHE D 129 15.57 36.05 -17.30
C PHE D 129 14.89 37.25 -17.97
N SER D 130 13.57 37.32 -17.90
CA SER D 130 12.80 38.41 -18.50
C SER D 130 11.56 38.65 -17.63
N GLU D 131 10.77 39.65 -18.02
CA GLU D 131 9.44 39.78 -17.43
C GLU D 131 8.50 38.71 -17.96
N LYS D 132 8.73 38.24 -19.19
CA LYS D 132 7.93 37.15 -19.74
C LYS D 132 8.31 35.80 -19.13
N MET D 133 9.62 35.52 -19.00
CA MET D 133 10.09 34.23 -18.50
C MET D 133 10.54 34.38 -17.04
N GLN D 134 9.56 34.28 -16.13
CA GLN D 134 9.84 34.24 -14.70
C GLN D 134 10.58 32.96 -14.34
N ALA D 135 11.35 33.01 -13.25
CA ALA D 135 12.24 31.91 -12.93
C ALA D 135 11.47 30.69 -12.43
N SER D 136 11.85 29.51 -12.92
CA SER D 136 11.23 28.29 -12.42
C SER D 136 11.80 27.92 -11.05
N SER D 137 11.03 27.12 -10.32
CA SER D 137 11.41 26.66 -8.98
C SER D 137 12.10 25.32 -9.10
N LEU D 138 13.40 25.31 -8.82
CA LEU D 138 14.26 24.15 -9.10
C LEU D 138 15.09 23.79 -7.89
N HIS D 139 15.47 22.51 -7.83
CA HIS D 139 16.63 22.09 -7.06
C HIS D 139 17.52 21.27 -7.98
N TRP D 140 18.76 21.03 -7.57
CA TRP D 140 19.74 20.51 -8.52
C TRP D 140 20.40 19.24 -8.01
N LEU D 141 20.62 18.32 -8.95
CA LEU D 141 21.50 17.17 -8.74
C LEU D 141 22.77 17.39 -9.54
N ILE D 142 23.91 17.22 -8.88
CA ILE D 142 25.23 17.40 -9.49
C ILE D 142 26.01 16.12 -9.26
N ALA D 143 26.67 15.62 -10.32
CA ALA D 143 27.44 14.38 -10.25
C ALA D 143 28.66 14.48 -11.17
N ASP D 144 29.73 13.78 -10.79
CA ASP D 144 30.95 13.79 -11.61
C ASP D 144 31.33 12.35 -11.92
N LYS D 145 32.41 12.18 -12.70
CA LYS D 145 32.68 10.87 -13.30
C LYS D 145 33.35 9.89 -12.34
N THR D 146 33.57 10.27 -11.08
CA THR D 146 33.86 9.28 -10.05
C THR D 146 32.61 8.59 -9.53
N GLY D 147 31.43 8.96 -10.01
CA GLY D 147 30.18 8.41 -9.49
C GLY D 147 29.64 9.14 -8.28
N THR D 148 30.33 10.17 -7.79
CA THR D 148 29.87 10.91 -6.63
C THR D 148 28.84 11.96 -7.06
N SER D 149 27.84 12.17 -6.21
CA SER D 149 26.78 13.12 -6.53
C SER D 149 26.38 13.93 -5.29
N LEU D 150 25.82 15.11 -5.53
CA LEU D 150 25.32 15.91 -4.42
C LEU D 150 24.09 16.67 -4.89
N VAL D 151 23.36 17.18 -3.90
CA VAL D 151 22.08 17.83 -4.11
C VAL D 151 22.17 19.24 -3.56
N VAL D 152 21.60 20.20 -4.30
CA VAL D 152 21.53 21.59 -3.87
C VAL D 152 20.07 21.99 -3.79
N GLU D 153 19.65 22.44 -2.62
CA GLU D 153 18.31 22.94 -2.41
C GLU D 153 18.41 24.31 -1.75
N THR D 154 17.72 25.30 -2.33
CA THR D 154 17.70 26.64 -1.76
C THR D 154 16.36 26.78 -1.06
N ASP D 155 16.36 26.55 0.25
CA ASP D 155 15.13 26.58 1.05
C ASP D 155 14.93 27.96 1.68
N LYS D 156 13.79 28.13 2.35
CA LYS D 156 13.47 29.43 2.94
C LYS D 156 14.53 29.84 3.95
N ASP D 157 15.05 28.89 4.72
CA ASP D 157 16.08 29.19 5.71
C ASP D 157 17.51 29.09 5.14
N GLY D 158 17.65 29.09 3.82
CA GLY D 158 18.95 29.20 3.18
C GLY D 158 19.27 27.99 2.31
N MET D 159 20.47 28.03 1.74
CA MET D 159 20.92 26.97 0.84
C MET D 159 21.42 25.78 1.64
N HIS D 160 21.01 24.59 1.23
CA HIS D 160 21.50 23.36 1.82
C HIS D 160 22.12 22.48 0.74
N ILE D 161 23.24 21.85 1.11
CA ILE D 161 24.01 20.99 0.22
C ILE D 161 24.11 19.62 0.90
N TYR D 162 23.85 18.56 0.13
CA TYR D 162 23.80 17.21 0.67
C TYR D 162 24.60 16.28 -0.20
N ASP D 163 25.48 15.49 0.39
CA ASP D 163 25.99 14.32 -0.31
C ASP D 163 24.83 13.38 -0.60
N ASN D 164 24.85 12.77 -1.78
CA ASN D 164 23.77 11.90 -2.22
C ASN D 164 24.25 10.47 -2.28
N PRO D 165 23.93 9.63 -1.28
CA PRO D 165 24.43 8.23 -1.30
C PRO D 165 23.73 7.32 -2.31
N VAL D 166 22.58 7.69 -2.85
CA VAL D 166 21.88 6.83 -3.80
C VAL D 166 21.90 7.39 -5.21
N GLY D 167 22.45 8.58 -5.42
CA GLY D 167 22.65 9.11 -6.76
C GLY D 167 21.38 9.29 -7.57
N CYS D 168 20.26 9.63 -6.93
CA CYS D 168 18.98 9.85 -7.58
C CYS D 168 18.36 11.14 -7.05
N LEU D 169 17.51 11.77 -7.87
CA LEU D 169 16.71 12.88 -7.36
C LEU D 169 15.43 13.00 -8.18
N THR D 170 14.32 13.38 -7.52
CA THR D 170 13.08 13.69 -8.23
C THR D 170 12.65 15.10 -7.85
N ASN D 171 11.46 15.27 -7.26
CA ASN D 171 10.98 16.61 -6.95
C ASN D 171 10.85 16.78 -5.43
N ASN D 172 9.70 17.27 -4.96
CA ASN D 172 9.48 17.45 -3.53
C ASN D 172 9.36 16.10 -2.82
N PRO D 173 9.63 16.05 -1.50
CA PRO D 173 10.04 17.10 -0.57
C PRO D 173 11.55 17.29 -0.51
N GLN D 174 12.01 18.09 0.46
CA GLN D 174 13.42 18.33 0.66
CA GLN D 174 13.42 18.33 0.64
C GLN D 174 14.17 17.01 0.82
N PHE D 175 15.43 17.00 0.37
CA PHE D 175 16.18 15.74 0.26
C PHE D 175 16.24 14.92 1.55
N PRO D 176 16.41 15.49 2.75
CA PRO D 176 16.41 14.62 3.95
C PRO D 176 15.17 13.76 4.08
N LYS D 177 13.97 14.34 3.86
CA LYS D 177 12.75 13.54 3.94
C LYS D 177 12.65 12.53 2.81
N GLN D 178 13.08 12.95 1.61
CA GLN D 178 13.00 12.09 0.43
C GLN D 178 13.89 10.86 0.61
N LEU D 179 15.14 11.09 1.01
CA LEU D 179 16.08 10.01 1.25
C LEU D 179 15.59 9.09 2.36
N PHE D 180 15.09 9.65 3.47
CA PHE D 180 14.72 8.80 4.58
C PHE D 180 13.54 7.91 4.25
N ASN D 181 12.62 8.39 3.38
CA ASN D 181 11.46 7.58 2.99
C ASN D 181 11.86 6.24 2.37
N LEU D 182 13.07 6.15 1.80
CA LEU D 182 13.53 4.87 1.22
C LEU D 182 13.54 3.75 2.23
N ASN D 183 13.82 4.07 3.51
CA ASN D 183 13.90 3.05 4.55
C ASN D 183 12.62 2.23 4.65
N ASN D 184 11.49 2.80 4.25
CA ASN D 184 10.22 2.09 4.27
C ASN D 184 10.11 1.01 3.19
N TYR D 185 11.09 0.88 2.30
CA TYR D 185 10.97 -0.11 1.23
C TYR D 185 12.07 -1.16 1.30
N ALA D 186 12.65 -1.39 2.48
CA ALA D 186 13.69 -2.40 2.64
C ALA D 186 13.25 -3.77 2.13
N ASP D 187 11.94 -4.11 2.26
CA ASP D 187 11.53 -5.46 1.91
C ASP D 187 11.13 -5.65 0.45
N VAL D 188 11.03 -4.57 -0.34
CA VAL D 188 10.74 -4.72 -1.77
C VAL D 188 11.90 -5.48 -2.40
N SER D 189 11.58 -6.58 -3.08
CA SER D 189 12.61 -7.55 -3.47
C SER D 189 12.46 -7.98 -4.92
N PRO D 190 13.56 -8.24 -5.61
CA PRO D 190 13.46 -8.95 -6.89
C PRO D 190 13.12 -10.41 -6.74
N LYS D 191 13.25 -10.99 -5.55
CA LYS D 191 12.99 -12.42 -5.32
C LYS D 191 11.67 -12.66 -4.59
N MET D 192 11.18 -13.89 -4.72
CA MET D 192 9.90 -14.25 -4.11
C MET D 192 9.99 -14.11 -2.59
N PRO D 193 8.93 -13.65 -1.93
CA PRO D 193 8.97 -13.49 -0.47
C PRO D 193 8.91 -14.82 0.26
N LYS D 194 9.49 -14.84 1.45
CA LYS D 194 9.21 -15.94 2.36
C LYS D 194 7.84 -15.74 3.00
N ASN D 195 7.24 -16.82 3.44
CA ASN D 195 6.01 -16.71 4.21
C ASN D 195 6.41 -16.34 5.64
N ASN D 196 6.47 -15.03 5.92
CA ASN D 196 6.60 -14.55 7.30
C ASN D 196 5.26 -14.34 7.98
N PHE D 197 4.16 -14.40 7.25
CA PHE D 197 2.84 -14.10 7.80
C PHE D 197 2.49 -15.08 8.93
N SER D 198 2.55 -16.39 8.63
CA SER D 198 2.42 -17.49 9.59
C SER D 198 2.67 -18.82 8.90
N ASP D 199 3.47 -19.69 9.52
CA ASP D 199 3.69 -21.00 8.93
C ASP D 199 2.46 -21.90 9.03
N LYS D 200 1.43 -21.51 9.79
CA LYS D 200 0.17 -22.22 9.84
C LYS D 200 -0.79 -21.83 8.72
N VAL D 201 -0.39 -20.96 7.79
CA VAL D 201 -1.22 -20.55 6.66
C VAL D 201 -0.47 -20.86 5.37
N ASN D 202 -1.14 -21.47 4.40
CA ASN D 202 -0.48 -21.78 3.13
C ASN D 202 -0.50 -20.54 2.23
N MET D 203 0.67 -19.93 2.05
CA MET D 203 0.85 -18.81 1.14
C MET D 203 1.37 -19.35 -0.18
N ALA D 204 0.57 -19.23 -1.23
CA ALA D 204 0.97 -19.74 -2.54
C ALA D 204 1.70 -18.65 -3.33
N GLY D 205 2.88 -18.99 -3.83
CA GLY D 205 3.63 -18.07 -4.67
C GLY D 205 3.08 -18.10 -6.09
N TYR D 206 1.91 -17.48 -6.28
CA TYR D 206 1.12 -17.69 -7.48
C TYR D 206 1.60 -16.87 -8.67
N SER D 207 2.47 -15.90 -8.46
CA SER D 207 3.00 -15.09 -9.55
C SER D 207 4.48 -14.85 -9.32
N ARG D 208 5.29 -15.07 -10.35
CA ARG D 208 6.63 -14.49 -10.31
C ARG D 208 6.51 -12.98 -10.13
N GLY D 209 7.52 -12.39 -9.51
CA GLY D 209 7.53 -10.96 -9.26
C GLY D 209 6.87 -10.50 -7.97
N LEU D 210 6.27 -11.41 -7.19
CA LEU D 210 5.58 -10.99 -5.98
C LEU D 210 6.50 -10.27 -5.00
N GLY D 211 7.83 -10.45 -5.12
CA GLY D 211 8.75 -9.72 -4.27
C GLY D 211 8.61 -8.21 -4.35
N SER D 212 8.20 -7.69 -5.52
CA SER D 212 8.07 -6.25 -5.74
C SER D 212 6.62 -5.76 -5.65
N HIS D 213 5.72 -6.59 -5.10
CA HIS D 213 4.30 -6.23 -4.94
C HIS D 213 4.09 -4.86 -4.32
N ASN D 214 5.02 -4.37 -3.51
CA ASN D 214 4.85 -3.10 -2.83
C ASN D 214 5.73 -2.00 -3.42
N LEU D 215 6.31 -2.23 -4.59
CA LEU D 215 7.01 -1.18 -5.32
C LEU D 215 6.03 -0.11 -5.75
N PRO D 216 6.24 1.16 -5.39
CA PRO D 216 5.31 2.21 -5.79
C PRO D 216 5.29 2.36 -7.30
N GLY D 217 4.10 2.56 -7.85
CA GLY D 217 3.96 2.67 -9.29
C GLY D 217 3.49 4.04 -9.72
N GLY D 218 3.25 4.92 -8.74
CA GLY D 218 2.61 6.19 -8.98
C GLY D 218 3.47 7.17 -9.76
N MET D 219 2.80 8.22 -10.26
CA MET D 219 3.46 9.28 -11.02
C MET D 219 4.08 10.34 -10.12
N ASP D 220 3.88 10.27 -8.81
CA ASP D 220 4.30 11.34 -7.90
C ASP D 220 5.79 11.27 -7.61
N SER D 221 6.28 12.33 -6.95
CA SER D 221 7.72 12.51 -6.72
C SER D 221 8.30 11.38 -5.87
N GLU D 222 7.65 11.05 -4.75
CA GLU D 222 8.20 10.03 -3.87
C GLU D 222 8.15 8.65 -4.52
N SER D 223 7.04 8.33 -5.20
CA SER D 223 6.95 7.04 -5.90
C SER D 223 8.05 6.87 -6.92
N ARG D 224 8.35 7.94 -7.67
CA ARG D 224 9.37 7.79 -8.71
C ARG D 224 10.76 7.69 -8.09
N PHE D 225 11.01 8.39 -6.98
CA PHE D 225 12.31 8.27 -6.29
C PHE D 225 12.57 6.83 -5.88
N VAL D 226 11.58 6.20 -5.24
CA VAL D 226 11.74 4.82 -4.81
C VAL D 226 11.86 3.89 -6.01
N ARG D 227 11.00 4.10 -7.01
CA ARG D 227 11.01 3.20 -8.17
C ARG D 227 12.33 3.33 -8.94
N VAL D 228 12.86 4.55 -9.06
CA VAL D 228 14.09 4.69 -9.84
C VAL D 228 15.26 4.13 -9.07
N ALA D 229 15.25 4.26 -7.75
CA ALA D 229 16.32 3.68 -6.93
C ALA D 229 16.33 2.16 -7.04
N PHE D 230 15.14 1.54 -6.96
CA PHE D 230 15.03 0.08 -7.09
C PHE D 230 15.50 -0.39 -8.46
N ASN D 231 15.07 0.31 -9.51
CA ASN D 231 15.51 -0.05 -10.85
C ASN D 231 17.01 0.15 -11.02
N LYS D 232 17.57 1.20 -10.41
CA LYS D 232 18.96 1.53 -10.67
C LYS D 232 19.89 0.55 -10.00
N PHE D 233 19.61 0.21 -8.74
CA PHE D 233 20.50 -0.66 -7.99
C PHE D 233 20.29 -2.14 -8.28
N ASN D 234 19.24 -2.51 -9.01
CA ASN D 234 19.06 -3.90 -9.42
C ASN D 234 19.27 -4.12 -10.91
N ALA D 235 19.54 -3.06 -11.67
CA ALA D 235 19.82 -3.19 -13.08
C ALA D 235 21.13 -3.97 -13.29
N PRO D 236 21.24 -4.73 -14.38
CA PRO D 236 22.47 -5.49 -14.61
C PRO D 236 23.63 -4.60 -15.04
N ILE D 237 24.84 -5.11 -14.78
CA ILE D 237 26.10 -4.46 -15.10
C ILE D 237 26.73 -5.18 -16.29
N ALA D 238 27.16 -4.43 -17.30
CA ALA D 238 27.76 -4.99 -18.50
C ALA D 238 29.10 -4.31 -18.79
N GLU D 239 29.79 -4.81 -19.83
CA GLU D 239 31.10 -4.27 -20.21
C GLU D 239 31.05 -3.29 -21.36
N THR D 240 30.08 -3.40 -22.26
CA THR D 240 30.08 -2.57 -23.46
C THR D 240 29.27 -1.30 -23.23
N GLU D 241 29.59 -0.29 -24.05
CA GLU D 241 28.83 0.96 -24.07
C GLU D 241 27.40 0.72 -24.52
N GLU D 242 27.20 -0.07 -25.56
CA GLU D 242 25.87 -0.32 -26.08
C GLU D 242 24.97 -0.97 -25.04
N GLU D 243 25.49 -1.97 -24.32
CA GLU D 243 24.68 -2.62 -23.30
C GLU D 243 24.35 -1.66 -22.15
N ASN D 244 25.33 -0.89 -21.68
CA ASN D 244 25.10 -0.10 -20.49
C ASN D 244 24.17 1.08 -20.77
N ILE D 245 24.20 1.62 -21.99
CA ILE D 245 23.28 2.72 -22.31
C ILE D 245 21.86 2.19 -22.54
N ASP D 246 21.73 0.99 -23.11
CA ASP D 246 20.45 0.30 -23.16
C ASP D 246 19.86 0.15 -21.76
N THR D 247 20.65 -0.40 -20.83
CA THR D 247 20.21 -0.49 -19.43
C THR D 247 19.86 0.88 -18.86
N TYR D 248 20.69 1.89 -19.15
CA TYR D 248 20.45 3.23 -18.60
C TYR D 248 19.07 3.73 -18.95
N PHE D 249 18.66 3.58 -20.21
CA PHE D 249 17.34 4.08 -20.61
C PHE D 249 16.20 3.23 -20.08
N HIS D 250 16.42 1.95 -19.81
CA HIS D 250 15.38 1.20 -19.10
C HIS D 250 15.16 1.73 -17.70
N ILE D 251 16.22 2.22 -17.04
CA ILE D 251 16.08 2.79 -15.70
C ILE D 251 15.19 4.03 -15.75
N LEU D 252 15.52 4.99 -16.63
CA LEU D 252 14.73 6.20 -16.70
C LEU D 252 13.32 5.91 -17.24
N HIS D 253 13.20 5.00 -18.20
CA HIS D 253 11.86 4.75 -18.74
C HIS D 253 10.98 4.07 -17.71
N SER D 254 11.56 3.37 -16.72
CA SER D 254 10.78 2.78 -15.65
C SER D 254 10.02 3.80 -14.81
N VAL D 255 10.44 5.08 -14.83
CA VAL D 255 9.75 6.10 -14.06
C VAL D 255 9.24 7.18 -15.00
N GLU D 256 9.02 6.80 -16.26
CA GLU D 256 8.36 7.69 -17.19
C GLU D 256 6.95 8.03 -16.70
N GLN D 257 6.54 9.28 -16.92
CA GLN D 257 5.16 9.71 -16.67
C GLN D 257 4.38 9.61 -17.98
N GLN D 258 3.51 8.61 -18.07
CA GLN D 258 2.70 8.42 -19.27
C GLN D 258 1.63 9.50 -19.37
N LYS D 259 1.40 9.99 -20.60
CA LYS D 259 0.36 10.99 -20.84
C LYS D 259 -0.98 10.50 -20.34
N GLY D 260 -1.72 11.40 -19.69
CA GLY D 260 -3.03 11.12 -19.15
C GLY D 260 -3.03 10.68 -17.70
N LEU D 261 -1.87 10.34 -17.13
CA LEU D 261 -1.83 9.73 -15.81
C LEU D 261 -1.52 10.72 -14.70
N ASP D 262 -0.92 11.86 -15.05
CA ASP D 262 -0.65 12.95 -14.14
C ASP D 262 -1.36 14.18 -14.70
N GLU D 263 -2.63 14.36 -14.33
CA GLU D 263 -3.43 15.44 -14.88
C GLU D 263 -3.26 16.69 -14.02
N VAL D 264 -2.88 17.79 -14.65
CA VAL D 264 -2.64 19.04 -13.91
C VAL D 264 -3.67 20.10 -14.24
N GLY D 265 -4.57 19.84 -15.17
CA GLY D 265 -5.59 20.78 -15.59
C GLY D 265 -6.38 20.20 -16.72
N PRO D 266 -7.38 20.95 -17.23
CA PRO D 266 -8.20 20.44 -18.34
C PRO D 266 -7.36 20.07 -19.55
N ASN D 267 -7.30 18.76 -19.86
CA ASN D 267 -6.55 18.25 -21.00
C ASN D 267 -5.07 18.63 -20.93
N SER D 268 -4.55 18.76 -19.71
CA SER D 268 -3.19 19.18 -19.47
C SER D 268 -2.51 18.13 -18.57
N PHE D 269 -1.45 17.53 -19.08
CA PHE D 269 -0.87 16.32 -18.50
C PHE D 269 0.63 16.50 -18.39
N GLU D 270 1.16 16.41 -17.16
CA GLU D 270 2.60 16.32 -16.99
C GLU D 270 3.08 14.97 -17.52
N TYR D 271 4.05 14.98 -18.42
CA TYR D 271 4.56 13.74 -18.99
C TYR D 271 6.04 13.91 -19.27
N THR D 272 6.73 12.78 -19.54
CA THR D 272 8.17 12.80 -19.75
C THR D 272 8.43 13.27 -21.18
N ILE D 273 8.74 14.56 -21.32
CA ILE D 273 9.10 15.10 -22.64
C ILE D 273 10.26 14.32 -23.23
N TYR D 274 11.32 14.12 -22.45
CA TYR D 274 12.50 13.43 -22.97
C TYR D 274 13.25 12.76 -21.84
N SER D 275 14.15 11.86 -22.23
CA SER D 275 15.11 11.21 -21.36
C SER D 275 16.49 11.37 -21.95
N ASP D 276 17.45 11.91 -21.19
CA ASP D 276 18.81 11.97 -21.69
C ASP D 276 19.80 11.32 -20.73
N GLY D 277 20.97 11.00 -21.26
CA GLY D 277 22.07 10.50 -20.48
C GLY D 277 23.37 10.83 -21.18
N THR D 278 24.37 11.27 -20.43
CA THR D 278 25.71 11.53 -20.98
C THR D 278 26.71 10.57 -20.36
N ASN D 279 27.53 9.95 -21.20
CA ASN D 279 28.71 9.24 -20.74
C ASN D 279 29.71 10.29 -20.26
N LEU D 280 29.84 10.43 -18.93
CA LEU D 280 30.72 11.45 -18.37
C LEU D 280 32.18 11.17 -18.70
N ASP D 281 32.52 9.91 -18.93
CA ASP D 281 33.89 9.53 -19.24
C ASP D 281 34.27 9.83 -20.68
N LYS D 282 33.30 9.97 -21.56
CA LYS D 282 33.59 10.07 -22.99
C LYS D 282 32.95 11.27 -23.65
N GLY D 283 32.12 12.02 -22.95
CA GLY D 283 31.50 13.19 -23.53
C GLY D 283 30.47 12.90 -24.61
N ILE D 284 29.82 11.73 -24.55
CA ILE D 284 28.81 11.35 -25.53
C ILE D 284 27.42 11.56 -24.95
N PHE D 285 26.59 12.32 -25.66
CA PHE D 285 25.25 12.68 -25.22
C PHE D 285 24.23 11.78 -25.90
N TYR D 286 23.35 11.15 -25.10
CA TYR D 286 22.29 10.30 -25.64
C TYR D 286 20.93 10.82 -25.19
N TYR D 287 19.92 10.67 -26.05
CA TYR D 287 18.56 10.98 -25.61
C TYR D 287 17.52 10.17 -26.39
N THR D 288 16.40 9.91 -25.71
CA THR D 288 15.13 9.52 -26.31
C THR D 288 14.09 10.60 -26.02
N THR D 289 12.99 10.59 -26.77
CA THR D 289 11.85 11.44 -26.44
C THR D 289 10.60 10.59 -26.23
N TYR D 290 9.53 11.24 -25.76
CA TYR D 290 8.30 10.52 -25.45
C TYR D 290 7.85 9.70 -26.65
N SER D 291 7.80 10.32 -27.83
CA SER D 291 7.29 9.64 -29.00
C SER D 291 8.37 8.99 -29.83
N ASN D 292 9.65 9.14 -29.50
CA ASN D 292 10.71 8.55 -30.32
C ASN D 292 11.76 7.95 -29.39
N LYS D 293 11.73 6.64 -29.23
CA LYS D 293 12.60 5.95 -28.29
C LYS D 293 13.73 5.21 -28.98
N GLN D 294 13.98 5.51 -30.25
CA GLN D 294 15.29 5.26 -30.80
C GLN D 294 16.30 6.18 -30.11
N ILE D 295 17.45 5.64 -29.73
CA ILE D 295 18.48 6.41 -29.04
C ILE D 295 19.20 7.29 -30.05
N ASN D 296 19.22 8.60 -29.81
CA ASN D 296 19.93 9.58 -30.63
C ASN D 296 21.23 10.00 -29.94
N VAL D 297 22.28 10.17 -30.74
CA VAL D 297 23.64 10.34 -30.24
C VAL D 297 24.21 11.65 -30.79
N VAL D 298 24.70 12.50 -29.89
CA VAL D 298 25.47 13.69 -30.25
C VAL D 298 26.79 13.61 -29.49
N ASP D 299 27.89 13.57 -30.24
CA ASP D 299 29.23 13.46 -29.67
C ASP D 299 29.80 14.86 -29.55
N MET D 300 29.98 15.34 -28.31
CA MET D 300 30.49 16.69 -28.12
C MET D 300 31.91 16.85 -28.66
N ASN D 301 32.71 15.78 -28.62
CA ASN D 301 34.10 15.85 -29.05
C ASN D 301 34.26 15.99 -30.56
N LYS D 302 33.22 15.75 -31.35
CA LYS D 302 33.30 15.96 -32.79
C LYS D 302 32.99 17.39 -33.19
N GLU D 303 32.88 18.30 -32.23
CA GLU D 303 32.68 19.72 -32.51
C GLU D 303 33.96 20.48 -32.20
N ASP D 304 34.03 21.69 -32.73
CA ASP D 304 35.17 22.58 -32.46
C ASP D 304 34.91 23.27 -31.14
N LEU D 305 35.44 22.72 -30.06
CA LEU D 305 35.14 23.22 -28.73
C LEU D 305 35.85 24.52 -28.40
N ASP D 306 36.72 25.00 -29.29
CA ASP D 306 37.39 26.28 -29.11
C ASP D 306 36.64 27.42 -29.75
N SER D 307 35.55 27.13 -30.46
CA SER D 307 34.75 28.15 -31.11
C SER D 307 34.01 28.97 -30.05
N SER D 308 33.22 29.94 -30.52
CA SER D 308 32.65 30.96 -29.66
C SER D 308 31.17 31.16 -29.89
N ASN D 309 30.50 30.27 -30.60
CA ASN D 309 29.07 30.40 -30.82
C ASN D 309 28.38 29.09 -30.51
N LEU D 310 27.10 29.19 -30.16
CA LEU D 310 26.34 28.00 -29.81
C LEU D 310 26.25 27.03 -31.00
N ILE D 311 26.32 25.75 -30.70
CA ILE D 311 26.13 24.69 -31.69
C ILE D 311 24.85 23.94 -31.30
N THR D 312 23.88 23.91 -32.21
CA THR D 312 22.54 23.41 -31.89
C THR D 312 22.15 22.27 -32.82
N TYR D 313 21.47 21.27 -32.23
CA TYR D 313 20.83 20.19 -32.97
C TYR D 313 19.37 20.08 -32.53
N ASP D 314 18.50 19.79 -33.49
CA ASP D 314 17.09 19.58 -33.16
C ASP D 314 16.92 18.28 -32.37
N MET D 315 16.00 18.31 -31.39
CA MET D 315 15.58 17.07 -30.74
C MET D 315 14.62 16.36 -31.66
N LEU D 316 14.99 15.15 -32.07
CA LEU D 316 14.19 14.34 -32.99
C LEU D 316 13.04 13.72 -32.21
N ASP D 317 11.92 14.44 -32.15
CA ASP D 317 10.84 14.13 -31.23
C ASP D 317 9.59 13.60 -31.93
N LYS D 318 9.72 13.14 -33.18
CA LYS D 318 8.62 12.56 -33.94
C LYS D 318 8.79 11.06 -34.03
N THR D 319 7.68 10.33 -33.97
CA THR D 319 7.72 8.88 -34.09
C THR D 319 8.35 8.48 -35.41
N LYS D 320 9.40 7.67 -35.36
CA LYS D 320 10.10 7.19 -36.55
C LYS D 320 9.95 5.68 -36.60
N PHE D 321 9.22 5.19 -37.61
CA PHE D 321 8.94 3.77 -37.76
C PHE D 321 9.96 3.12 -38.69
N ASN D 322 10.31 1.86 -38.39
CA ASN D 322 11.11 1.05 -39.30
C ASN D 322 10.18 0.06 -40.00
N HIS D 323 9.87 0.33 -41.27
CA HIS D 323 8.96 -0.49 -42.05
C HIS D 323 9.74 -1.64 -42.67
N GLN D 324 9.42 -2.87 -42.25
CA GLN D 324 10.16 -4.04 -42.72
C GLN D 324 9.72 -4.52 -44.11
N ASN D 325 8.69 -3.89 -44.71
CA ASN D 325 8.48 -3.96 -46.16
C ASN D 325 8.47 -2.55 -46.77
#